data_2O6N
# 
_entry.id   2O6N 
# 
_audit_conform.dict_name       mmcif_pdbx.dic 
_audit_conform.dict_version    5.383 
_audit_conform.dict_location   http://mmcif.pdb.org/dictionaries/ascii/mmcif_pdbx.dic 
# 
loop_
_database_2.database_id 
_database_2.database_code 
_database_2.pdbx_database_accession 
_database_2.pdbx_DOI 
PDB   2O6N         pdb_00002o6n 10.2210/pdb2o6n/pdb 
RCSB  RCSB040753   ?            ?                   
WWPDB D_1000040753 ?            ?                   
# 
loop_
_pdbx_audit_revision_history.ordinal 
_pdbx_audit_revision_history.data_content_type 
_pdbx_audit_revision_history.major_revision 
_pdbx_audit_revision_history.minor_revision 
_pdbx_audit_revision_history.revision_date 
1 'Structure model' 1 0 2007-10-23 
2 'Structure model' 1 1 2011-07-13 
3 'Structure model' 1 2 2023-12-27 
# 
_pdbx_audit_revision_details.ordinal             1 
_pdbx_audit_revision_details.revision_ordinal    1 
_pdbx_audit_revision_details.data_content_type   'Structure model' 
_pdbx_audit_revision_details.provider            repository 
_pdbx_audit_revision_details.type                'Initial release' 
_pdbx_audit_revision_details.description         ? 
_pdbx_audit_revision_details.details             ? 
# 
loop_
_pdbx_audit_revision_group.ordinal 
_pdbx_audit_revision_group.revision_ordinal 
_pdbx_audit_revision_group.data_content_type 
_pdbx_audit_revision_group.group 
1 2 'Structure model' 'Derived calculations'      
2 2 'Structure model' 'Version format compliance' 
3 3 'Structure model' 'Data collection'           
4 3 'Structure model' 'Database references'       
5 3 'Structure model' 'Derived calculations'      
# 
loop_
_pdbx_audit_revision_category.ordinal 
_pdbx_audit_revision_category.revision_ordinal 
_pdbx_audit_revision_category.data_content_type 
_pdbx_audit_revision_category.category 
1 3 'Structure model' chem_comp_atom 
2 3 'Structure model' chem_comp_bond 
3 3 'Structure model' database_2     
4 3 'Structure model' struct_conn    
5 3 'Structure model' struct_site    
# 
loop_
_pdbx_audit_revision_item.ordinal 
_pdbx_audit_revision_item.revision_ordinal 
_pdbx_audit_revision_item.data_content_type 
_pdbx_audit_revision_item.item 
1  3 'Structure model' '_database_2.pdbx_DOI'                 
2  3 'Structure model' '_database_2.pdbx_database_accession'  
3  3 'Structure model' '_struct_conn.pdbx_dist_value'         
4  3 'Structure model' '_struct_conn.pdbx_leaving_atom_flag'  
5  3 'Structure model' '_struct_conn.pdbx_ptnr2_label_alt_id' 
6  3 'Structure model' '_struct_conn.ptnr1_auth_comp_id'      
7  3 'Structure model' '_struct_conn.ptnr1_auth_seq_id'       
8  3 'Structure model' '_struct_conn.ptnr1_label_comp_id'     
9  3 'Structure model' '_struct_conn.ptnr1_label_seq_id'      
10 3 'Structure model' '_struct_conn.ptnr2_auth_comp_id'      
11 3 'Structure model' '_struct_conn.ptnr2_auth_seq_id'       
12 3 'Structure model' '_struct_conn.ptnr2_label_comp_id'     
13 3 'Structure model' '_struct_conn.ptnr2_label_seq_id'      
14 3 'Structure model' '_struct_site.pdbx_auth_asym_id'       
15 3 'Structure model' '_struct_site.pdbx_auth_comp_id'       
16 3 'Structure model' '_struct_site.pdbx_auth_seq_id'        
# 
_pdbx_database_status.status_code                     REL 
_pdbx_database_status.entry_id                        2O6N 
_pdbx_database_status.recvd_initial_deposition_date   2006-12-07 
_pdbx_database_status.deposit_site                    RCSB 
_pdbx_database_status.process_site                    RCSB 
_pdbx_database_status.status_code_sf                  REL 
_pdbx_database_status.status_code_mr                  ? 
_pdbx_database_status.SG_entry                        ? 
_pdbx_database_status.status_code_cs                  ? 
_pdbx_database_status.pdb_format_compatible           Y 
_pdbx_database_status.status_code_nmr_data            ? 
_pdbx_database_status.methods_development_category    ? 
# 
loop_
_pdbx_database_related.db_name 
_pdbx_database_related.db_id 
_pdbx_database_related.details 
_pdbx_database_related.content_type 
PDB 1RH4 'RH4 DESIGNED RIGHT-HANDED COILED COIL TETRAMER' unspecified 
PDB 1TGG 'RH3 DESIGNED RIGHT-HANDED COILED COIL TRIMER'   unspecified 
# 
loop_
_audit_author.name 
_audit_author.pdbx_ordinal 
'Sales, M.' 1 
'Alber, T.' 2 
# 
_citation.id                        primary 
_citation.title                     
'Structure of a designed, right-handed coiled-coil tetramer containing all biological amino acids.' 
_citation.journal_abbrev            'Protein Sci.' 
_citation.journal_volume            16 
_citation.page_first                2224 
_citation.page_last                 2232 
_citation.year                      2007 
_citation.journal_id_ASTM           PRCIEI 
_citation.country                   US 
_citation.journal_id_ISSN           0961-8368 
_citation.journal_id_CSD            0795 
_citation.book_publisher            ? 
_citation.pdbx_database_id_PubMed   17766380 
_citation.pdbx_database_id_DOI      10.1110/ps.062702907 
# 
loop_
_citation_author.citation_id 
_citation_author.name 
_citation_author.ordinal 
_citation_author.identifier_ORCID 
primary 'Sales, M.'    1 ? 
primary 'Plecs, J.J.'  2 ? 
primary 'Holton, J.M.' 3 ? 
primary 'Alber, T.'    4 ? 
# 
loop_
_entity.id 
_entity.type 
_entity.src_method 
_entity.pdbx_description 
_entity.formula_weight 
_entity.pdbx_number_of_molecules 
_entity.pdbx_ec 
_entity.pdbx_mutation 
_entity.pdbx_fragment 
_entity.details 
1 polymer     syn 'RH4B designed peptide' 3947.590 1   ? ? ? ? 
2 non-polymer syn 'YTTERBIUM (II) ION'    173.040  1   ? ? ? ? 
3 water       nat water                   18.015   119 ? ? ? ? 
# 
_entity_poly.entity_id                      1 
_entity_poly.type                           'polypeptide(L)' 
_entity_poly.nstd_linkage                   no 
_entity_poly.nstd_monomer                   yes 
_entity_poly.pdbx_seq_one_letter_code       '(ACE)AEIEQAKKEIAYLIKKAK(CGU)EIL(CGU)EIKKAKQEIA(NH2)' 
_entity_poly.pdbx_seq_one_letter_code_can   XAEIEQAKKEIAYLIKKAKEEILEEIKKAKQEIAX 
_entity_poly.pdbx_strand_id                 A 
_entity_poly.pdbx_target_identifier         ? 
# 
loop_
_pdbx_entity_nonpoly.entity_id 
_pdbx_entity_nonpoly.name 
_pdbx_entity_nonpoly.comp_id 
2 'YTTERBIUM (II) ION' YB2 
3 water                HOH 
# 
loop_
_entity_poly_seq.entity_id 
_entity_poly_seq.num 
_entity_poly_seq.mon_id 
_entity_poly_seq.hetero 
1 1  ACE n 
1 2  ALA n 
1 3  GLU n 
1 4  ILE n 
1 5  GLU n 
1 6  GLN n 
1 7  ALA n 
1 8  LYS n 
1 9  LYS n 
1 10 GLU n 
1 11 ILE n 
1 12 ALA n 
1 13 TYR n 
1 14 LEU n 
1 15 ILE n 
1 16 LYS n 
1 17 LYS n 
1 18 ALA n 
1 19 LYS n 
1 20 CGU n 
1 21 GLU n 
1 22 ILE n 
1 23 LEU n 
1 24 CGU n 
1 25 GLU n 
1 26 ILE n 
1 27 LYS n 
1 28 LYS n 
1 29 ALA n 
1 30 LYS n 
1 31 GLN n 
1 32 GLU n 
1 33 ILE n 
1 34 ALA n 
1 35 NH2 n 
# 
_pdbx_entity_src_syn.entity_id              1 
_pdbx_entity_src_syn.pdbx_src_id            1 
_pdbx_entity_src_syn.pdbx_alt_source_flag   sample 
_pdbx_entity_src_syn.pdbx_beg_seq_num       ? 
_pdbx_entity_src_syn.pdbx_end_seq_num       ? 
_pdbx_entity_src_syn.organism_scientific    ? 
_pdbx_entity_src_syn.organism_common_name   ? 
_pdbx_entity_src_syn.ncbi_taxonomy_id       ? 
_pdbx_entity_src_syn.details                'chemical peptide synthesis' 
# 
loop_
_chem_comp.id 
_chem_comp.type 
_chem_comp.mon_nstd_flag 
_chem_comp.name 
_chem_comp.pdbx_synonyms 
_chem_comp.formula 
_chem_comp.formula_weight 
ACE non-polymer         . 'ACETYL GROUP'                ? 'C2 H4 O'        44.053  
ALA 'L-peptide linking' y ALANINE                       ? 'C3 H7 N O2'     89.093  
CGU 'L-peptide linking' n 'GAMMA-CARBOXY-GLUTAMIC ACID' ? 'C6 H9 N O6'     191.139 
GLN 'L-peptide linking' y GLUTAMINE                     ? 'C5 H10 N2 O3'   146.144 
GLU 'L-peptide linking' y 'GLUTAMIC ACID'               ? 'C5 H9 N O4'     147.129 
HOH non-polymer         . WATER                         ? 'H2 O'           18.015  
ILE 'L-peptide linking' y ISOLEUCINE                    ? 'C6 H13 N O2'    131.173 
LEU 'L-peptide linking' y LEUCINE                       ? 'C6 H13 N O2'    131.173 
LYS 'L-peptide linking' y LYSINE                        ? 'C6 H15 N2 O2 1' 147.195 
NH2 non-polymer         . 'AMINO GROUP'                 ? 'H2 N'           16.023  
TYR 'L-peptide linking' y TYROSINE                      ? 'C9 H11 N O3'    181.189 
YB2 non-polymer         . 'YTTERBIUM (II) ION'          ? 'Yb 2'           173.040 
# 
loop_
_pdbx_poly_seq_scheme.asym_id 
_pdbx_poly_seq_scheme.entity_id 
_pdbx_poly_seq_scheme.seq_id 
_pdbx_poly_seq_scheme.mon_id 
_pdbx_poly_seq_scheme.ndb_seq_num 
_pdbx_poly_seq_scheme.pdb_seq_num 
_pdbx_poly_seq_scheme.auth_seq_num 
_pdbx_poly_seq_scheme.pdb_mon_id 
_pdbx_poly_seq_scheme.auth_mon_id 
_pdbx_poly_seq_scheme.pdb_strand_id 
_pdbx_poly_seq_scheme.pdb_ins_code 
_pdbx_poly_seq_scheme.hetero 
A 1 1  ACE 1  0  0  ACE ACE A . n 
A 1 2  ALA 2  1  1  ALA ALA A . n 
A 1 3  GLU 3  2  2  GLU GLU A . n 
A 1 4  ILE 4  3  3  ILE ILE A . n 
A 1 5  GLU 5  4  4  GLU GLU A . n 
A 1 6  GLN 6  5  5  GLN GLN A . n 
A 1 7  ALA 7  6  6  ALA ALA A . n 
A 1 8  LYS 8  7  7  LYS LYS A . n 
A 1 9  LYS 9  8  8  LYS LYS A . n 
A 1 10 GLU 10 9  9  GLU GLU A . n 
A 1 11 ILE 11 10 10 ILE ILE A . n 
A 1 12 ALA 12 11 11 ALA ALA A . n 
A 1 13 TYR 13 12 12 TYR TYR A . n 
A 1 14 LEU 14 13 13 LEU LEU A . n 
A 1 15 ILE 15 14 14 ILE ILE A . n 
A 1 16 LYS 16 15 15 LYS LYS A . n 
A 1 17 LYS 17 16 16 LYS LYS A . n 
A 1 18 ALA 18 17 17 ALA ALA A . n 
A 1 19 LYS 19 18 18 LYS LYS A . n 
A 1 20 CGU 20 19 19 CGU CGU A . n 
A 1 21 GLU 21 20 20 GLU GLU A . n 
A 1 22 ILE 22 21 21 ILE ILE A . n 
A 1 23 LEU 23 22 22 LEU LEU A . n 
A 1 24 CGU 24 23 23 CGU CGU A . n 
A 1 25 GLU 25 24 24 GLU GLU A . n 
A 1 26 ILE 26 25 25 ILE ILE A . n 
A 1 27 LYS 27 26 26 LYS LYS A . n 
A 1 28 LYS 28 27 27 LYS LYS A . n 
A 1 29 ALA 29 28 28 ALA ALA A . n 
A 1 30 LYS 30 29 29 LYS LYS A . n 
A 1 31 GLN 31 30 30 GLN GLN A . n 
A 1 32 GLU 32 31 31 GLU GLU A . n 
A 1 33 ILE 33 32 32 ILE ILE A . n 
A 1 34 ALA 34 33 33 ALA ALA A . n 
A 1 35 NH2 35 34 34 NH2 NH2 A . n 
# 
loop_
_pdbx_nonpoly_scheme.asym_id 
_pdbx_nonpoly_scheme.entity_id 
_pdbx_nonpoly_scheme.mon_id 
_pdbx_nonpoly_scheme.ndb_seq_num 
_pdbx_nonpoly_scheme.pdb_seq_num 
_pdbx_nonpoly_scheme.auth_seq_num 
_pdbx_nonpoly_scheme.pdb_mon_id 
_pdbx_nonpoly_scheme.auth_mon_id 
_pdbx_nonpoly_scheme.pdb_strand_id 
_pdbx_nonpoly_scheme.pdb_ins_code 
B 2 YB2 1   201 201 YB2 YB2 A . 
C 3 HOH 1   202 1   HOH HOH A . 
C 3 HOH 2   203 2   HOH HOH A . 
C 3 HOH 3   204 3   HOH HOH A . 
C 3 HOH 4   205 4   HOH HOH A . 
C 3 HOH 5   206 5   HOH HOH A . 
C 3 HOH 6   207 6   HOH HOH A . 
C 3 HOH 7   208 7   HOH HOH A . 
C 3 HOH 8   209 8   HOH HOH A . 
C 3 HOH 9   210 9   HOH HOH A . 
C 3 HOH 10  211 10  HOH HOH A . 
C 3 HOH 11  212 11  HOH HOH A . 
C 3 HOH 12  213 12  HOH HOH A . 
C 3 HOH 13  214 13  HOH HOH A . 
C 3 HOH 14  215 14  HOH HOH A . 
C 3 HOH 15  216 15  HOH HOH A . 
C 3 HOH 16  217 16  HOH HOH A . 
C 3 HOH 17  218 17  HOH HOH A . 
C 3 HOH 18  219 18  HOH HOH A . 
C 3 HOH 19  220 19  HOH HOH A . 
C 3 HOH 20  221 20  HOH HOH A . 
C 3 HOH 21  222 21  HOH HOH A . 
C 3 HOH 22  223 22  HOH HOH A . 
C 3 HOH 23  224 23  HOH HOH A . 
C 3 HOH 24  225 24  HOH HOH A . 
C 3 HOH 25  226 25  HOH HOH A . 
C 3 HOH 26  227 26  HOH HOH A . 
C 3 HOH 27  228 27  HOH HOH A . 
C 3 HOH 28  229 28  HOH HOH A . 
C 3 HOH 29  230 29  HOH HOH A . 
C 3 HOH 30  231 30  HOH HOH A . 
C 3 HOH 31  232 31  HOH HOH A . 
C 3 HOH 32  233 32  HOH HOH A . 
C 3 HOH 33  234 33  HOH HOH A . 
C 3 HOH 34  235 34  HOH HOH A . 
C 3 HOH 35  236 35  HOH HOH A . 
C 3 HOH 36  237 36  HOH HOH A . 
C 3 HOH 37  238 37  HOH HOH A . 
C 3 HOH 38  239 38  HOH HOH A . 
C 3 HOH 39  240 39  HOH HOH A . 
C 3 HOH 40  241 40  HOH HOH A . 
C 3 HOH 41  242 41  HOH HOH A . 
C 3 HOH 42  243 42  HOH HOH A . 
C 3 HOH 43  244 43  HOH HOH A . 
C 3 HOH 44  245 44  HOH HOH A . 
C 3 HOH 45  246 45  HOH HOH A . 
C 3 HOH 46  247 46  HOH HOH A . 
C 3 HOH 47  248 47  HOH HOH A . 
C 3 HOH 48  249 48  HOH HOH A . 
C 3 HOH 49  250 49  HOH HOH A . 
C 3 HOH 50  251 50  HOH HOH A . 
C 3 HOH 51  252 51  HOH HOH A . 
C 3 HOH 52  253 52  HOH HOH A . 
C 3 HOH 53  254 53  HOH HOH A . 
C 3 HOH 54  255 54  HOH HOH A . 
C 3 HOH 55  256 55  HOH HOH A . 
C 3 HOH 56  257 56  HOH HOH A . 
C 3 HOH 57  258 57  HOH HOH A . 
C 3 HOH 58  259 58  HOH HOH A . 
C 3 HOH 59  260 59  HOH HOH A . 
C 3 HOH 60  261 60  HOH HOH A . 
C 3 HOH 61  262 61  HOH HOH A . 
C 3 HOH 62  263 62  HOH HOH A . 
C 3 HOH 63  264 63  HOH HOH A . 
C 3 HOH 64  265 64  HOH HOH A . 
C 3 HOH 65  266 65  HOH HOH A . 
C 3 HOH 66  267 66  HOH HOH A . 
C 3 HOH 67  268 67  HOH HOH A . 
C 3 HOH 68  269 68  HOH HOH A . 
C 3 HOH 69  270 69  HOH HOH A . 
C 3 HOH 70  271 70  HOH HOH A . 
C 3 HOH 71  272 71  HOH HOH A . 
C 3 HOH 72  273 72  HOH HOH A . 
C 3 HOH 73  274 73  HOH HOH A . 
C 3 HOH 74  275 74  HOH HOH A . 
C 3 HOH 75  276 75  HOH HOH A . 
C 3 HOH 76  277 76  HOH HOH A . 
C 3 HOH 77  278 77  HOH HOH A . 
C 3 HOH 78  279 78  HOH HOH A . 
C 3 HOH 79  280 79  HOH HOH A . 
C 3 HOH 80  281 80  HOH HOH A . 
C 3 HOH 81  282 81  HOH HOH A . 
C 3 HOH 82  283 82  HOH HOH A . 
C 3 HOH 83  284 83  HOH HOH A . 
C 3 HOH 84  285 84  HOH HOH A . 
C 3 HOH 85  286 85  HOH HOH A . 
C 3 HOH 86  287 86  HOH HOH A . 
C 3 HOH 87  288 87  HOH HOH A . 
C 3 HOH 88  289 88  HOH HOH A . 
C 3 HOH 89  290 89  HOH HOH A . 
C 3 HOH 90  291 90  HOH HOH A . 
C 3 HOH 91  292 91  HOH HOH A . 
C 3 HOH 92  293 92  HOH HOH A . 
C 3 HOH 93  294 93  HOH HOH A . 
C 3 HOH 94  295 94  HOH HOH A . 
C 3 HOH 95  296 95  HOH HOH A . 
C 3 HOH 96  297 96  HOH HOH A . 
C 3 HOH 97  298 97  HOH HOH A . 
C 3 HOH 98  299 98  HOH HOH A . 
C 3 HOH 99  300 100 HOH HOH A . 
C 3 HOH 100 301 101 HOH HOH A . 
C 3 HOH 101 302 102 HOH HOH A . 
C 3 HOH 102 303 103 HOH HOH A . 
C 3 HOH 103 304 104 HOH HOH A . 
C 3 HOH 104 305 105 HOH HOH A . 
C 3 HOH 105 306 106 HOH HOH A . 
C 3 HOH 106 307 107 HOH HOH A . 
C 3 HOH 107 308 109 HOH HOH A . 
C 3 HOH 108 309 110 HOH HOH A . 
C 3 HOH 109 310 111 HOH HOH A . 
C 3 HOH 110 311 112 HOH HOH A . 
C 3 HOH 111 312 113 HOH HOH A . 
C 3 HOH 112 313 114 HOH HOH A . 
C 3 HOH 113 314 115 HOH HOH A . 
C 3 HOH 114 315 116 HOH HOH A . 
C 3 HOH 115 316 117 HOH HOH A . 
C 3 HOH 116 317 118 HOH HOH A . 
C 3 HOH 117 318 119 HOH HOH A . 
C 3 HOH 118 319 120 HOH HOH A . 
C 3 HOH 119 320 121 HOH HOH A . 
# 
loop_
_pdbx_unobs_or_zero_occ_atoms.id 
_pdbx_unobs_or_zero_occ_atoms.PDB_model_num 
_pdbx_unobs_or_zero_occ_atoms.polymer_flag 
_pdbx_unobs_or_zero_occ_atoms.occupancy_flag 
_pdbx_unobs_or_zero_occ_atoms.auth_asym_id 
_pdbx_unobs_or_zero_occ_atoms.auth_comp_id 
_pdbx_unobs_or_zero_occ_atoms.auth_seq_id 
_pdbx_unobs_or_zero_occ_atoms.PDB_ins_code 
_pdbx_unobs_or_zero_occ_atoms.auth_atom_id 
_pdbx_unobs_or_zero_occ_atoms.label_alt_id 
_pdbx_unobs_or_zero_occ_atoms.label_asym_id 
_pdbx_unobs_or_zero_occ_atoms.label_comp_id 
_pdbx_unobs_or_zero_occ_atoms.label_seq_id 
_pdbx_unobs_or_zero_occ_atoms.label_atom_id 
1 1 Y 1 A GLU 4 ? CG  ? A GLU 5 CG  
2 1 Y 1 A GLU 4 ? CD  ? A GLU 5 CD  
3 1 Y 1 A GLU 4 ? OE1 ? A GLU 5 OE1 
4 1 Y 1 A GLU 4 ? OE2 ? A GLU 5 OE2 
# 
loop_
_software.name 
_software.classification 
_software.version 
_software.citation_id 
_software.pdbx_ordinal 
REFMAC  refinement        5.2.0005 ? 1 
Blu-Ice 'data collection' .        ? 2 
MOSFLM  'data reduction'  .        ? 3 
SCALA   'data scaling'    .        ? 4 
SOLVE   phasing           .        ? 5 
# 
_cell.entry_id           2O6N 
_cell.length_a           38.356 
_cell.length_b           38.356 
_cell.length_c           49.679 
_cell.angle_alpha        90.00 
_cell.angle_beta         90.00 
_cell.angle_gamma        90.00 
_cell.Z_PDB              8 
_cell.pdbx_unique_axis   ? 
_cell.length_a_esd       ? 
_cell.length_b_esd       ? 
_cell.length_c_esd       ? 
_cell.angle_alpha_esd    ? 
_cell.angle_beta_esd     ? 
_cell.angle_gamma_esd    ? 
# 
_symmetry.entry_id                         2O6N 
_symmetry.space_group_name_H-M             'P 4 21 2' 
_symmetry.pdbx_full_space_group_name_H-M   ? 
_symmetry.cell_setting                     ? 
_symmetry.Int_Tables_number                90 
_symmetry.space_group_name_Hall            ? 
# 
_exptl.entry_id          2O6N 
_exptl.method            'X-RAY DIFFRACTION' 
_exptl.crystals_number   1 
# 
_exptl_crystal.id                    1 
_exptl_crystal.density_meas          ? 
_exptl_crystal.density_Matthews      2.31 
_exptl_crystal.density_percent_sol   46.86 
_exptl_crystal.description           ? 
_exptl_crystal.F_000                 ? 
_exptl_crystal.preparation           ? 
# 
_exptl_crystal_grow.crystal_id      1 
_exptl_crystal_grow.method          'VAPOR DIFFUSION, HANGING DROP' 
_exptl_crystal_grow.temp            298.0 
_exptl_crystal_grow.temp_details    ? 
_exptl_crystal_grow.pH              5.2 
_exptl_crystal_grow.pdbx_details    
;10% PEG 4000, 0.1M ammonium sulfate, 0.15M sodium acetate, 10mM ytterbium(II) chloride, pH 5.2, VAPOR DIFFUSION, HANGING DROP, temperature 298.0K
;
_exptl_crystal_grow.pdbx_pH_range   . 
# 
_diffrn.id                     1 
_diffrn.ambient_temp           100 
_diffrn.ambient_temp_details   ? 
_diffrn.crystal_id             1 
# 
_diffrn_detector.diffrn_id              1 
_diffrn_detector.detector               'IMAGE PLATE' 
_diffrn_detector.type                   ? 
_diffrn_detector.pdbx_collection_date   2000-02-28 
_diffrn_detector.details                ? 
# 
_diffrn_radiation.diffrn_id                        1 
_diffrn_radiation.wavelength_id                    1 
_diffrn_radiation.pdbx_monochromatic_or_laue_m_l   M 
_diffrn_radiation.monochromator                    ? 
_diffrn_radiation.pdbx_diffrn_protocol             MAD 
_diffrn_radiation.pdbx_scattering_type             x-ray 
# 
loop_
_diffrn_radiation_wavelength.id 
_diffrn_radiation_wavelength.wavelength 
_diffrn_radiation_wavelength.wt 
1 1.000  1.0 
2 1.2398 1.0 
3 1.3858 1.0 
4 1.3864 1.0 
# 
_diffrn_source.diffrn_id                   1 
_diffrn_source.source                      SYNCHROTRON 
_diffrn_source.type                        'SSRL BEAMLINE BL9-2' 
_diffrn_source.pdbx_synchrotron_site       SSRL 
_diffrn_source.pdbx_synchrotron_beamline   BL9-2 
_diffrn_source.pdbx_wavelength             ? 
_diffrn_source.pdbx_wavelength_list        1.000,1.2398,1.3858,1.3864 
# 
_reflns.entry_id                     2O6N 
_reflns.observed_criterion_sigma_I   2.0 
_reflns.observed_criterion_sigma_F   2.0 
_reflns.d_resolution_low             30.36 
_reflns.d_resolution_high            1.00 
_reflns.number_obs                   20631 
_reflns.number_all                   20717 
_reflns.percent_possible_obs         99.7 
_reflns.pdbx_Rmerge_I_obs            0.083 
_reflns.pdbx_Rsym_value              0.074 
_reflns.pdbx_netI_over_sigmaI        21.09 
_reflns.B_iso_Wilson_estimate        8.70 
_reflns.pdbx_redundancy              8.0 
_reflns.R_free_details               ? 
_reflns.limit_h_max                  ? 
_reflns.limit_h_min                  ? 
_reflns.limit_k_max                  ? 
_reflns.limit_k_min                  ? 
_reflns.limit_l_max                  ? 
_reflns.limit_l_min                  ? 
_reflns.observed_criterion_F_max     ? 
_reflns.observed_criterion_F_min     ? 
_reflns.pdbx_chi_squared             ? 
_reflns.pdbx_scaling_rejects         ? 
_reflns.pdbx_ordinal                 1 
_reflns.pdbx_diffrn_id               1 
# 
_reflns_shell.d_res_high             1.00 
_reflns_shell.d_res_low              1.05 
_reflns_shell.percent_possible_all   99.7 
_reflns_shell.Rmerge_I_obs           0.011 
_reflns_shell.pdbx_Rsym_value        0.85 
_reflns_shell.meanI_over_sigI_obs    1.26 
_reflns_shell.pdbx_redundancy        4.1 
_reflns_shell.percent_possible_obs   ? 
_reflns_shell.number_unique_all      ? 
_reflns_shell.number_measured_all    ? 
_reflns_shell.number_measured_obs    ? 
_reflns_shell.number_unique_obs      ? 
_reflns_shell.pdbx_chi_squared       ? 
_reflns_shell.pdbx_ordinal           1 
_reflns_shell.pdbx_diffrn_id         1 
# 
_refine.entry_id                                 2O6N 
_refine.ls_number_reflns_obs                     14797 
_refine.ls_number_reflns_all                     ? 
_refine.pdbx_ls_sigma_I                          ? 
_refine.pdbx_ls_sigma_F                          2.000 
_refine.pdbx_data_cutoff_high_absF               ? 
_refine.pdbx_data_cutoff_low_absF                ? 
_refine.pdbx_data_cutoff_high_rms_absF           ? 
_refine.ls_d_res_low                             30.36 
_refine.ls_d_res_high                            1.10 
_refine.ls_percent_reflns_obs                    99.4 
_refine.ls_R_factor_obs                          0.116 
_refine.ls_R_factor_all                          ? 
_refine.ls_R_factor_R_work                       0.115 
_refine.ls_R_factor_R_free                       0.132 
_refine.ls_R_factor_R_free_error                 ? 
_refine.ls_R_factor_R_free_error_details         ? 
_refine.ls_percent_reflns_R_free                 5.100 
_refine.ls_number_reflns_R_free                  791 
_refine.ls_number_parameters                     ? 
_refine.ls_number_restraints                     ? 
_refine.occupancy_min                            ? 
_refine.occupancy_max                            ? 
_refine.correlation_coeff_Fo_to_Fc               0.980 
_refine.correlation_coeff_Fo_to_Fc_free          0.978 
_refine.B_iso_mean                               11.46 
_refine.aniso_B[1][1]                            0.23 
_refine.aniso_B[2][2]                            0.23 
_refine.aniso_B[3][3]                            -0.47 
_refine.aniso_B[1][2]                            0.00 
_refine.aniso_B[1][3]                            0.00 
_refine.aniso_B[2][3]                            0.00 
_refine.solvent_model_details                    'BABINET MODEL WITH MASK' 
_refine.solvent_model_param_ksol                 ? 
_refine.solvent_model_param_bsol                 ? 
_refine.pdbx_solvent_vdw_probe_radii             1.20 
_refine.pdbx_solvent_ion_probe_radii             0.80 
_refine.pdbx_solvent_shrinkage_radii             0.80 
_refine.pdbx_ls_cross_valid_method               THROUGHOUT 
_refine.details                                  'HYDROGENS HAVE BEEN ADDED IN THE RIDING POSITIONS' 
_refine.pdbx_starting_model                      ? 
_refine.pdbx_method_to_determine_struct          MAD 
_refine.pdbx_isotropic_thermal_model             ? 
_refine.pdbx_stereochemistry_target_values       'MAXIMUM LIKELIHOOD' 
_refine.pdbx_stereochem_target_val_spec_case     ? 
_refine.pdbx_R_Free_selection_details            RANDOM 
_refine.pdbx_overall_ESU_R                       0.026 
_refine.pdbx_overall_ESU_R_Free                  0.025 
_refine.overall_SU_ML                            0.014 
_refine.overall_SU_B                             0.662 
_refine.ls_redundancy_reflns_obs                 ? 
_refine.B_iso_min                                ? 
_refine.B_iso_max                                ? 
_refine.overall_SU_R_Cruickshank_DPI             ? 
_refine.overall_SU_R_free                        ? 
_refine.ls_wR_factor_R_free                      ? 
_refine.ls_wR_factor_R_work                      ? 
_refine.overall_FOM_free_R_set                   ? 
_refine.overall_FOM_work_R_set                   ? 
_refine.pdbx_refine_id                           'X-RAY DIFFRACTION' 
_refine.pdbx_diffrn_id                           1 
_refine.pdbx_TLS_residual_ADP_flag               ? 
_refine.pdbx_overall_phase_error                 ? 
_refine.pdbx_overall_SU_R_free_Cruickshank_DPI   ? 
_refine.pdbx_overall_SU_R_Blow_DPI               ? 
_refine.pdbx_overall_SU_R_free_Blow_DPI          ? 
# 
_refine_hist.pdbx_refine_id                   'X-RAY DIFFRACTION' 
_refine_hist.cycle_id                         LAST 
_refine_hist.pdbx_number_atoms_protein        274 
_refine_hist.pdbx_number_atoms_nucleic_acid   0 
_refine_hist.pdbx_number_atoms_ligand         1 
_refine_hist.number_atoms_solvent             119 
_refine_hist.number_atoms_total               394 
_refine_hist.d_res_high                       1.10 
_refine_hist.d_res_low                        30.36 
# 
loop_
_refine_ls_restr.type 
_refine_ls_restr.dev_ideal 
_refine_ls_restr.dev_ideal_target 
_refine_ls_restr.weight 
_refine_ls_restr.number 
_refine_ls_restr.pdbx_refine_id 
_refine_ls_restr.pdbx_restraint_function 
r_bond_refined_d             0.011  0.022  ? 312 'X-RAY DIFFRACTION' ? 
r_bond_other_d               0.001  0.020  ? 339 'X-RAY DIFFRACTION' ? 
r_angle_refined_deg          1.298  2.033  ? 419 'X-RAY DIFFRACTION' ? 
r_angle_other_deg            0.729  3.000  ? 791 'X-RAY DIFFRACTION' ? 
r_dihedral_angle_1_deg       4.014  5.000  ? 40  'X-RAY DIFFRACTION' ? 
r_dihedral_angle_2_deg       23.362 29.167 ? 12  'X-RAY DIFFRACTION' ? 
r_dihedral_angle_3_deg       12.189 15.000 ? 77  'X-RAY DIFFRACTION' ? 
r_dihedral_angle_4_deg       ?      ?      ? ?   'X-RAY DIFFRACTION' ? 
r_chiral_restr               0.084  0.200  ? 46  'X-RAY DIFFRACTION' ? 
r_gen_planes_refined         0.006  0.020  ? 340 'X-RAY DIFFRACTION' ? 
r_gen_planes_other           0.003  0.020  ? 48  'X-RAY DIFFRACTION' ? 
r_nbd_refined                0.328  0.200  ? 89  'X-RAY DIFFRACTION' ? 
r_nbd_other                  0.175  0.200  ? 346 'X-RAY DIFFRACTION' ? 
r_nbtor_refined              0.178  0.200  ? 170 'X-RAY DIFFRACTION' ? 
r_nbtor_other                0.083  0.200  ? 182 'X-RAY DIFFRACTION' ? 
r_xyhbond_nbd_refined        0.244  0.200  ? 73  'X-RAY DIFFRACTION' ? 
r_xyhbond_nbd_other          ?      ?      ? ?   'X-RAY DIFFRACTION' ? 
r_metal_ion_refined          0.079  0.200  ? 3   'X-RAY DIFFRACTION' ? 
r_metal_ion_other            ?      ?      ? ?   'X-RAY DIFFRACTION' ? 
r_symmetry_vdw_refined       0.302  0.200  ? 11  'X-RAY DIFFRACTION' ? 
r_symmetry_vdw_other         0.225  0.200  ? 36  'X-RAY DIFFRACTION' ? 
r_symmetry_hbond_refined     0.243  0.200  ? 44  'X-RAY DIFFRACTION' ? 
r_symmetry_hbond_other       ?      ?      ? ?   'X-RAY DIFFRACTION' ? 
r_symmetry_metal_ion_refined 0.167  0.200  ? 2   'X-RAY DIFFRACTION' ? 
r_symmetry_metal_ion_other   ?      ?      ? ?   'X-RAY DIFFRACTION' ? 
r_mcbond_it                  1.991  1.500  ? 271 'X-RAY DIFFRACTION' ? 
r_mcbond_other               0.725  1.500  ? 74  'X-RAY DIFFRACTION' ? 
r_mcangle_it                 2.033  2.000  ? 309 'X-RAY DIFFRACTION' ? 
r_scbond_it                  4.618  3.000  ? 153 'X-RAY DIFFRACTION' ? 
r_scangle_it                 5.680  4.500  ? 110 'X-RAY DIFFRACTION' ? 
r_rigid_bond_restr           1.675  3.000  ? 775 'X-RAY DIFFRACTION' ? 
r_sphericity_free            11.464 5.000  ? 121 'X-RAY DIFFRACTION' ? 
r_sphericity_bonded          4.175  5.000  ? 648 'X-RAY DIFFRACTION' ? 
# 
_refine_ls_shell.pdbx_total_number_of_bins_used   20 
_refine_ls_shell.d_res_high                       1.10 
_refine_ls_shell.d_res_low                        1.13 
_refine_ls_shell.number_reflns_R_work             1073 
_refine_ls_shell.R_factor_R_work                  0.227 
_refine_ls_shell.percent_reflns_obs               100.00 
_refine_ls_shell.R_factor_R_free                  0.217 
_refine_ls_shell.R_factor_R_free_error            ? 
_refine_ls_shell.percent_reflns_R_free            ? 
_refine_ls_shell.number_reflns_R_free             63 
_refine_ls_shell.number_reflns_all                ? 
_refine_ls_shell.R_factor_all                     ? 
_refine_ls_shell.redundancy_reflns_obs            ? 
_refine_ls_shell.number_reflns_obs                ? 
_refine_ls_shell.pdbx_refine_id                   'X-RAY DIFFRACTION' 
# 
_struct.entry_id                  2O6N 
_struct.title                     'RH4B: designed right-handed coiled coil tetramer with all biological amino acids' 
_struct.pdbx_model_details        ? 
_struct.pdbx_CASP_flag            ? 
_struct.pdbx_model_type_details   ? 
# 
_struct_keywords.entry_id        2O6N 
_struct_keywords.pdbx_keywords   'DE NOVO PROTEIN' 
_struct_keywords.text            'RIGHT-HANDED, TETRAMER, DE NOVO PROTEIN' 
# 
loop_
_struct_asym.id 
_struct_asym.pdbx_blank_PDB_chainid_flag 
_struct_asym.pdbx_modified 
_struct_asym.entity_id 
_struct_asym.details 
A N N 1 ? 
B N N 2 ? 
C N N 3 ? 
# 
_struct_ref.id                         1 
_struct_ref.db_name                    PDB 
_struct_ref.db_code                    2O6N 
_struct_ref.entity_id                  1 
_struct_ref.pdbx_seq_one_letter_code   AEIEQAKKEIAYLIKKAKEEILEEIKKAKQEIA 
_struct_ref.pdbx_align_begin           1 
_struct_ref.pdbx_db_accession          2O6N 
_struct_ref.pdbx_db_isoform            ? 
# 
_struct_ref_seq.align_id                      1 
_struct_ref_seq.ref_id                        1 
_struct_ref_seq.pdbx_PDB_id_code              2O6N 
_struct_ref_seq.pdbx_strand_id                A 
_struct_ref_seq.seq_align_beg                 2 
_struct_ref_seq.pdbx_seq_align_beg_ins_code   ? 
_struct_ref_seq.seq_align_end                 34 
_struct_ref_seq.pdbx_seq_align_end_ins_code   ? 
_struct_ref_seq.pdbx_db_accession             2O6N 
_struct_ref_seq.db_align_beg                  1 
_struct_ref_seq.pdbx_db_align_beg_ins_code    ? 
_struct_ref_seq.db_align_end                  33 
_struct_ref_seq.pdbx_db_align_end_ins_code    ? 
_struct_ref_seq.pdbx_auth_seq_align_beg       1 
_struct_ref_seq.pdbx_auth_seq_align_end       33 
# 
_pdbx_struct_assembly.id                   1 
_pdbx_struct_assembly.details              author_and_software_defined_assembly 
_pdbx_struct_assembly.method_details       PISA,PQS 
_pdbx_struct_assembly.oligomeric_details   tetrameric 
_pdbx_struct_assembly.oligomeric_count     4 
# 
loop_
_pdbx_struct_assembly_prop.biol_id 
_pdbx_struct_assembly_prop.type 
_pdbx_struct_assembly_prop.value 
_pdbx_struct_assembly_prop.details 
1 'ABSA (A^2)' 6620 ? 
1 MORE         -80  ? 
1 'SSA (A^2)'  9300 ? 
# 
_pdbx_struct_assembly_gen.assembly_id       1 
_pdbx_struct_assembly_gen.oper_expression   1,2,3,4 
_pdbx_struct_assembly_gen.asym_id_list      A,B,C 
# 
loop_
_pdbx_struct_oper_list.id 
_pdbx_struct_oper_list.type 
_pdbx_struct_oper_list.name 
_pdbx_struct_oper_list.symmetry_operation 
_pdbx_struct_oper_list.matrix[1][1] 
_pdbx_struct_oper_list.matrix[1][2] 
_pdbx_struct_oper_list.matrix[1][3] 
_pdbx_struct_oper_list.vector[1] 
_pdbx_struct_oper_list.matrix[2][1] 
_pdbx_struct_oper_list.matrix[2][2] 
_pdbx_struct_oper_list.matrix[2][3] 
_pdbx_struct_oper_list.vector[2] 
_pdbx_struct_oper_list.matrix[3][1] 
_pdbx_struct_oper_list.matrix[3][2] 
_pdbx_struct_oper_list.matrix[3][3] 
_pdbx_struct_oper_list.vector[3] 
1 'identity operation'         1_555 x,y,z          1.0000000000 0.0000000000  0.0000000000  0.0000000000  0.0000000000  1.0000000000  0.0000000000  0.0000000000  0.0000000000  0.0000000000  1.0000000000  0.0000000000  
2 'crystal symmetry operation' 2_565 -x,-y+1,z      0.6442958786 0.2589806350  -0.7195914477 -4.1079588162 0.2589806350  -0.9592099146 -0.1133374185 12.9284085194 -0.7195914477 -0.1133374185 -0.6850859640 -4.7339254990 
3 'crystal symmetry operation' 3_555 -y+1/2,x+1/2,z 0.8221479393 0.5262988583  -0.2169845104 -4.2810020451 -0.2673182233 0.0203950427  -0.9633924485 3.5029863732  -0.5026069373 0.8500550300  0.1574570180  -8.5215414988 
4 'crystal symmetry operation' 4_455 y-1/2,-x+1/2,z 0.8221479393 -0.2673182233 -0.5026069373 0.1730432289  0.5262988583  0.0203950427  0.8500550300  9.4254221463  -0.2169845104 -0.9633924485 0.1574570180  3.7876159997 
# 
_struct_biol.id        1 
_struct_biol.details   
;The biological assembly is the tetramer generated from the monomer in the asymmetric unit by the 4 operations: x,y,z; y-1/2,-x+1/2,z; -x,1-y,z; -y+1/2,x+1/2,z.
;
# 
_struct_conf.conf_type_id            HELX_P 
_struct_conf.id                      HELX_P1 
_struct_conf.pdbx_PDB_helix_id       1 
_struct_conf.beg_label_comp_id       ALA 
_struct_conf.beg_label_asym_id       A 
_struct_conf.beg_label_seq_id        2 
_struct_conf.pdbx_beg_PDB_ins_code   ? 
_struct_conf.end_label_comp_id       ALA 
_struct_conf.end_label_asym_id       A 
_struct_conf.end_label_seq_id        34 
_struct_conf.pdbx_end_PDB_ins_code   ? 
_struct_conf.beg_auth_comp_id        ALA 
_struct_conf.beg_auth_asym_id        A 
_struct_conf.beg_auth_seq_id         1 
_struct_conf.end_auth_comp_id        ALA 
_struct_conf.end_auth_asym_id        A 
_struct_conf.end_auth_seq_id         33 
_struct_conf.pdbx_PDB_helix_class    1 
_struct_conf.details                 ? 
_struct_conf.pdbx_PDB_helix_length   33 
# 
_struct_conf_type.id          HELX_P 
_struct_conf_type.criteria    ? 
_struct_conf_type.reference   ? 
# 
loop_
_struct_conn.id 
_struct_conn.conn_type_id 
_struct_conn.pdbx_leaving_atom_flag 
_struct_conn.pdbx_PDB_id 
_struct_conn.ptnr1_label_asym_id 
_struct_conn.ptnr1_label_comp_id 
_struct_conn.ptnr1_label_seq_id 
_struct_conn.ptnr1_label_atom_id 
_struct_conn.pdbx_ptnr1_label_alt_id 
_struct_conn.pdbx_ptnr1_PDB_ins_code 
_struct_conn.pdbx_ptnr1_standard_comp_id 
_struct_conn.ptnr1_symmetry 
_struct_conn.ptnr2_label_asym_id 
_struct_conn.ptnr2_label_comp_id 
_struct_conn.ptnr2_label_seq_id 
_struct_conn.ptnr2_label_atom_id 
_struct_conn.pdbx_ptnr2_label_alt_id 
_struct_conn.pdbx_ptnr2_PDB_ins_code 
_struct_conn.ptnr1_auth_asym_id 
_struct_conn.ptnr1_auth_comp_id 
_struct_conn.ptnr1_auth_seq_id 
_struct_conn.ptnr2_auth_asym_id 
_struct_conn.ptnr2_auth_comp_id 
_struct_conn.ptnr2_auth_seq_id 
_struct_conn.ptnr2_symmetry 
_struct_conn.pdbx_ptnr3_label_atom_id 
_struct_conn.pdbx_ptnr3_label_seq_id 
_struct_conn.pdbx_ptnr3_label_comp_id 
_struct_conn.pdbx_ptnr3_label_asym_id 
_struct_conn.pdbx_ptnr3_label_alt_id 
_struct_conn.pdbx_ptnr3_PDB_ins_code 
_struct_conn.details 
_struct_conn.pdbx_dist_value 
_struct_conn.pdbx_value_order 
_struct_conn.pdbx_role 
covale1 covale both ? A ACE 1  C    ? ? ? 1_555 A ALA 2  N  ? ? A ACE 0  A ALA 1   1_555 ? ? ? ? ? ? ? 1.317 ? ? 
covale2 covale both ? A LYS 19 C    ? ? ? 1_555 A CGU 20 N  ? ? A LYS 18 A CGU 19  1_555 ? ? ? ? ? ? ? 1.330 ? ? 
covale3 covale both ? A CGU 20 C    ? ? ? 1_555 A GLU 21 N  A ? A CGU 19 A GLU 20  1_555 ? ? ? ? ? ? ? 1.333 ? ? 
covale4 covale both ? A LEU 23 C    ? ? ? 1_555 A CGU 24 N  ? ? A LEU 22 A CGU 23  1_555 ? ? ? ? ? ? ? 1.333 ? ? 
covale5 covale both ? A CGU 24 C    ? ? ? 1_555 A GLU 25 N  ? ? A CGU 23 A GLU 24  1_555 ? ? ? ? ? ? ? 1.327 ? ? 
covale6 covale both ? A ALA 34 C    ? ? ? 1_555 A NH2 35 N  ? ? A ALA 33 A NH2 34  1_555 ? ? ? ? ? ? ? 1.441 ? ? 
metalc1 metalc ?    ? A CGU 20 OE12 ? ? ? 1_555 B YB2 .  YB ? ? A CGU 19 A YB2 201 1_555 ? ? ? ? ? ? ? 2.207 ? ? 
metalc2 metalc ?    ? A CGU 20 OE21 ? ? ? 1_555 B YB2 .  YB ? ? A CGU 19 A YB2 201 1_555 ? ? ? ? ? ? ? 2.188 ? ? 
metalc3 metalc ?    ? A CGU 24 OE12 ? ? ? 1_555 B YB2 .  YB ? ? A CGU 23 A YB2 201 1_555 ? ? ? ? ? ? ? 2.366 ? ? 
metalc4 metalc ?    ? A CGU 24 OE21 ? ? ? 1_555 B YB2 .  YB ? ? A CGU 23 A YB2 201 1_555 ? ? ? ? ? ? ? 2.246 ? ? 
# 
loop_
_struct_conn_type.id 
_struct_conn_type.criteria 
_struct_conn_type.reference 
covale ? ? 
metalc ? ? 
# 
loop_
_pdbx_struct_conn_angle.id 
_pdbx_struct_conn_angle.ptnr1_label_atom_id 
_pdbx_struct_conn_angle.ptnr1_label_alt_id 
_pdbx_struct_conn_angle.ptnr1_label_asym_id 
_pdbx_struct_conn_angle.ptnr1_label_comp_id 
_pdbx_struct_conn_angle.ptnr1_label_seq_id 
_pdbx_struct_conn_angle.ptnr1_auth_atom_id 
_pdbx_struct_conn_angle.ptnr1_auth_asym_id 
_pdbx_struct_conn_angle.ptnr1_auth_comp_id 
_pdbx_struct_conn_angle.ptnr1_auth_seq_id 
_pdbx_struct_conn_angle.ptnr1_PDB_ins_code 
_pdbx_struct_conn_angle.ptnr1_symmetry 
_pdbx_struct_conn_angle.ptnr2_label_atom_id 
_pdbx_struct_conn_angle.ptnr2_label_alt_id 
_pdbx_struct_conn_angle.ptnr2_label_asym_id 
_pdbx_struct_conn_angle.ptnr2_label_comp_id 
_pdbx_struct_conn_angle.ptnr2_label_seq_id 
_pdbx_struct_conn_angle.ptnr2_auth_atom_id 
_pdbx_struct_conn_angle.ptnr2_auth_asym_id 
_pdbx_struct_conn_angle.ptnr2_auth_comp_id 
_pdbx_struct_conn_angle.ptnr2_auth_seq_id 
_pdbx_struct_conn_angle.ptnr2_PDB_ins_code 
_pdbx_struct_conn_angle.ptnr2_symmetry 
_pdbx_struct_conn_angle.ptnr3_label_atom_id 
_pdbx_struct_conn_angle.ptnr3_label_alt_id 
_pdbx_struct_conn_angle.ptnr3_label_asym_id 
_pdbx_struct_conn_angle.ptnr3_label_comp_id 
_pdbx_struct_conn_angle.ptnr3_label_seq_id 
_pdbx_struct_conn_angle.ptnr3_auth_atom_id 
_pdbx_struct_conn_angle.ptnr3_auth_asym_id 
_pdbx_struct_conn_angle.ptnr3_auth_comp_id 
_pdbx_struct_conn_angle.ptnr3_auth_seq_id 
_pdbx_struct_conn_angle.ptnr3_PDB_ins_code 
_pdbx_struct_conn_angle.ptnr3_symmetry 
_pdbx_struct_conn_angle.value 
_pdbx_struct_conn_angle.value_esd 
1 OE12 ? A CGU 20 ? A CGU 19 ? 1_555 YB ? B YB2 . ? A YB2 201 ? 1_555 OE21 ? A CGU 20 ? A CGU 19 ? 1_555 76.5  ? 
2 OE12 ? A CGU 20 ? A CGU 19 ? 1_555 YB ? B YB2 . ? A YB2 201 ? 1_555 OE12 ? A CGU 24 ? A CGU 23 ? 1_555 144.8 ? 
3 OE21 ? A CGU 20 ? A CGU 19 ? 1_555 YB ? B YB2 . ? A YB2 201 ? 1_555 OE12 ? A CGU 24 ? A CGU 23 ? 1_555 82.1  ? 
4 OE12 ? A CGU 20 ? A CGU 19 ? 1_555 YB ? B YB2 . ? A YB2 201 ? 1_555 OE21 ? A CGU 24 ? A CGU 23 ? 1_555 78.2  ? 
5 OE21 ? A CGU 20 ? A CGU 19 ? 1_555 YB ? B YB2 . ? A YB2 201 ? 1_555 OE21 ? A CGU 24 ? A CGU 23 ? 1_555 86.9  ? 
6 OE12 ? A CGU 24 ? A CGU 23 ? 1_555 YB ? B YB2 . ? A YB2 201 ? 1_555 OE21 ? A CGU 24 ? A CGU 23 ? 1_555 72.9  ? 
# 
_struct_site.id                   AC1 
_struct_site.pdbx_evidence_code   Software 
_struct_site.pdbx_auth_asym_id    A 
_struct_site.pdbx_auth_comp_id    YB2 
_struct_site.pdbx_auth_seq_id     201 
_struct_site.pdbx_auth_ins_code   ? 
_struct_site.pdbx_num_residues    5 
_struct_site.details              'BINDING SITE FOR RESIDUE YB2 A 201' 
# 
loop_
_struct_site_gen.id 
_struct_site_gen.site_id 
_struct_site_gen.pdbx_num_res 
_struct_site_gen.label_comp_id 
_struct_site_gen.label_asym_id 
_struct_site_gen.label_seq_id 
_struct_site_gen.pdbx_auth_ins_code 
_struct_site_gen.auth_comp_id 
_struct_site_gen.auth_asym_id 
_struct_site_gen.auth_seq_id 
_struct_site_gen.label_atom_id 
_struct_site_gen.label_alt_id 
_struct_site_gen.symmetry 
_struct_site_gen.details 
1 AC1 5 CGU A 20 ? CGU A 19  . ? 1_555 ? 
2 AC1 5 CGU A 24 ? CGU A 23  . ? 7_555 ? 
3 AC1 5 CGU A 24 ? CGU A 23  . ? 1_555 ? 
4 AC1 5 HOH C .  ? HOH A 219 . ? 7_555 ? 
5 AC1 5 HOH C .  ? HOH A 301 . ? 7_555 ? 
# 
loop_
_pdbx_validate_close_contact.id 
_pdbx_validate_close_contact.PDB_model_num 
_pdbx_validate_close_contact.auth_atom_id_1 
_pdbx_validate_close_contact.auth_asym_id_1 
_pdbx_validate_close_contact.auth_comp_id_1 
_pdbx_validate_close_contact.auth_seq_id_1 
_pdbx_validate_close_contact.PDB_ins_code_1 
_pdbx_validate_close_contact.label_alt_id_1 
_pdbx_validate_close_contact.auth_atom_id_2 
_pdbx_validate_close_contact.auth_asym_id_2 
_pdbx_validate_close_contact.auth_comp_id_2 
_pdbx_validate_close_contact.auth_seq_id_2 
_pdbx_validate_close_contact.PDB_ins_code_2 
_pdbx_validate_close_contact.label_alt_id_2 
_pdbx_validate_close_contact.dist 
1 1 O A HOH 227 ? ? O A HOH 315 ? ? 1.96 
2 1 O A HOH 246 ? ? O A HOH 256 ? ? 2.14 
# 
_pdbx_validate_symm_contact.id                1 
_pdbx_validate_symm_contact.PDB_model_num     1 
_pdbx_validate_symm_contact.auth_atom_id_1    YB 
_pdbx_validate_symm_contact.auth_asym_id_1    A 
_pdbx_validate_symm_contact.auth_comp_id_1    YB2 
_pdbx_validate_symm_contact.auth_seq_id_1     201 
_pdbx_validate_symm_contact.PDB_ins_code_1    ? 
_pdbx_validate_symm_contact.label_alt_id_1    ? 
_pdbx_validate_symm_contact.site_symmetry_1   1_555 
_pdbx_validate_symm_contact.auth_atom_id_2    O 
_pdbx_validate_symm_contact.auth_asym_id_2    A 
_pdbx_validate_symm_contact.auth_comp_id_2    HOH 
_pdbx_validate_symm_contact.auth_seq_id_2     301 
_pdbx_validate_symm_contact.PDB_ins_code_2    ? 
_pdbx_validate_symm_contact.label_alt_id_2    ? 
_pdbx_validate_symm_contact.site_symmetry_2   7_555 
_pdbx_validate_symm_contact.dist              2.06 
# 
loop_
_pdbx_struct_mod_residue.id 
_pdbx_struct_mod_residue.label_asym_id 
_pdbx_struct_mod_residue.label_comp_id 
_pdbx_struct_mod_residue.label_seq_id 
_pdbx_struct_mod_residue.auth_asym_id 
_pdbx_struct_mod_residue.auth_comp_id 
_pdbx_struct_mod_residue.auth_seq_id 
_pdbx_struct_mod_residue.PDB_ins_code 
_pdbx_struct_mod_residue.parent_comp_id 
_pdbx_struct_mod_residue.details 
1 A CGU 20 A CGU 19 ? GLU 'GAMMA-CARBOXY-GLUTAMIC ACID' 
2 A CGU 24 A CGU 23 ? GLU 'GAMMA-CARBOXY-GLUTAMIC ACID' 
# 
loop_
_pdbx_struct_special_symmetry.id 
_pdbx_struct_special_symmetry.PDB_model_num 
_pdbx_struct_special_symmetry.auth_asym_id 
_pdbx_struct_special_symmetry.auth_comp_id 
_pdbx_struct_special_symmetry.auth_seq_id 
_pdbx_struct_special_symmetry.PDB_ins_code 
_pdbx_struct_special_symmetry.label_asym_id 
_pdbx_struct_special_symmetry.label_comp_id 
_pdbx_struct_special_symmetry.label_seq_id 
1 1 A HOH 281 ? C HOH . 
2 1 A HOH 302 ? C HOH . 
3 1 A HOH 304 ? C HOH . 
4 1 A HOH 309 ? C HOH . 
# 
_pdbx_database_remark.id     999 
_pdbx_database_remark.text   
;SEQUENCE
The sequence was computationally designed to optimize 
the stability and specificity of a right-handed coiled-
coil tetramer
;
# 
loop_
_chem_comp_atom.comp_id 
_chem_comp_atom.atom_id 
_chem_comp_atom.type_symbol 
_chem_comp_atom.pdbx_aromatic_flag 
_chem_comp_atom.pdbx_stereo_config 
_chem_comp_atom.pdbx_ordinal 
ACE C    C  N N 1   
ACE O    O  N N 2   
ACE CH3  C  N N 3   
ACE H    H  N N 4   
ACE H1   H  N N 5   
ACE H2   H  N N 6   
ACE H3   H  N N 7   
ALA N    N  N N 8   
ALA CA   C  N S 9   
ALA C    C  N N 10  
ALA O    O  N N 11  
ALA CB   C  N N 12  
ALA OXT  O  N N 13  
ALA H    H  N N 14  
ALA H2   H  N N 15  
ALA HA   H  N N 16  
ALA HB1  H  N N 17  
ALA HB2  H  N N 18  
ALA HB3  H  N N 19  
ALA HXT  H  N N 20  
CGU N    N  N N 21  
CGU CA   C  N S 22  
CGU C    C  N N 23  
CGU O    O  N N 24  
CGU OXT  O  N N 25  
CGU CB   C  N N 26  
CGU CG   C  N N 27  
CGU CD1  C  N N 28  
CGU CD2  C  N N 29  
CGU OE11 O  N N 30  
CGU OE12 O  N N 31  
CGU OE21 O  N N 32  
CGU OE22 O  N N 33  
CGU H    H  N N 34  
CGU H2   H  N N 35  
CGU HA   H  N N 36  
CGU HXT  H  N N 37  
CGU HB2  H  N N 38  
CGU HB3  H  N N 39  
CGU HG   H  N N 40  
CGU HE12 H  N N 41  
CGU HE22 H  N N 42  
GLN N    N  N N 43  
GLN CA   C  N S 44  
GLN C    C  N N 45  
GLN O    O  N N 46  
GLN CB   C  N N 47  
GLN CG   C  N N 48  
GLN CD   C  N N 49  
GLN OE1  O  N N 50  
GLN NE2  N  N N 51  
GLN OXT  O  N N 52  
GLN H    H  N N 53  
GLN H2   H  N N 54  
GLN HA   H  N N 55  
GLN HB2  H  N N 56  
GLN HB3  H  N N 57  
GLN HG2  H  N N 58  
GLN HG3  H  N N 59  
GLN HE21 H  N N 60  
GLN HE22 H  N N 61  
GLN HXT  H  N N 62  
GLU N    N  N N 63  
GLU CA   C  N S 64  
GLU C    C  N N 65  
GLU O    O  N N 66  
GLU CB   C  N N 67  
GLU CG   C  N N 68  
GLU CD   C  N N 69  
GLU OE1  O  N N 70  
GLU OE2  O  N N 71  
GLU OXT  O  N N 72  
GLU H    H  N N 73  
GLU H2   H  N N 74  
GLU HA   H  N N 75  
GLU HB2  H  N N 76  
GLU HB3  H  N N 77  
GLU HG2  H  N N 78  
GLU HG3  H  N N 79  
GLU HE2  H  N N 80  
GLU HXT  H  N N 81  
HOH O    O  N N 82  
HOH H1   H  N N 83  
HOH H2   H  N N 84  
ILE N    N  N N 85  
ILE CA   C  N S 86  
ILE C    C  N N 87  
ILE O    O  N N 88  
ILE CB   C  N S 89  
ILE CG1  C  N N 90  
ILE CG2  C  N N 91  
ILE CD1  C  N N 92  
ILE OXT  O  N N 93  
ILE H    H  N N 94  
ILE H2   H  N N 95  
ILE HA   H  N N 96  
ILE HB   H  N N 97  
ILE HG12 H  N N 98  
ILE HG13 H  N N 99  
ILE HG21 H  N N 100 
ILE HG22 H  N N 101 
ILE HG23 H  N N 102 
ILE HD11 H  N N 103 
ILE HD12 H  N N 104 
ILE HD13 H  N N 105 
ILE HXT  H  N N 106 
LEU N    N  N N 107 
LEU CA   C  N S 108 
LEU C    C  N N 109 
LEU O    O  N N 110 
LEU CB   C  N N 111 
LEU CG   C  N N 112 
LEU CD1  C  N N 113 
LEU CD2  C  N N 114 
LEU OXT  O  N N 115 
LEU H    H  N N 116 
LEU H2   H  N N 117 
LEU HA   H  N N 118 
LEU HB2  H  N N 119 
LEU HB3  H  N N 120 
LEU HG   H  N N 121 
LEU HD11 H  N N 122 
LEU HD12 H  N N 123 
LEU HD13 H  N N 124 
LEU HD21 H  N N 125 
LEU HD22 H  N N 126 
LEU HD23 H  N N 127 
LEU HXT  H  N N 128 
LYS N    N  N N 129 
LYS CA   C  N S 130 
LYS C    C  N N 131 
LYS O    O  N N 132 
LYS CB   C  N N 133 
LYS CG   C  N N 134 
LYS CD   C  N N 135 
LYS CE   C  N N 136 
LYS NZ   N  N N 137 
LYS OXT  O  N N 138 
LYS H    H  N N 139 
LYS H2   H  N N 140 
LYS HA   H  N N 141 
LYS HB2  H  N N 142 
LYS HB3  H  N N 143 
LYS HG2  H  N N 144 
LYS HG3  H  N N 145 
LYS HD2  H  N N 146 
LYS HD3  H  N N 147 
LYS HE2  H  N N 148 
LYS HE3  H  N N 149 
LYS HZ1  H  N N 150 
LYS HZ2  H  N N 151 
LYS HZ3  H  N N 152 
LYS HXT  H  N N 153 
NH2 N    N  N N 154 
NH2 HN1  H  N N 155 
NH2 HN2  H  N N 156 
TYR N    N  N N 157 
TYR CA   C  N S 158 
TYR C    C  N N 159 
TYR O    O  N N 160 
TYR CB   C  N N 161 
TYR CG   C  Y N 162 
TYR CD1  C  Y N 163 
TYR CD2  C  Y N 164 
TYR CE1  C  Y N 165 
TYR CE2  C  Y N 166 
TYR CZ   C  Y N 167 
TYR OH   O  N N 168 
TYR OXT  O  N N 169 
TYR H    H  N N 170 
TYR H2   H  N N 171 
TYR HA   H  N N 172 
TYR HB2  H  N N 173 
TYR HB3  H  N N 174 
TYR HD1  H  N N 175 
TYR HD2  H  N N 176 
TYR HE1  H  N N 177 
TYR HE2  H  N N 178 
TYR HH   H  N N 179 
TYR HXT  H  N N 180 
YB2 YB   YB N N 181 
# 
loop_
_chem_comp_bond.comp_id 
_chem_comp_bond.atom_id_1 
_chem_comp_bond.atom_id_2 
_chem_comp_bond.value_order 
_chem_comp_bond.pdbx_aromatic_flag 
_chem_comp_bond.pdbx_stereo_config 
_chem_comp_bond.pdbx_ordinal 
ACE C    O    doub N N 1   
ACE C    CH3  sing N N 2   
ACE C    H    sing N N 3   
ACE CH3  H1   sing N N 4   
ACE CH3  H2   sing N N 5   
ACE CH3  H3   sing N N 6   
ALA N    CA   sing N N 7   
ALA N    H    sing N N 8   
ALA N    H2   sing N N 9   
ALA CA   C    sing N N 10  
ALA CA   CB   sing N N 11  
ALA CA   HA   sing N N 12  
ALA C    O    doub N N 13  
ALA C    OXT  sing N N 14  
ALA CB   HB1  sing N N 15  
ALA CB   HB2  sing N N 16  
ALA CB   HB3  sing N N 17  
ALA OXT  HXT  sing N N 18  
CGU N    CA   sing N N 19  
CGU N    H    sing N N 20  
CGU N    H2   sing N N 21  
CGU CA   C    sing N N 22  
CGU CA   CB   sing N N 23  
CGU CA   HA   sing N N 24  
CGU C    O    doub N N 25  
CGU C    OXT  sing N N 26  
CGU OXT  HXT  sing N N 27  
CGU CB   CG   sing N N 28  
CGU CB   HB2  sing N N 29  
CGU CB   HB3  sing N N 30  
CGU CG   CD1  sing N N 31  
CGU CG   CD2  sing N N 32  
CGU CG   HG   sing N N 33  
CGU CD1  OE11 doub N N 34  
CGU CD1  OE12 sing N N 35  
CGU CD2  OE21 doub N N 36  
CGU CD2  OE22 sing N N 37  
CGU OE12 HE12 sing N N 38  
CGU OE22 HE22 sing N N 39  
GLN N    CA   sing N N 40  
GLN N    H    sing N N 41  
GLN N    H2   sing N N 42  
GLN CA   C    sing N N 43  
GLN CA   CB   sing N N 44  
GLN CA   HA   sing N N 45  
GLN C    O    doub N N 46  
GLN C    OXT  sing N N 47  
GLN CB   CG   sing N N 48  
GLN CB   HB2  sing N N 49  
GLN CB   HB3  sing N N 50  
GLN CG   CD   sing N N 51  
GLN CG   HG2  sing N N 52  
GLN CG   HG3  sing N N 53  
GLN CD   OE1  doub N N 54  
GLN CD   NE2  sing N N 55  
GLN NE2  HE21 sing N N 56  
GLN NE2  HE22 sing N N 57  
GLN OXT  HXT  sing N N 58  
GLU N    CA   sing N N 59  
GLU N    H    sing N N 60  
GLU N    H2   sing N N 61  
GLU CA   C    sing N N 62  
GLU CA   CB   sing N N 63  
GLU CA   HA   sing N N 64  
GLU C    O    doub N N 65  
GLU C    OXT  sing N N 66  
GLU CB   CG   sing N N 67  
GLU CB   HB2  sing N N 68  
GLU CB   HB3  sing N N 69  
GLU CG   CD   sing N N 70  
GLU CG   HG2  sing N N 71  
GLU CG   HG3  sing N N 72  
GLU CD   OE1  doub N N 73  
GLU CD   OE2  sing N N 74  
GLU OE2  HE2  sing N N 75  
GLU OXT  HXT  sing N N 76  
HOH O    H1   sing N N 77  
HOH O    H2   sing N N 78  
ILE N    CA   sing N N 79  
ILE N    H    sing N N 80  
ILE N    H2   sing N N 81  
ILE CA   C    sing N N 82  
ILE CA   CB   sing N N 83  
ILE CA   HA   sing N N 84  
ILE C    O    doub N N 85  
ILE C    OXT  sing N N 86  
ILE CB   CG1  sing N N 87  
ILE CB   CG2  sing N N 88  
ILE CB   HB   sing N N 89  
ILE CG1  CD1  sing N N 90  
ILE CG1  HG12 sing N N 91  
ILE CG1  HG13 sing N N 92  
ILE CG2  HG21 sing N N 93  
ILE CG2  HG22 sing N N 94  
ILE CG2  HG23 sing N N 95  
ILE CD1  HD11 sing N N 96  
ILE CD1  HD12 sing N N 97  
ILE CD1  HD13 sing N N 98  
ILE OXT  HXT  sing N N 99  
LEU N    CA   sing N N 100 
LEU N    H    sing N N 101 
LEU N    H2   sing N N 102 
LEU CA   C    sing N N 103 
LEU CA   CB   sing N N 104 
LEU CA   HA   sing N N 105 
LEU C    O    doub N N 106 
LEU C    OXT  sing N N 107 
LEU CB   CG   sing N N 108 
LEU CB   HB2  sing N N 109 
LEU CB   HB3  sing N N 110 
LEU CG   CD1  sing N N 111 
LEU CG   CD2  sing N N 112 
LEU CG   HG   sing N N 113 
LEU CD1  HD11 sing N N 114 
LEU CD1  HD12 sing N N 115 
LEU CD1  HD13 sing N N 116 
LEU CD2  HD21 sing N N 117 
LEU CD2  HD22 sing N N 118 
LEU CD2  HD23 sing N N 119 
LEU OXT  HXT  sing N N 120 
LYS N    CA   sing N N 121 
LYS N    H    sing N N 122 
LYS N    H2   sing N N 123 
LYS CA   C    sing N N 124 
LYS CA   CB   sing N N 125 
LYS CA   HA   sing N N 126 
LYS C    O    doub N N 127 
LYS C    OXT  sing N N 128 
LYS CB   CG   sing N N 129 
LYS CB   HB2  sing N N 130 
LYS CB   HB3  sing N N 131 
LYS CG   CD   sing N N 132 
LYS CG   HG2  sing N N 133 
LYS CG   HG3  sing N N 134 
LYS CD   CE   sing N N 135 
LYS CD   HD2  sing N N 136 
LYS CD   HD3  sing N N 137 
LYS CE   NZ   sing N N 138 
LYS CE   HE2  sing N N 139 
LYS CE   HE3  sing N N 140 
LYS NZ   HZ1  sing N N 141 
LYS NZ   HZ2  sing N N 142 
LYS NZ   HZ3  sing N N 143 
LYS OXT  HXT  sing N N 144 
NH2 N    HN1  sing N N 145 
NH2 N    HN2  sing N N 146 
TYR N    CA   sing N N 147 
TYR N    H    sing N N 148 
TYR N    H2   sing N N 149 
TYR CA   C    sing N N 150 
TYR CA   CB   sing N N 151 
TYR CA   HA   sing N N 152 
TYR C    O    doub N N 153 
TYR C    OXT  sing N N 154 
TYR CB   CG   sing N N 155 
TYR CB   HB2  sing N N 156 
TYR CB   HB3  sing N N 157 
TYR CG   CD1  doub Y N 158 
TYR CG   CD2  sing Y N 159 
TYR CD1  CE1  sing Y N 160 
TYR CD1  HD1  sing N N 161 
TYR CD2  CE2  doub Y N 162 
TYR CD2  HD2  sing N N 163 
TYR CE1  CZ   doub Y N 164 
TYR CE1  HE1  sing N N 165 
TYR CE2  CZ   sing Y N 166 
TYR CE2  HE2  sing N N 167 
TYR CZ   OH   sing N N 168 
TYR OH   HH   sing N N 169 
TYR OXT  HXT  sing N N 170 
# 
_atom_sites.entry_id                    2O6N 
_atom_sites.Cartn_transform_axes        ? 
_atom_sites.fract_transf_matrix[1][1]   0.00290638 
_atom_sites.fract_transf_matrix[1][2]   -0.02577513 
_atom_sites.fract_transf_matrix[1][3]   -0.00263526 
_atom_sites.fract_transf_matrix[2][1]   -0.01060414 
_atom_sites.fract_transf_matrix[2][2]   0.00123618 
_atom_sites.fract_transf_matrix[2][3]   -0.02378599 
_atom_sites.fract_transf_matrix[3][1]   0.01825144 
_atom_sites.fract_transf_matrix[3][2]   0.00287465 
_atom_sites.fract_transf_matrix[3][3]   -0.00798736 
_atom_sites.fract_transf_vector[1]      0.166348 
_atom_sites.fract_transf_vector[2]      0.413937 
_atom_sites.fract_transf_vector[3]      0.137340 
# 
loop_
_atom_type.symbol 
C  
H  
N  
O  
YB 
# 
loop_
_atom_site.group_PDB 
_atom_site.id 
_atom_site.type_symbol 
_atom_site.label_atom_id 
_atom_site.label_alt_id 
_atom_site.label_comp_id 
_atom_site.label_asym_id 
_atom_site.label_entity_id 
_atom_site.label_seq_id 
_atom_site.pdbx_PDB_ins_code 
_atom_site.Cartn_x 
_atom_site.Cartn_y 
_atom_site.Cartn_z 
_atom_site.occupancy 
_atom_site.B_iso_or_equiv 
_atom_site.pdbx_formal_charge 
_atom_site.auth_seq_id 
_atom_site.auth_comp_id 
_atom_site.auth_asym_id 
_atom_site.auth_atom_id 
_atom_site.pdbx_PDB_model_num 
HETATM 1   C  C    . ACE A 1 1  ? 24.428  0.619   -8.180  1.00 13.59 ? 0   ACE A C    1 
HETATM 2   O  O    . ACE A 1 1  ? 23.451  0.249   -7.507  1.00 15.82 ? 0   ACE A O    1 
HETATM 3   C  CH3  . ACE A 1 1  ? 25.837  0.560   -7.666  1.00 15.07 ? 0   ACE A CH3  1 
HETATM 4   H  H1   . ACE A 1 1  ? 26.166  1.562   -7.392  1.00 9.72  ? 0   ACE A H1   1 
HETATM 5   H  H2   . ACE A 1 1  ? 26.492  0.161   -8.441  1.00 10.42 ? 0   ACE A H2   1 
HETATM 6   H  H3   . ACE A 1 1  ? 25.877  -0.087  -6.789  1.00 18.03 ? 0   ACE A H3   1 
ATOM   7   N  N    . ALA A 1 2  ? 24.262  1.108   -9.391  1.00 12.97 ? 1   ALA A N    1 
ATOM   8   C  CA   . ALA A 1 2  ? 22.955  1.228   -10.019 1.00 12.16 ? 1   ALA A CA   1 
ATOM   9   C  C    . ALA A 1 2  ? 21.970  1.970   -9.101  1.00 10.74 ? 1   ALA A C    1 
ATOM   10  O  O    . ALA A 1 2  ? 20.882  1.479   -8.753  1.00 11.66 ? 1   ALA A O    1 
ATOM   11  C  CB   . ALA A 1 2  ? 22.451  -0.145  -10.463 1.00 14.01 ? 1   ALA A CB   1 
ATOM   12  H  H    . ALA A 1 2  ? 24.908  1.373   -9.895  1.00 13.01 ? 1   ALA A H    1 
ATOM   13  H  HA   . ALA A 1 2  ? 23.056  1.771   -10.829 1.00 12.56 ? 1   ALA A HA   1 
ATOM   14  H  HB1  . ALA A 1 2  ? 22.434  -0.738  -9.709  1.00 13.13 ? 1   ALA A HB1  1 
ATOM   15  H  HB2  . ALA A 1 2  ? 23.043  -0.490  -11.135 1.00 12.92 ? 1   ALA A HB2  1 
ATOM   16  H  HB3  . ALA A 1 2  ? 21.567  -0.051  -10.825 1.00 13.18 ? 1   ALA A HB3  1 
ATOM   17  N  N    . GLU A 1 3  ? 22.367  3.179   -8.710  1.00 10.43 ? 2   GLU A N    1 
ATOM   18  C  CA   . GLU A 1 3  ? 21.589  3.975   -7.784  1.00 11.31 ? 2   GLU A CA   1 
ATOM   19  C  C    . GLU A 1 3  ? 20.225  4.362   -8.295  1.00 10.04 ? 2   GLU A C    1 
ATOM   20  O  O    . GLU A 1 3  ? 19.295  4.454   -7.503  1.00 10.47 ? 2   GLU A O    1 
ATOM   21  C  CB   . GLU A 1 3  ? 22.326  5.246   -7.408  1.00 13.07 ? 2   GLU A CB   1 
ATOM   22  C  CG   . GLU A 1 3  ? 23.448  5.062   -6.439  1.00 16.57 ? 2   GLU A CG   1 
ATOM   23  C  CD   . GLU A 1 3  ? 23.908  6.382   -5.864  1.00 18.82 ? 2   GLU A CD   1 
ATOM   24  O  OE1  . GLU A 1 3  ? 23.192  7.407   -6.014  1.00 26.12 ? 2   GLU A OE1  1 
ATOM   25  O  OE2  . GLU A 1 3  ? 24.984  6.392   -5.248  1.00 24.18 ? 2   GLU A OE2  1 
ATOM   26  H  H    . GLU A 1 3  ? 23.094  3.553   -8.975  1.00 10.61 ? 2   GLU A H    1 
ATOM   27  H  HA   . GLU A 1 3  ? 21.459  3.454   -6.965  1.00 11.23 ? 2   GLU A HA   1 
ATOM   28  H  HB2  . GLU A 1 3  ? 22.692  5.648   -8.211  1.00 12.36 ? 2   GLU A HB2  1 
ATOM   29  H  HB3  . GLU A 1 3  ? 21.685  5.852   -7.006  1.00 12.23 ? 2   GLU A HB3  1 
ATOM   30  H  HG2  . GLU A 1 3  ? 23.143  4.508   -5.703  1.00 16.49 ? 2   GLU A HG2  1 
ATOM   31  H  HG3  . GLU A 1 3  ? 24.199  4.641   -6.878  1.00 16.48 ? 2   GLU A HG3  1 
ATOM   32  N  N    . ILE A 1 4  ? 20.079  4.631   -9.578  1.00 9.71  ? 3   ILE A N    1 
ATOM   33  C  CA   . ILE A 1 4  ? 18.745  4.967   -10.097 1.00 10.45 ? 3   ILE A CA   1 
ATOM   34  C  C    . ILE A 1 4  ? 17.785  3.808   -9.870  1.00 10.28 ? 3   ILE A C    1 
ATOM   35  O  O    . ILE A 1 4  ? 16.676  3.971   -9.369  1.00 11.00 ? 3   ILE A O    1 
ATOM   36  C  CB   . ILE A 1 4  ? 18.808  5.314   -11.594 1.00 10.65 ? 3   ILE A CB   1 
ATOM   37  C  CG1  . ILE A 1 4  ? 19.589  6.617   -11.796 1.00 11.28 ? 3   ILE A CG1  1 
ATOM   38  C  CG2  . ILE A 1 4  ? 17.405  5.440   -12.190 1.00 11.56 ? 3   ILE A CG2  1 
ATOM   39  C  CD1  . ILE A 1 4  ? 19.975  6.888   -13.226 1.00 13.53 ? 3   ILE A CD1  1 
ATOM   40  H  H    . ILE A 1 4  ? 20.710  4.623   -10.162 1.00 9.90  ? 3   ILE A H    1 
ATOM   41  H  HA   . ILE A 1 4  ? 18.399  5.750   -9.619  1.00 10.30 ? 3   ILE A HA   1 
ATOM   42  H  HB   . ILE A 1 4  ? 19.275  4.601   -12.057 1.00 10.62 ? 3   ILE A HB   1 
ATOM   43  H  HG12 . ILE A 1 4  ? 19.037  7.355   -11.498 1.00 11.63 ? 3   ILE A HG12 1 
ATOM   44  H  HG13 . ILE A 1 4  ? 20.405  6.588   -11.274 1.00 11.39 ? 3   ILE A HG13 1 
ATOM   45  H  HG21 . ILE A 1 4  ? 17.030  4.563   -12.303 1.00 11.31 ? 3   ILE A HG21 1 
ATOM   46  H  HG22 . ILE A 1 4  ? 17.451  5.873   -13.043 1.00 11.12 ? 3   ILE A HG22 1 
ATOM   47  H  HG23 . ILE A 1 4  ? 16.858  5.955   -11.594 1.00 11.23 ? 3   ILE A HG23 1 
ATOM   48  H  HD11 . ILE A 1 4  ? 19.202  6.843   -13.789 1.00 13.36 ? 3   ILE A HD11 1 
ATOM   49  H  HD12 . ILE A 1 4  ? 20.624  6.238   -13.504 1.00 13.66 ? 3   ILE A HD12 1 
ATOM   50  H  HD13 . ILE A 1 4  ? 20.356  7.770   -13.274 1.00 13.43 ? 3   ILE A HD13 1 
ATOM   51  N  N    . GLU A 1 5  ? 18.220  2.600   -10.213 1.00 10.88 ? 4   GLU A N    1 
ATOM   52  C  CA   . GLU A 1 5  ? 17.401  1.421   -10.015 1.00 11.47 ? 4   GLU A CA   1 
ATOM   53  C  C    . GLU A 1 5  ? 17.113  1.151   -8.554  1.00 10.41 ? 4   GLU A C    1 
ATOM   54  O  O    . GLU A 1 5  ? 16.012  0.732   -8.203  1.00 11.07 ? 4   GLU A O    1 
ATOM   55  C  CB   . GLU A 1 5  ? 18.033  0.204   -10.657 1.00 13.71 ? 4   GLU A CB   1 
ATOM   56  H  H    . GLU A 1 5  ? 18.987  2.443   -10.567 1.00 9.91  ? 4   GLU A H    1 
ATOM   57  H  HA   . GLU A 1 5  ? 16.540  1.564   -10.459 1.00 10.73 ? 4   GLU A HA   1 
ATOM   58  H  HB2  . GLU A 1 5  ? 18.920  0.074   -10.285 1.00 10.31 ? 4   GLU A HB2  1 
ATOM   59  H  HB3  . GLU A 1 5  ? 18.092  0.348   -11.613 1.00 10.32 ? 4   GLU A HB3  1 
ATOM   60  N  N    . GLN A 1 6  ? 18.073  1.392   -7.685  1.00 10.62 ? 5   GLN A N    1 
ATOM   61  C  CA   . GLN A 1 6  ? 17.868  1.205   -6.259  1.00 10.63 ? 5   GLN A CA   1 
ATOM   62  C  C    . GLN A 1 6  ? 16.826  2.175   -5.713  1.00 9.90  ? 5   GLN A C    1 
ATOM   63  O  O    . GLN A 1 6  ? 15.982  1.811   -4.902  1.00 10.49 ? 5   GLN A O    1 
ATOM   64  C  CB   . GLN A 1 6  ? 19.183  1.357   -5.526  1.00 12.22 ? 5   GLN A CB   1 
ATOM   65  C  CG   . GLN A 1 6  ? 19.067  1.150   -4.055  1.00 13.85 ? 5   GLN A CG   1 
ATOM   66  C  CD   A GLN A 1 6  ? 18.497  -0.222  -3.634  0.50 15.58 ? 5   GLN A CD   1 
ATOM   67  O  OE1  A GLN A 1 6  ? 17.812  -0.319  -2.618  0.50 18.28 ? 5   GLN A OE1  1 
ATOM   68  N  NE2  A GLN A 1 6  ? 18.775  -1.272  -4.405  0.50 18.01 ? 5   GLN A NE2  1 
ATOM   69  H  H    . GLN A 1 6  ? 18.861  1.665   -7.895  1.00 9.27  ? 5   GLN A H    1 
ATOM   70  H  HA   . GLN A 1 6  ? 17.535  0.296   -6.111  1.00 9.97  ? 5   GLN A HA   1 
ATOM   71  H  HB2  . GLN A 1 6  ? 19.821  0.718   -5.880  1.00 9.19  ? 5   GLN A HB2  1 
ATOM   72  H  HB3  . GLN A 1 6  ? 19.512  2.258   -5.669  1.00 9.52  ? 5   GLN A HB3  1 
ATOM   73  H  HG2  . GLN A 1 6  ? 19.956  1.220   -3.671  1.00 11.21 ? 5   GLN A HG2  1 
ATOM   74  H  HG3  . GLN A 1 6  ? 18.500  1.838   -3.676  1.00 11.69 ? 5   GLN A HG3  1 
ATOM   75  H  HE21 A GLN A 1 6  ? 19.453  -1.259  -4.932  0.50 16.26 ? 5   GLN A HE21 1 
ATOM   76  H  HE22 A GLN A 1 6  ? 18.282  -1.976  -4.363  0.50 16.34 ? 5   GLN A HE22 1 
ATOM   77  N  N    . ALA A 1 7  ? 16.889  3.420   -6.145  1.00 9.85  ? 6   ALA A N    1 
ATOM   78  C  CA   . ALA A 1 7  ? 15.905  4.404   -5.709  1.00 10.16 ? 6   ALA A CA   1 
ATOM   79  C  C    . ALA A 1 7  ? 14.516  4.025   -6.193  1.00 8.87  ? 6   ALA A C    1 
ATOM   80  O  O    . ALA A 1 7  ? 13.560  4.108   -5.451  1.00 9.40  ? 6   ALA A O    1 
ATOM   81  C  CB   . ALA A 1 7  ? 16.276  5.773   -6.199  1.00 10.46 ? 6   ALA A CB   1 
ATOM   82  H  H    . ALA A 1 7  ? 17.487  3.724   -6.684  1.00 9.55  ? 6   ALA A H    1 
ATOM   83  H  HA   . ALA A 1 7  ? 15.890  4.430   -4.730  1.00 9.90  ? 6   ALA A HA   1 
ATOM   84  H  HB1  . ALA A 1 7  ? 16.310  5.763   -7.158  1.00 10.25 ? 6   ALA A HB1  1 
ATOM   85  H  HB2  . ALA A 1 7  ? 17.135  6.011   -5.843  1.00 10.23 ? 6   ALA A HB2  1 
ATOM   86  H  HB3  . ALA A 1 7  ? 15.613  6.401   -5.902  1.00 10.02 ? 6   ALA A HB3  1 
ATOM   87  N  N    . LYS A 1 8  ? 14.420  3.568   -7.428  1.00 8.78  ? 7   LYS A N    1 
ATOM   88  C  CA   . LYS A 1 8  ? 13.154  3.115   -7.965  1.00 9.09  ? 7   LYS A CA   1 
ATOM   89  C  C    . LYS A 1 8  ? 12.608  1.944   -7.150  1.00 8.55  ? 7   LYS A C    1 
ATOM   90  O  O    . LYS A 1 8  ? 11.424  1.918   -6.811  1.00 9.27  ? 7   LYS A O    1 
ATOM   91  C  CB   . LYS A 1 8  ? 13.315  2.740   -9.436  1.00 10.14 ? 7   LYS A CB   1 
ATOM   92  C  CG   . LYS A 1 8  ? 12.047  2.332   -10.136 1.00 12.11 ? 7   LYS A CG   1 
ATOM   93  C  CD   A LYS A 1 8  ? 11.842  0.853   -10.043 0.50 12.34 ? 7   LYS A CD   1 
ATOM   94  C  CE   A LYS A 1 8  ? 10.519  0.410   -10.604 0.50 15.14 ? 7   LYS A CE   1 
ATOM   95  N  NZ   A LYS A 1 8  ? 10.520  -1.056  -10.723 0.50 17.92 ? 7   LYS A NZ   1 
ATOM   96  H  H    . LYS A 1 8  ? 15.078  3.514   -7.981  1.00 7.96  ? 7   LYS A H    1 
ATOM   97  H  HA   . LYS A 1 8  ? 12.505  3.848   -7.912  1.00 8.26  ? 7   LYS A HA   1 
ATOM   98  H  HB2  . LYS A 1 8  ? 13.670  3.510   -9.910  1.00 7.39  ? 7   LYS A HB2  1 
ATOM   99  H  HB3  . LYS A 1 8  ? 13.946  2.005   -9.500  1.00 7.55  ? 7   LYS A HB3  1 
ATOM   100 H  HG2  A LYS A 1 8  ? 11.292  2.774   -9.719  0.50 8.84  ? 7   LYS A HG2  1 
ATOM   101 H  HG3  A LYS A 1 8  ? 12.104  2.574   -11.073 0.50 9.02  ? 7   LYS A HG3  1 
ATOM   102 H  HD2  A LYS A 1 8  ? 12.543  0.411   -10.546 0.50 11.52 ? 7   LYS A HD2  1 
ATOM   103 H  HD3  A LYS A 1 8  ? 11.876  0.572   -9.117  0.50 11.34 ? 7   LYS A HD3  1 
ATOM   104 H  HE2  A LYS A 1 8  ? 9.806   0.672   -10.000 0.50 15.12 ? 7   LYS A HE2  1 
ATOM   105 H  HE3  A LYS A 1 8  ? 10.386  0.799   -11.477 0.50 15.34 ? 7   LYS A HE3  1 
ATOM   106 H  HZ1  A LYS A 1 8  ? 10.550  -1.448  -9.854  0.50 17.89 ? 7   LYS A HZ1  1 
ATOM   107 H  HZ2  A LYS A 1 8  ? 11.281  -1.352  -11.224 0.50 17.61 ? 7   LYS A HZ2  1 
ATOM   108 H  HZ3  A LYS A 1 8  ? 9.730   -1.352  -11.164 0.50 17.45 ? 7   LYS A HZ3  1 
ATOM   109 N  N    . LYS A 1 9  ? 13.458  0.985   -6.806  1.00 8.90  ? 8   LYS A N    1 
ATOM   110 C  CA   . LYS A 1 9  ? 13.051  -0.170  -6.016  1.00 9.29  ? 8   LYS A CA   1 
ATOM   111 C  C    . LYS A 1 9  ? 12.506  0.255   -4.659  1.00 8.65  ? 8   LYS A C    1 
ATOM   112 O  O    . LYS A 1 9  ? 11.481  -0.248  -4.186  1.00 8.88  ? 8   LYS A O    1 
ATOM   113 C  CB   . LYS A 1 9  ? 14.248  -1.102  -5.859  1.00 10.31 ? 8   LYS A CB   1 
ATOM   114 C  CG   . LYS A 1 9  ? 14.003  -2.307  -4.968  1.00 12.15 ? 8   LYS A CG   1 
ATOM   115 C  CD   A LYS A 1 9  ? 15.250  -3.157  -4.866  0.50 10.88 ? 8   LYS A CD   1 
ATOM   116 C  CE   A LYS A 1 9  ? 15.002  -4.466  -4.163  0.50 13.22 ? 8   LYS A CE   1 
ATOM   117 N  NZ   A LYS A 1 9  ? 14.798  -4.315  -2.698  0.50 14.89 ? 8   LYS A NZ   1 
ATOM   118 H  H    . LYS A 1 9  ? 14.289  0.981   -7.028  1.00 7.63  ? 8   LYS A H    1 
ATOM   119 H  HA   . LYS A 1 9  ? 12.346  -0.655  -6.492  1.00 8.47  ? 8   LYS A HA   1 
ATOM   120 H  HB2  . LYS A 1 9  ? 14.505  -1.430  -6.735  1.00 7.78  ? 8   LYS A HB2  1 
ATOM   121 H  HB3  . LYS A 1 9  ? 14.982  -0.601  -5.471  1.00 7.94  ? 8   LYS A HB3  1 
ATOM   122 H  HG2  . LYS A 1 9  ? 13.765  -2.012  -4.076  1.00 9.46  ? 8   LYS A HG2  1 
ATOM   123 H  HG3  . LYS A 1 9  ? 13.292  -2.847  -5.348  1.00 9.44  ? 8   LYS A HG3  1 
ATOM   124 H  HD2  A LYS A 1 9  ? 15.575  -3.350  -5.759  0.50 10.78 ? 8   LYS A HD2  1 
ATOM   125 H  HD3  A LYS A 1 9  ? 15.924  -2.670  -4.366  0.50 11.18 ? 8   LYS A HD3  1 
ATOM   126 H  HE2  A LYS A 1 9  ? 14.204  -4.875  -4.531  0.50 13.09 ? 8   LYS A HE2  1 
ATOM   127 H  HE3  A LYS A 1 9  ? 15.765  -5.049  -4.302  0.50 12.77 ? 8   LYS A HE3  1 
ATOM   128 H  HZ1  A LYS A 1 9  ? 14.253  -3.554  -2.509  0.50 13.36 ? 8   LYS A HZ1  1 
ATOM   129 H  HZ2  A LYS A 1 9  ? 15.647  -4.194  -2.268  0.50 14.06 ? 8   LYS A HZ2  1 
ATOM   130 H  HZ3  A LYS A 1 9  ? 14.375  -5.100  -2.342  0.50 13.65 ? 8   LYS A HZ3  1 
ATOM   131 N  N    . GLU A 1 10 ? 13.181  1.196   -4.013  1.00 8.67  ? 9   GLU A N    1 
ATOM   132 C  CA   . GLU A 1 10 ? 12.762  1.674   -2.715  1.00 9.47  ? 9   GLU A CA   1 
ATOM   133 C  C    . GLU A 1 10 ? 11.419  2.391   -2.784  1.00 8.63  ? 9   GLU A C    1 
ATOM   134 O  O    . GLU A 1 10 ? 10.538  2.174   -1.939  1.00 8.97  ? 9   GLU A O    1 
ATOM   135 C  CB   . GLU A 1 10 ? 13.830  2.601   -2.135  1.00 10.62 ? 9   GLU A CB   1 
ATOM   136 C  CG   . GLU A 1 10 ? 15.079  1.868   -1.668  1.00 13.79 ? 9   GLU A CG   1 
ATOM   137 C  CD   . GLU A 1 10 ? 16.328  2.736   -1.566  1.00 17.31 ? 9   GLU A CD   1 
ATOM   138 O  OE1  . GLU A 1 10 ? 16.271  3.971   -1.814  1.00 25.23 ? 9   GLU A OE1  1 
ATOM   139 O  OE2  . GLU A 1 10 ? 17.392  2.173   -1.251  1.00 23.09 ? 9   GLU A OE2  1 
ATOM   140 H  H    . GLU A 1 10 ? 13.896  1.569   -4.314  1.00 8.48  ? 9   GLU A H    1 
ATOM   141 H  HA   . GLU A 1 10 ? 12.666  0.912   -2.107  1.00 9.37  ? 9   GLU A HA   1 
ATOM   142 H  HB2  . GLU A 1 10 ? 14.085  3.248   -2.812  1.00 10.28 ? 9   GLU A HB2  1 
ATOM   143 H  HB3  . GLU A 1 10 ? 13.458  3.057   -1.366  1.00 10.16 ? 9   GLU A HB3  1 
ATOM   144 H  HG2  . GLU A 1 10 ? 14.908  1.495   -0.789  1.00 13.68 ? 9   GLU A HG2  1 
ATOM   145 H  HG3  . GLU A 1 10 ? 15.272  1.153   -2.293  1.00 13.79 ? 9   GLU A HG3  1 
ATOM   146 N  N    A ILE A 1 11 ? 11.251  3.250   -3.794  0.50 8.27  ? 10  ILE A N    1 
ATOM   147 N  N    B ILE A 1 11 ? 11.236  3.240   -3.799  0.50 8.29  ? 10  ILE A N    1 
ATOM   148 C  CA   A ILE A 1 11 ? 9.995   3.956   -3.978  0.50 8.04  ? 10  ILE A CA   1 
ATOM   149 C  CA   B ILE A 1 11 ? 9.984   3.962   -3.943  0.50 8.25  ? 10  ILE A CA   1 
ATOM   150 C  C    A ILE A 1 11 ? 8.868   2.976   -4.256  0.50 7.84  ? 10  ILE A C    1 
ATOM   151 C  C    B ILE A 1 11 ? 8.839   3.024   -4.321  0.50 8.03  ? 10  ILE A C    1 
ATOM   152 O  O    A ILE A 1 11 ? 7.803   3.050   -3.646  0.50 6.89  ? 10  ILE A O    1 
ATOM   153 O  O    B ILE A 1 11 ? 7.719   3.182   -3.845  0.50 7.97  ? 10  ILE A O    1 
ATOM   154 C  CB   A ILE A 1 11 ? 10.118  5.017   -5.096  0.50 8.05  ? 10  ILE A CB   1 
ATOM   155 C  CB   B ILE A 1 11 ? 10.141  5.131   -4.949  0.50 8.22  ? 10  ILE A CB   1 
ATOM   156 C  CG1  A ILE A 1 11 ? 11.049  6.148   -4.633  0.50 8.02  ? 10  ILE A CG1  1 
ATOM   157 C  CG1  B ILE A 1 11 ? 11.117  6.187   -4.395  0.50 8.97  ? 10  ILE A CG1  1 
ATOM   158 C  CG2  A ILE A 1 11 ? 8.763   5.587   -5.482  0.50 8.04  ? 10  ILE A CG2  1 
ATOM   159 C  CG2  B ILE A 1 11 ? 8.798   5.776   -5.299  0.50 8.50  ? 10  ILE A CG2  1 
ATOM   160 C  CD1  A ILE A 1 11 ? 11.596  7.033   -5.756  0.50 7.58  ? 10  ILE A CD1  1 
ATOM   161 C  CD1  B ILE A 1 11 ? 10.720  6.812   -3.070  0.50 10.78 ? 10  ILE A CD1  1 
ATOM   162 H  H    A ILE A 1 11 ? 11.852  3.433   -4.380  0.50 8.64  ? 10  ILE A H    1 
ATOM   163 H  H    B ILE A 1 11 ? 11.820  3.408   -4.407  0.50 8.36  ? 10  ILE A H    1 
ATOM   164 H  HA   A ILE A 1 11 ? 9.777   4.429   -3.148  0.50 8.09  ? 10  ILE A HA   1 
ATOM   165 H  HA   B ILE A 1 11 ? 9.748   4.352   -3.077  0.50 8.25  ? 10  ILE A HA   1 
ATOM   166 H  HB   A ILE A 1 11 ? 10.508  4.598   -5.879  0.50 7.96  ? 10  ILE A HB   1 
ATOM   167 H  HB   B ILE A 1 11 ? 10.521  4.775   -5.767  0.50 8.15  ? 10  ILE A HB   1 
ATOM   168 H  HG12 A ILE A 1 11 ? 10.559  6.722   -4.023  0.50 7.90  ? 10  ILE A HG12 1 
ATOM   169 H  HG12 B ILE A 1 11 ? 11.985  5.774   -4.268  0.50 8.79  ? 10  ILE A HG12 1 
ATOM   170 H  HG13 A ILE A 1 11 ? 11.811  5.764   -4.174  0.50 7.87  ? 10  ILE A HG13 1 
ATOM   171 H  HG13 B ILE A 1 11 ? 11.195  6.906   -5.042  0.50 8.90  ? 10  ILE A HG13 1 
ATOM   172 H  HG21 A ILE A 1 11 ? 8.278   4.935   -5.993  0.50 7.90  ? 10  ILE A HG21 1 
ATOM   173 H  HG21 B ILE A 1 11 ? 8.357   5.243   -5.965  0.50 8.66  ? 10  ILE A HG21 1 
ATOM   174 H  HG22 A ILE A 1 11 ? 8.890   6.376   -6.013  0.50 8.19  ? 10  ILE A HG22 1 
ATOM   175 H  HG22 B ILE A 1 11 ? 8.953   6.659   -5.645  0.50 8.57  ? 10  ILE A HG22 1 
ATOM   176 H  HG23 A ILE A 1 11 ? 8.278   5.807   -4.684  0.50 7.96  ? 10  ILE A HG23 1 
ATOM   177 H  HG23 B ILE A 1 11 ? 8.258   5.829   -4.507  0.50 8.57  ? 10  ILE A HG23 1 
ATOM   178 H  HD11 A ILE A 1 11 ? 10.871  7.503   -6.171  0.50 7.58  ? 10  ILE A HD11 1 
ATOM   179 H  HD11 B ILE A 1 11 ? 10.956  6.213   -2.359  0.50 10.64 ? 10  ILE A HD11 1 
ATOM   180 H  HD12 A ILE A 1 11 ? 12.039  6.478   -6.402  0.50 7.48  ? 10  ILE A HD12 1 
ATOM   181 H  HD12 B ILE A 1 11 ? 9.774   6.974   -3.061  0.50 10.23 ? 10  ILE A HD12 1 
ATOM   182 H  HD13 A ILE A 1 11 ? 12.219  7.660   -5.382  0.50 7.60  ? 10  ILE A HD13 1 
ATOM   183 H  HD13 B ILE A 1 11 ? 11.193  7.642   -2.964  0.50 10.42 ? 10  ILE A HD13 1 
ATOM   184 N  N    . ALA A 1 12 ? 9.127   2.010   -5.131  1.00 7.83  ? 11  ALA A N    1 
ATOM   185 C  CA   . ALA A 1 12 ? 8.121   1.002   -5.460  1.00 8.06  ? 11  ALA A CA   1 
ATOM   186 C  C    . ALA A 1 12 ? 7.657   0.253   -4.210  1.00 7.90  ? 11  ALA A C    1 
ATOM   187 O  O    . ALA A 1 12 ? 6.464   0.013   -4.035  1.00 8.05  ? 11  ALA A O    1 
ATOM   188 C  CB   . ALA A 1 12 ? 8.641   0.041   -6.477  1.00 8.73  ? 11  ALA A CB   1 
ATOM   189 H  H    . ALA A 1 12 ? 9.882   1.900   -5.529  1.00 7.91  ? 11  ALA A H    1 
ATOM   190 H  HA   . ALA A 1 12 ? 7.340   1.449   -5.847  1.00 8.14  ? 11  ALA A HA   1 
ATOM   191 H  HB1  . ALA A 1 12 ? 9.413   -0.406  -6.119  1.00 8.23  ? 11  ALA A HB1  1 
ATOM   192 H  HB2  . ALA A 1 12 ? 8.883   0.525   -7.270  1.00 8.31  ? 11  ALA A HB2  1 
ATOM   193 H  HB3  . ALA A 1 12 ? 7.957   -0.601  -6.680  1.00 8.29  ? 11  ALA A HB3  1 
ATOM   194 N  N    . TYR A 1 13 ? 8.576   -0.075  -3.310  1.00 7.94  ? 12  TYR A N    1 
ATOM   195 C  CA   . TYR A 1 13 ? 8.197   -0.777  -2.078  1.00 8.45  ? 12  TYR A CA   1 
ATOM   196 C  C    . TYR A 1 13 ? 7.328   0.098   -1.180  1.00 7.52  ? 12  TYR A C    1 
ATOM   197 O  O    . TYR A 1 13 ? 6.354   -0.361  -0.599  1.00 8.06  ? 12  TYR A O    1 
ATOM   198 C  CB   . TYR A 1 13 ? 9.458   -1.246  -1.359  1.00 9.80  ? 12  TYR A CB   1 
ATOM   199 C  CG   . TYR A 1 13 ? 9.245   -2.031  -0.076  1.00 11.07 ? 12  TYR A CG   1 
ATOM   200 C  CD1  . TYR A 1 13 ? 8.448   -3.157  -0.027  1.00 13.85 ? 12  TYR A CD1  1 
ATOM   201 C  CD2  . TYR A 1 13 ? 9.909   -1.652  1.079   1.00 15.51 ? 12  TYR A CD2  1 
ATOM   202 C  CE1  . TYR A 1 13 ? 8.291   -3.887  1.190   1.00 14.54 ? 12  TYR A CE1  1 
ATOM   203 C  CE2  . TYR A 1 13 ? 9.776   -2.350  2.265   1.00 16.23 ? 12  TYR A CE2  1 
ATOM   204 C  CZ   . TYR A 1 13 ? 8.963   -3.452  2.319   1.00 13.76 ? 12  TYR A CZ   1 
ATOM   205 O  OH   . TYR A 1 13 ? 8.882   -4.155  3.509   1.00 16.36 ? 12  TYR A OH   1 
ATOM   206 H  H    . TYR A 1 13 ? 9.417   0.091   -3.385  1.00 8.00  ? 12  TYR A H    1 
ATOM   207 H  HA   . TYR A 1 13 ? 7.676   -1.572  -2.310  1.00 8.45  ? 12  TYR A HA   1 
ATOM   208 H  HB2  . TYR A 1 13 ? 9.956   -1.818  -1.964  1.00 9.12  ? 12  TYR A HB2  1 
ATOM   209 H  HB3  . TYR A 1 13 ? 9.991   -0.466  -1.144  1.00 9.30  ? 12  TYR A HB3  1 
ATOM   210 H  HD1  . TYR A 1 13 ? 7.997   -3.434  -0.791  1.00 14.73 ? 12  TYR A HD1  1 
ATOM   211 H  HD2  . TYR A 1 13 ? 10.461  -0.904  1.059   1.00 14.65 ? 12  TYR A HD2  1 
ATOM   212 H  HE1  . TYR A 1 13 ? 7.752   -4.645  1.222   1.00 13.51 ? 12  TYR A HE1  1 
ATOM   213 H  HE2  . TYR A 1 13 ? 10.234  -2.067  3.021   1.00 13.94 ? 12  TYR A HE2  1 
ATOM   214 H  HH   . TYR A 1 13 ? 9.221   -4.931  3.406   0.00 18.59 ? 12  TYR A HH   1 
ATOM   215 N  N    . LEU A 1 14 ? 7.630   1.386   -1.108  1.00 7.71  ? 13  LEU A N    1 
ATOM   216 C  CA   . LEU A 1 14 ? 6.813   2.288   -0.327  1.00 7.71  ? 13  LEU A CA   1 
ATOM   217 C  C    . LEU A 1 14 ? 5.413   2.417   -0.885  1.00 7.12  ? 13  LEU A C    1 
ATOM   218 O  O    . LEU A 1 14 ? 4.436   2.431   -0.146  1.00 7.72  ? 13  LEU A O    1 
ATOM   219 C  CB   . LEU A 1 14 ? 7.476   3.658   -0.242  1.00 8.77  ? 13  LEU A CB   1 
ATOM   220 C  CG   . LEU A 1 14 ? 8.791   3.697   0.532   1.00 10.74 ? 13  LEU A CG   1 
ATOM   221 C  CD1  . LEU A 1 14 ? 9.493   5.040   0.312   1.00 12.74 ? 13  LEU A CD1  1 
ATOM   222 C  CD2  . LEU A 1 14 ? 8.582   3.446   1.991   1.00 12.86 ? 13  LEU A CD2  1 
ATOM   223 H  H    . LEU A 1 14 ? 8.301   1.754   -1.501  1.00 7.62  ? 13  LEU A H    1 
ATOM   224 H  HA   . LEU A 1 14 ? 6.732   1.935   0.583   1.00 7.85  ? 13  LEU A HA   1 
ATOM   225 H  HB2  . LEU A 1 14 ? 7.656   3.971   -1.142  1.00 8.37  ? 13  LEU A HB2  1 
ATOM   226 H  HB3  . LEU A 1 14 ? 6.864   4.269   0.195   1.00 8.38  ? 13  LEU A HB3  1 
ATOM   227 H  HG   . LEU A 1 14 ? 9.376   3.001   0.198   1.00 10.75 ? 13  LEU A HG   1 
ATOM   228 H  HD11 . LEU A 1 14 ? 9.724   5.122   -0.616  1.00 12.07 ? 13  LEU A HD11 1 
ATOM   229 H  HD12 . LEU A 1 14 ? 10.287  5.073   0.851   1.00 12.04 ? 13  LEU A HD12 1 
ATOM   230 H  HD13 . LEU A 1 14 ? 8.897   5.750   0.563   1.00 12.39 ? 13  LEU A HD13 1 
ATOM   231 H  HD21 . LEU A 1 14 ? 8.313   2.535   2.119   1.00 12.37 ? 13  LEU A HD21 1 
ATOM   232 H  HD22 . LEU A 1 14 ? 7.899   4.038   2.315   1.00 12.76 ? 13  LEU A HD22 1 
ATOM   233 H  HD23 . LEU A 1 14 ? 9.404   3.611   2.459   1.00 12.11 ? 13  LEU A HD23 1 
ATOM   234 N  N    . ILE A 1 15 ? 5.287   2.501   -2.209  1.00 7.46  ? 14  ILE A N    1 
ATOM   235 C  CA   . ILE A 1 15 ? 3.971   2.540   -2.843  1.00 7.84  ? 14  ILE A CA   1 
ATOM   236 C  C    . ILE A 1 15 ? 3.211   1.245   -2.588  1.00 7.74  ? 14  ILE A C    1 
ATOM   237 O  O    . ILE A 1 15 ? 2.030   1.286   -2.258  1.00 8.54  ? 14  ILE A O    1 
ATOM   238 C  CB   . ILE A 1 15 ? 4.093   2.825   -4.361  1.00 8.07  ? 14  ILE A CB   1 
ATOM   239 C  CG1  . ILE A 1 15 ? 4.679   4.221   -4.582  1.00 9.22  ? 14  ILE A CG1  1 
ATOM   240 C  CG2  . ILE A 1 15 ? 2.768   2.645   -5.055  1.00 9.10  ? 14  ILE A CG2  1 
ATOM   241 C  CD1  . ILE A 1 15 ? 5.144   4.455   -6.017  1.00 10.58 ? 14  ILE A CD1  1 
ATOM   242 H  H    . ILE A 1 15 ? 5.949   2.530   -2.756  1.00 7.43  ? 14  ILE A H    1 
ATOM   243 H  HA   . ILE A 1 15 ? 3.453   3.272   -2.448  1.00 7.83  ? 14  ILE A HA   1 
ATOM   244 H  HB   . ILE A 1 15 ? 4.713   2.179   -4.736  1.00 7.98  ? 14  ILE A HB   1 
ATOM   245 H  HG12 . ILE A 1 15 ? 3.995   4.879   -4.385  1.00 8.97  ? 14  ILE A HG12 1 
ATOM   246 H  HG13 . ILE A 1 15 ? 5.439   4.358   -3.999  1.00 9.19  ? 14  ILE A HG13 1 
ATOM   247 H  HG21 . ILE A 1 15 ? 2.572   1.708   -5.133  1.00 8.79  ? 14  ILE A HG21 1 
ATOM   248 H  HG22 . ILE A 1 15 ? 2.810   3.032   -5.930  1.00 8.69  ? 14  ILE A HG22 1 
ATOM   249 H  HG23 . ILE A 1 15 ? 2.085   3.082   -4.540  1.00 8.58  ? 14  ILE A HG23 1 
ATOM   250 H  HD11 . ILE A 1 15 ? 4.378   4.517   -6.592  1.00 10.40 ? 14  ILE A HD11 1 
ATOM   251 H  HD12 . ILE A 1 15 ? 5.699   3.721   -6.288  1.00 10.64 ? 14  ILE A HD12 1 
ATOM   252 H  HD13 . ILE A 1 15 ? 5.644   5.274   -6.052  1.00 10.30 ? 14  ILE A HD13 1 
ATOM   253 N  N    A LYS A 1 16 ? 3.882   0.106   -2.704  0.50 8.13  ? 15  LYS A N    1 
ATOM   254 N  N    B LYS A 1 16 ? 3.881   0.098   -2.738  0.50 8.00  ? 15  LYS A N    1 
ATOM   255 C  CA   A LYS A 1 16 ? 3.232   -1.184  -2.514  0.50 8.84  ? 15  LYS A CA   1 
ATOM   256 C  CA   B LYS A 1 16 ? 3.275   -1.216  -2.475  0.50 8.72  ? 15  LYS A CA   1 
ATOM   257 C  C    A LYS A 1 16 ? 2.700   -1.328  -1.086  0.50 8.18  ? 15  LYS A C    1 
ATOM   258 C  C    B LYS A 1 16 ? 2.666   -1.239  -1.089  0.50 7.99  ? 15  LYS A C    1 
ATOM   259 O  O    A LYS A 1 16 ? 1.592   -1.841  -0.875  0.50 8.12  ? 15  LYS A O    1 
ATOM   260 O  O    B LYS A 1 16 ? 1.487   -1.566  -0.908  0.50 7.75  ? 15  LYS A O    1 
ATOM   261 C  CB   A LYS A 1 16 ? 4.229   -2.292  -2.862  0.50 9.80  ? 15  LYS A CB   1 
ATOM   262 C  CB   B LYS A 1 16 ? 4.331   -2.328  -2.597  0.50 9.63  ? 15  LYS A CB   1 
ATOM   263 C  CG   A LYS A 1 16 ? 3.702   -3.707  -2.814  0.50 10.06 ? 15  LYS A CG   1 
ATOM   264 C  CG   B LYS A 1 16 ? 3.862   -3.719  -2.186  0.50 10.52 ? 15  LYS A CG   1 
ATOM   265 C  CD   A LYS A 1 16 ? 4.792   -4.669  -3.256  0.50 12.39 ? 15  LYS A CD   1 
ATOM   266 C  CD   B LYS A 1 16 ? 4.888   -4.779  -2.561  0.50 12.72 ? 15  LYS A CD   1 
ATOM   267 C  CE   A LYS A 1 16 ? 4.351   -6.111  -3.306  0.50 15.71 ? 15  LYS A CE   1 
ATOM   268 C  CE   B LYS A 1 16 ? 4.334   -6.189  -2.421  0.50 15.50 ? 15  LYS A CE   1 
ATOM   269 N  NZ   A LYS A 1 16 ? 3.427   -6.378  -4.420  0.50 20.28 ? 15  LYS A NZ   1 
ATOM   270 N  NZ   B LYS A 1 16 ? 4.119   -6.603  -1.040  0.50 18.78 ? 15  LYS A NZ   1 
ATOM   271 H  H    A LYS A 1 16 ? 4.719   0.055   -2.896  0.50 8.63  ? 15  LYS A H    1 
ATOM   272 H  H    B LYS A 1 16 ? 4.700   0.054   -2.998  0.50 8.10  ? 15  LYS A H    1 
ATOM   273 H  HA   A LYS A 1 16 ? 2.472   -1.254  -3.129  0.50 8.85  ? 15  LYS A HA   1 
ATOM   274 H  HA   B LYS A 1 16 ? 2.565   -1.387  -3.130  0.50 8.67  ? 15  LYS A HA   1 
ATOM   275 H  HB2  A LYS A 1 16 ? 4.550   -2.137  -3.764  0.50 9.32  ? 15  LYS A HB2  1 
ATOM   276 H  HB2  B LYS A 1 16 ? 4.617   -2.376  -3.523  0.50 9.32  ? 15  LYS A HB2  1 
ATOM   277 H  HB3  A LYS A 1 16 ? 4.973   -2.239  -2.243  0.50 9.54  ? 15  LYS A HB3  1 
ATOM   278 H  HB3  B LYS A 1 16 ? 5.089   -2.100  -2.036  0.50 9.29  ? 15  LYS A HB3  1 
ATOM   279 H  HG2  A LYS A 1 16 ? 3.448   -3.931  -1.905  0.50 10.39 ? 15  LYS A HG2  1 
ATOM   280 H  HG2  B LYS A 1 16 ? 3.733   -3.747  -1.227  0.50 10.89 ? 15  LYS A HG2  1 
ATOM   281 H  HG3  A LYS A 1 16 ? 2.945   -3.791  -3.409  0.50 10.50 ? 15  LYS A HG3  1 
ATOM   282 H  HG3  B LYS A 1 16 ? 3.031   -3.923  -2.643  0.50 10.66 ? 15  LYS A HG3  1 
ATOM   283 H  HD2  A LYS A 1 16 ? 5.096   -4.417  -4.141  0.50 12.65 ? 15  LYS A HD2  1 
ATOM   284 H  HD2  B LYS A 1 16 ? 5.148   -4.654  -3.487  0.50 13.08 ? 15  LYS A HD2  1 
ATOM   285 H  HD3  A LYS A 1 16 ? 5.529   -4.610  -2.627  0.50 12.84 ? 15  LYS A HD3  1 
ATOM   286 H  HD3  B LYS A 1 16 ? 5.665   -4.695  -1.988  0.50 13.14 ? 15  LYS A HD3  1 
ATOM   287 H  HE2  A LYS A 1 16 ? 5.132   -6.673  -3.430  0.50 16.14 ? 15  LYS A HE2  1 
ATOM   288 H  HE2  B LYS A 1 16 ? 3.478   -6.236  -2.877  0.50 15.98 ? 15  LYS A HE2  1 
ATOM   289 H  HE3  A LYS A 1 16 ? 3.905   -6.339  -2.476  0.50 15.45 ? 15  LYS A HE3  1 
ATOM   290 H  HE3  B LYS A 1 16 ? 4.956   -6.813  -2.826  0.50 15.75 ? 15  LYS A HE3  1 
ATOM   291 H  HZ1  A LYS A 1 16 ? 3.898   -6.343  -5.251  0.50 20.46 ? 15  LYS A HZ1  1 
ATOM   292 H  HZ1  B LYS A 1 16 ? 3.495   -6.014  -0.609  0.50 17.62 ? 15  LYS A HZ1  1 
ATOM   293 H  HZ2  A LYS A 1 16 ? 2.709   -5.740  -4.429  0.50 19.97 ? 15  LYS A HZ2  1 
ATOM   294 H  HZ2  B LYS A 1 16 ? 4.947   -6.613  -0.566  0.50 17.40 ? 15  LYS A HZ2  1 
ATOM   295 H  HZ3  A LYS A 1 16 ? 3.053   -7.256  -4.322  0.50 19.73 ? 15  LYS A HZ3  1 
ATOM   296 H  HZ3  B LYS A 1 16 ? 3.760   -7.488  -1.023  0.50 17.75 ? 15  LYS A HZ3  1 
ATOM   297 N  N    . LYS A 1 17 ? 3.464   -0.863  -0.101  1.00 8.20  ? 16  LYS A N    1 
ATOM   298 C  CA   . LYS A 1 17 ? 3.023   -0.916  1.283   1.00 8.87  ? 16  LYS A CA   1 
ATOM   299 C  C    . LYS A 1 17 ? 1.871   0.038   1.532   1.00 8.25  ? 16  LYS A C    1 
ATOM   300 O  O    . LYS A 1 17 ? 0.921   -0.306  2.242   1.00 9.64  ? 16  LYS A O    1 
ATOM   301 C  CB   . LYS A 1 17 ? 4.166   -0.608  2.242   1.00 9.68  ? 16  LYS A CB   1 
ATOM   302 C  CG   . LYS A 1 17 ? 5.180   -1.695  2.357   1.00 11.32 ? 16  LYS A CG   1 
ATOM   303 C  CD   . LYS A 1 17 ? 6.180   -1.408  3.495   1.00 13.10 ? 16  LYS A CD   1 
ATOM   304 C  CE   . LYS A 1 17 ? 7.153   -0.338  3.094   1.00 15.13 ? 16  LYS A CE   1 
ATOM   305 N  NZ   . LYS A 1 17 ? 8.098   0.021   4.173   1.00 17.79 ? 16  LYS A NZ   1 
ATOM   306 H  H    . LYS A 1 17 ? 4.256   -0.545  -0.209  1.00 8.27  ? 16  LYS A H    1 
ATOM   307 H  HA   . LYS A 1 17 ? 2.710   -1.822  1.484   1.00 8.85  ? 16  LYS A HA   1 
ATOM   308 H  HB2  . LYS A 1 17 ? 4.617   0.195   1.937   1.00 9.47  ? 16  LYS A HB2  1 
ATOM   309 H  HB3  . LYS A 1 17 ? 3.797   -0.457  3.127   1.00 9.46  ? 16  LYS A HB3  1 
ATOM   310 H  HG2  . LYS A 1 17 ? 4.731   -2.532  2.552   1.00 11.02 ? 16  LYS A HG2  1 
ATOM   311 H  HG3  . LYS A 1 17 ? 5.674   -1.766  1.526   1.00 11.19 ? 16  LYS A HG3  1 
ATOM   312 H  HD2  . LYS A 1 17 ? 5.701   -1.109  4.283   1.00 13.30 ? 16  LYS A HD2  1 
ATOM   313 H  HD3  . LYS A 1 17 ? 6.681   -2.215  3.692   1.00 13.07 ? 16  LYS A HD3  1 
ATOM   314 H  HE2  . LYS A 1 17 ? 7.663   -0.646  2.332   1.00 15.77 ? 16  LYS A HE2  1 
ATOM   315 H  HE3  . LYS A 1 17 ? 6.666   0.463   2.851   1.00 15.34 ? 16  LYS A HE3  1 
ATOM   316 H  HZ1  . LYS A 1 17 ? 8.828   -0.597  4.188   1.00 18.01 ? 16  LYS A HZ1  1 
ATOM   317 H  HZ2  . LYS A 1 17 ? 7.653   0.002   5.024   1.00 18.29 ? 16  LYS A HZ2  1 
ATOM   318 H  HZ3  . LYS A 1 17 ? 8.435   0.905   4.024   1.00 18.12 ? 16  LYS A HZ3  1 
ATOM   319 N  N    . ALA A 1 18 ? 1.937   1.233   0.959   1.00 8.05  ? 17  ALA A N    1 
ATOM   320 C  CA   . ALA A 1 18 ? 0.888   2.205   1.164   1.00 8.28  ? 17  ALA A CA   1 
ATOM   321 C  C    . ALA A 1 18 ? -0.422  1.729   0.565   1.00 7.58  ? 17  ALA A C    1 
ATOM   322 O  O    . ALA A 1 18 ? -1.472  1.792   1.193   1.00 8.24  ? 17  ALA A O    1 
ATOM   323 C  CB   . ALA A 1 18 ? 1.292   3.544   0.567   1.00 9.42  ? 17  ALA A CB   1 
ATOM   324 H  H    . ALA A 1 18 ? 2.580   1.500   0.453   1.00 8.14  ? 17  ALA A H    1 
ATOM   325 H  HA   . ALA A 1 18 ? 0.752   2.334   2.125   1.00 8.30  ? 17  ALA A HA   1 
ATOM   326 H  HB1  . ALA A 1 18 ? 1.460   3.431   -0.372  1.00 8.61  ? 17  ALA A HB1  1 
ATOM   327 H  HB2  . ALA A 1 18 ? 2.088   3.854   1.007   1.00 8.60  ? 17  ALA A HB2  1 
ATOM   328 H  HB3  . ALA A 1 18 ? 0.579   4.173   0.699   1.00 8.43  ? 17  ALA A HB3  1 
ATOM   329 N  N    . LYS A 1 19 ? -0.352  1.233   -0.668  1.00 7.79  ? 18  LYS A N    1 
ATOM   330 C  CA   . LYS A 1 19 ? -1.518  0.719   -1.367  1.00 8.14  ? 18  LYS A CA   1 
ATOM   331 C  C    . LYS A 1 19 ? -2.168  -0.377  -0.568  1.00 7.74  ? 18  LYS A C    1 
ATOM   332 O  O    . LYS A 1 19 ? -3.387  -0.396  -0.364  1.00 8.54  ? 18  LYS A O    1 
ATOM   333 C  CB   . LYS A 1 19 ? -1.119  0.210   -2.769  1.00 8.61  ? 18  LYS A CB   1 
ATOM   334 C  CG   . LYS A 1 19 ? -2.234  -0.368  -3.584  1.00 10.08 ? 18  LYS A CG   1 
ATOM   335 C  CD   . LYS A 1 19 ? -1.673  -0.915  -4.871  1.00 11.78 ? 18  LYS A CD   1 
ATOM   336 C  CE   A LYS A 1 19 ? -2.666  -1.492  -5.816  0.50 11.14 ? 18  LYS A CE   1 
ATOM   337 N  NZ   A LYS A 1 19 ? -1.997  -1.852  -7.102  0.50 14.08 ? 18  LYS A NZ   1 
ATOM   338 H  H    . LYS A 1 19 ? 0.374   1.187   -1.127  1.00 7.10  ? 18  LYS A H    1 
ATOM   339 H  HA   . LYS A 1 19 ? -2.169  1.442   -1.479  1.00 7.40  ? 18  LYS A HA   1 
ATOM   340 H  HB2  . LYS A 1 19 ? -0.746  0.952   -3.270  1.00 6.33  ? 18  LYS A HB2  1 
ATOM   341 H  HB3  . LYS A 1 19 ? -0.446  -0.481  -2.662  1.00 6.56  ? 18  LYS A HB3  1 
ATOM   342 H  HG2  . LYS A 1 19 ? -2.660  -1.096  -3.107  1.00 6.94  ? 18  LYS A HG2  1 
ATOM   343 H  HG3  . LYS A 1 19 ? -2.877  0.327   -3.796  1.00 7.21  ? 18  LYS A HG3  1 
ATOM   344 H  HD2  . LYS A 1 19 ? -1.218  -0.195  -5.335  1.00 8.93  ? 18  LYS A HD2  1 
ATOM   345 H  HD3  . LYS A 1 19 ? -1.036  -1.614  -4.655  1.00 9.00  ? 18  LYS A HD3  1 
ATOM   346 H  HE2  A LYS A 1 19 ? -3.034  -2.298  -5.424  0.50 10.98 ? 18  LYS A HE2  1 
ATOM   347 H  HE3  A LYS A 1 19 ? -3.368  -0.849  -5.995  0.50 11.10 ? 18  LYS A HE3  1 
ATOM   348 H  HZ1  A LYS A 1 19 ? -1.154  -2.274  -6.931  0.50 14.04 ? 18  LYS A HZ1  1 
ATOM   349 H  HZ2  A LYS A 1 19 ? -1.848  -1.061  -7.624  0.50 13.60 ? 18  LYS A HZ2  1 
ATOM   350 H  HZ3  A LYS A 1 19 ? -2.556  -2.451  -7.596  0.50 13.63 ? 18  LYS A HZ3  1 
HETATM 351 N  N    . CGU A 1 20 ? -1.361  -1.334  -0.117  1.00 8.00  ? 19  CGU A N    1 
HETATM 352 C  CA   . CGU A 1 20 ? -1.917  -2.471  0.584   1.00 9.56  ? 19  CGU A CA   1 
HETATM 353 C  C    . CGU A 1 20 ? -2.585  -2.054  1.896   1.00 8.58  ? 19  CGU A C    1 
HETATM 354 O  O    . CGU A 1 20 ? -3.676  -2.523  2.212   1.00 8.67  ? 19  CGU A O    1 
HETATM 355 C  CB   . CGU A 1 20 ? -0.906  -3.577  0.776   1.00 11.64 ? 19  CGU A CB   1 
HETATM 356 C  CG   . CGU A 1 20 ? -1.523  -4.804  1.472   1.00 12.64 ? 19  CGU A CG   1 
HETATM 357 C  CD1  . CGU A 1 20 ? -0.514  -5.878  1.828   1.00 15.16 ? 19  CGU A CD1  1 
HETATM 358 C  CD2  . CGU A 1 20 ? -2.658  -5.547  0.707   1.00 14.96 ? 19  CGU A CD2  1 
HETATM 359 O  OE11 . CGU A 1 20 ? 0.666   -5.719  1.450   1.00 18.43 ? 19  CGU A OE11 1 
HETATM 360 O  OE12 . CGU A 1 20 ? -0.869  -6.908  2.479   1.00 15.27 ? 19  CGU A OE12 1 
HETATM 361 O  OE21 . CGU A 1 20 ? -3.285  -6.504  1.292   1.00 16.06 ? 19  CGU A OE21 1 
HETATM 362 O  OE22 . CGU A 1 20 ? -2.891  -5.257  -0.502  1.00 19.30 ? 19  CGU A OE22 1 
HETATM 363 H  H    . CGU A 1 20 ? -0.505  -1.345  -0.205  1.00 7.92  ? 19  CGU A H    1 
HETATM 364 H  HA   . CGU A 1 20 ? -2.628  -2.836  0.019   1.00 9.48  ? 19  CGU A HA   1 
HETATM 365 H  HB2  . CGU A 1 20 ? -0.179  -3.247  1.327   1.00 10.74 ? 19  CGU A HB2  1 
HETATM 366 H  HB3  . CGU A 1 20 ? -0.569  -3.856  -0.091  1.00 10.59 ? 19  CGU A HB3  1 
HETATM 367 H  HG   . CGU A 1 20 ? -1.897  -4.493  2.306   1.00 13.08 ? 19  CGU A HG   1 
ATOM   368 N  N    A GLU A 1 21 ? -1.963  -1.156  2.659   1.00 8.27  ? 20  GLU A N    1 
ATOM   369 C  CA   A GLU A 1 21 ? -2.549  -0.730  3.923   1.00 9.11  ? 20  GLU A CA   1 
ATOM   370 C  C    A GLU A 1 21 ? -3.865  0.019   3.707   1.00 7.85  ? 20  GLU A C    1 
ATOM   371 O  O    A GLU A 1 21 ? -4.837  -0.178  4.439   1.00 8.28  ? 20  GLU A O    1 
ATOM   372 C  CB   A GLU A 1 21 ? -1.609  0.121   4.728   1.00 10.89 ? 20  GLU A CB   1 
ATOM   373 C  CG   A GLU A 1 21 ? -2.088  0.252   6.157   1.00 15.12 ? 20  GLU A CG   1 
ATOM   374 C  CD   A GLU A 1 21 ? -1.078  0.794   7.116   1.00 20.34 ? 20  GLU A CD   1 
ATOM   375 O  OE1  A GLU A 1 21 ? 0.045   1.100   6.686   1.00 25.27 ? 20  GLU A OE1  1 
ATOM   376 O  OE2  A GLU A 1 21 ? -1.430  0.921   8.311   1.00 24.19 ? 20  GLU A OE2  1 
ATOM   377 H  H    A GLU A 1 21 ? -1.209  -0.788  2.468   1.00 8.75  ? 20  GLU A H    1 
ATOM   378 H  HA   A GLU A 1 21 ? -2.750  -1.529  4.452   1.00 9.09  ? 20  GLU A HA   1 
ATOM   379 H  HB2  A GLU A 1 21 ? -0.735  -0.298  4.733   1.00 10.13 ? 20  GLU A HB2  1 
ATOM   380 H  HB3  A GLU A 1 21 ? -1.556  1.008   4.339   1.00 10.34 ? 20  GLU A HB3  1 
ATOM   381 H  HG2  A GLU A 1 21 ? -2.853  0.846   6.178   1.00 14.29 ? 20  GLU A HG2  1 
ATOM   382 H  HG3  A GLU A 1 21 ? -2.348  -0.625  6.480   1.00 14.57 ? 20  GLU A HG3  1 
ATOM   383 N  N    . ILE A 1 22 ? -3.915  0.875   2.683   1.00 7.10  ? 21  ILE A N    1 
ATOM   384 C  CA   . ILE A 1 22 ? -5.127  1.614   2.377   1.00 6.92  ? 21  ILE A CA   1 
ATOM   385 C  C    . ILE A 1 22 ? -6.257  0.674   1.930   1.00 6.74  ? 21  ILE A C    1 
ATOM   386 O  O    . ILE A 1 22 ? -7.373  0.788   2.410   1.00 7.13  ? 21  ILE A O    1 
ATOM   387 C  CB   . ILE A 1 22 ? -4.832  2.694   1.354   1.00 6.60  ? 21  ILE A CB   1 
ATOM   388 C  CG1  . ILE A 1 22 ? -3.902  3.769   1.942   1.00 7.43  ? 21  ILE A CG1  1 
ATOM   389 C  CG2  . ILE A 1 22 ? -6.124  3.317   0.821   1.00 6.96  ? 21  ILE A CG2  1 
ATOM   390 C  CD1  . ILE A 1 22 ? -3.257  4.675   0.896   1.00 8.31  ? 21  ILE A CD1  1 
ATOM   391 H  H    . ILE A 1 22 ? -3.256  1.034   2.156   1.00 7.31  ? 21  ILE A H    1 
ATOM   392 H  HA   . ILE A 1 22 ? -5.429  2.066   3.192   1.00 6.90  ? 21  ILE A HA   1 
ATOM   393 H  HB   . ILE A 1 22 ? -4.375  2.282   0.604   1.00 6.64  ? 21  ILE A HB   1 
ATOM   394 H  HG12 . ILE A 1 22 ? -4.422  4.332   2.535   1.00 7.05  ? 21  ILE A HG12 1 
ATOM   395 H  HG13 . ILE A 1 22 ? -3.190  3.343   2.442   1.00 7.19  ? 21  ILE A HG13 1 
ATOM   396 H  HG21 . ILE A 1 22 ? -6.540  2.708   0.205   1.00 6.75  ? 21  ILE A HG21 1 
ATOM   397 H  HG22 . ILE A 1 22 ? -5.919  4.137   0.367   1.00 6.70  ? 21  ILE A HG22 1 
ATOM   398 H  HG23 . ILE A 1 22 ? -6.714  3.494   1.558   1.00 6.60  ? 21  ILE A HG23 1 
ATOM   399 H  HD11 . ILE A 1 22 ? -3.932  5.224   0.492   1.00 7.90  ? 21  ILE A HD11 1 
ATOM   400 H  HD12 . ILE A 1 22 ? -2.832  4.130   0.230   1.00 7.91  ? 21  ILE A HD12 1 
ATOM   401 H  HD13 . ILE A 1 22 ? -2.604  5.230   1.329   1.00 7.81  ? 21  ILE A HD13 1 
ATOM   402 N  N    . LEU A 1 23 ? -5.958  -0.272  1.041   1.00 6.77  ? 22  LEU A N    1 
ATOM   403 C  CA   . LEU A 1 23 ? -6.966  -1.219  0.617   1.00 7.03  ? 22  LEU A CA   1 
ATOM   404 C  C    . LEU A 1 23 ? -7.470  -2.062  1.770   1.00 7.35  ? 22  LEU A C    1 
ATOM   405 O  O    . LEU A 1 23 ? -8.661  -2.351  1.873   1.00 8.08  ? 22  LEU A O    1 
ATOM   406 C  CB   . LEU A 1 23 ? -6.443  -2.112  -0.514  1.00 7.89  ? 22  LEU A CB   1 
ATOM   407 C  CG   . LEU A 1 23 ? -6.207  -1.356  -1.828  1.00 8.35  ? 22  LEU A CG   1 
ATOM   408 C  CD1  . LEU A 1 23 ? -5.525  -2.272  -2.810  1.00 10.71 ? 22  LEU A CD1  1 
ATOM   409 C  CD2  . LEU A 1 23 ? -7.481  -0.785  -2.403  1.00 10.72 ? 22  LEU A CD2  1 
ATOM   410 H  H    . LEU A 1 23 ? -5.184  -0.378  0.679   1.00 6.83  ? 22  LEU A H    1 
ATOM   411 H  HA   . LEU A 1 23 ? -7.736  -0.721  0.274   1.00 7.25  ? 22  LEU A HA   1 
ATOM   412 H  HB2  . LEU A 1 23 ? -5.601  -2.507  -0.238  1.00 7.37  ? 22  LEU A HB2  1 
ATOM   413 H  HB3  . LEU A 1 23 ? -7.092  -2.812  -0.688  1.00 7.35  ? 22  LEU A HB3  1 
ATOM   414 H  HG   . LEU A 1 23 ? -5.610  -0.612  -1.658  1.00 8.63  ? 22  LEU A HG   1 
ATOM   415 H  HD11 . LEU A 1 23 ? -4.724  -2.620  -2.411  1.00 10.16 ? 22  LEU A HD11 1 
ATOM   416 H  HD12 . LEU A 1 23 ? -5.306  -1.775  -3.601  1.00 10.03 ? 22  LEU A HD12 1 
ATOM   417 H  HD13 . LEU A 1 23 ? -6.121  -2.993  -3.029  1.00 10.25 ? 22  LEU A HD13 1 
ATOM   418 H  HD21 . LEU A 1 23 ? -7.732  -0.008  -1.900  1.00 10.12 ? 22  LEU A HD21 1 
ATOM   419 H  HD22 . LEU A 1 23 ? -8.173  -1.449  -2.350  1.00 9.95  ? 22  LEU A HD22 1 
ATOM   420 H  HD23 . LEU A 1 23 ? -7.330  -0.542  -3.320  1.00 9.68  ? 22  LEU A HD23 1 
HETATM 421 N  N    . CGU A 1 24 ? -6.574  -2.478  2.666   1.00 7.35  ? 23  CGU A N    1 
HETATM 422 C  CA   . CGU A 1 24 ? -6.974  -3.246  3.837   1.00 8.07  ? 23  CGU A CA   1 
HETATM 423 C  C    . CGU A 1 24 ? -7.921  -2.446  4.693   1.00 8.12  ? 23  CGU A C    1 
HETATM 424 O  O    . CGU A 1 24 ? -8.903  -2.974  5.208   1.00 9.28  ? 23  CGU A O    1 
HETATM 425 C  CB   . CGU A 1 24 ? -5.732  -3.604  4.653   1.00 7.89  ? 23  CGU A CB   1 
HETATM 426 C  CG   . CGU A 1 24 ? -4.913  -4.737  4.052   1.00 8.30  ? 23  CGU A CG   1 
HETATM 427 C  CD1  . CGU A 1 24 ? -5.531  -6.120  4.229   1.00 9.34  ? 23  CGU A CD1  1 
HETATM 428 C  CD2  . CGU A 1 24 ? -3.502  -4.817  4.606   1.00 9.21  ? 23  CGU A CD2  1 
HETATM 429 O  OE11 . CGU A 1 24 ? -6.487  -6.310  4.979   1.00 11.94 ? 23  CGU A OE11 1 
HETATM 430 O  OE12 . CGU A 1 24 ? -5.071  -7.103  3.618   1.00 11.42 ? 23  CGU A OE12 1 
HETATM 431 O  OE21 . CGU A 1 24 ? -2.759  -5.745  4.200   1.00 10.28 ? 23  CGU A OE21 1 
HETATM 432 O  OE22 . CGU A 1 24 ? -3.144  -3.953  5.422   1.00 10.90 ? 23  CGU A OE22 1 
HETATM 433 H  H    . CGU A 1 24 ? -5.729  -2.331  2.608   1.00 7.53  ? 23  CGU A H    1 
HETATM 434 H  HA   . CGU A 1 24 ? -7.423  -4.070  3.558   1.00 7.95  ? 23  CGU A HA   1 
HETATM 435 H  HB2  . CGU A 1 24 ? -6.005  -3.872  5.545   1.00 7.96  ? 23  CGU A HB2  1 
HETATM 436 H  HB3  . CGU A 1 24 ? -5.169  -2.817  4.712   1.00 8.05  ? 23  CGU A HB3  1 
HETATM 437 H  HG   . CGU A 1 24 ? -4.847  -4.575  3.099   1.00 8.36  ? 23  CGU A HG   1 
ATOM   438 N  N    . GLU A 1 25 ? -7.595  -1.182  4.934   1.00 8.15  ? 24  GLU A N    1 
ATOM   439 C  CA   . GLU A 1 25 ? -8.422  -0.389  5.798   1.00 8.97  ? 24  GLU A CA   1 
ATOM   440 C  C    A GLU A 1 25 ? -9.773  -0.054  5.211   0.50 4.71  ? 24  GLU A C    1 
ATOM   441 O  O    A GLU A 1 25 ? -10.781 -0.044  5.939   0.50 4.38  ? 24  GLU A O    1 
ATOM   442 C  CB   . GLU A 1 25 ? -7.693  0.820   6.282   1.00 11.27 ? 24  GLU A CB   1 
ATOM   443 C  CG   . GLU A 1 25 ? -6.516  0.486   7.218   1.00 12.72 ? 24  GLU A CG   1 
ATOM   444 C  CD   A GLU A 1 25 ? -6.800  -0.471  8.390   0.50 14.36 ? 24  GLU A CD   1 
ATOM   445 O  OE1  A GLU A 1 25 ? -7.937  -0.577  8.888   0.50 14.52 ? 24  GLU A OE1  1 
ATOM   446 O  OE2  A GLU A 1 25 ? -5.829  -1.126  8.841   0.50 17.24 ? 24  GLU A OE2  1 
ATOM   447 H  H    A GLU A 1 25 ? -6.906  -0.779  4.613   0.50 7.55  ? 24  GLU A H    1 
ATOM   448 H  HA   . GLU A 1 25 ? -8.619  -0.930  6.589   1.00 7.77  ? 24  GLU A HA   1 
ATOM   449 H  HB2  . GLU A 1 25 ? -7.342  1.307   5.520   1.00 8.10  ? 24  GLU A HB2  1 
ATOM   450 H  HB3  . GLU A 1 25 ? -8.310  1.382   6.776   1.00 7.77  ? 24  GLU A HB3  1 
ATOM   451 H  HG2  . GLU A 1 25 ? -5.815  0.078   6.689   1.00 10.28 ? 24  GLU A HG2  1 
ATOM   452 H  HG3  . GLU A 1 25 ? -6.188  1.314   7.599   1.00 10.20 ? 24  GLU A HG3  1 
ATOM   453 N  N    . ILE A 1 26 ? -9.876  0.116   3.899   1.00 7.67  ? 25  ILE A N    1 
ATOM   454 C  CA   . ILE A 1 26 ? -11.178 0.268   3.270   1.00 8.11  ? 25  ILE A CA   1 
ATOM   455 C  C    . ILE A 1 26 ? -12.010 -0.995  3.454   1.00 7.63  ? 25  ILE A C    1 
ATOM   456 O  O    . ILE A 1 26 ? -13.181 -0.931  3.812   1.00 8.73  ? 25  ILE A O    1 
ATOM   457 C  CB   . ILE A 1 26 ? -11.019 0.607   1.765   1.00 8.32  ? 25  ILE A CB   1 
ATOM   458 C  CG1  . ILE A 1 26 ? -10.409 1.997   1.585   1.00 9.13  ? 25  ILE A CG1  1 
ATOM   459 C  CG2  . ILE A 1 26 ? -12.364 0.506   1.050   1.00 10.05 ? 25  ILE A CG2  1 
ATOM   460 C  CD1  . ILE A 1 26 ? -9.839  2.218   0.242   1.00 11.02 ? 25  ILE A CD1  1 
ATOM   461 H  H    . ILE A 1 26 ? -9.208  0.144   3.358   1.00 6.89  ? 25  ILE A H    1 
ATOM   462 H  HA   . ILE A 1 26 ? -11.656 1.010   3.694   1.00 7.92  ? 25  ILE A HA   1 
ATOM   463 H  HB   . ILE A 1 26 ? -10.418 -0.043  1.369   1.00 8.33  ? 25  ILE A HB   1 
ATOM   464 H  HG12 . ILE A 1 26 ? -11.101 2.662   1.725   1.00 8.99  ? 25  ILE A HG12 1 
ATOM   465 H  HG13 . ILE A 1 26 ? -9.698  2.123   2.232   1.00 9.14  ? 25  ILE A HG13 1 
ATOM   466 H  HG21 . ILE A 1 26 ? -12.598 -0.419  0.939   1.00 9.86  ? 25  ILE A HG21 1 
ATOM   467 H  HG22 . ILE A 1 26 ? -12.298 0.922   0.189   1.00 9.69  ? 25  ILE A HG22 1 
ATOM   468 H  HG23 . ILE A 1 26 ? -13.030 0.954   1.574   1.00 9.86  ? 25  ILE A HG23 1 
ATOM   469 H  HD11 . ILE A 1 26 ? -10.542 2.203   -0.409  1.00 10.40 ? 25  ILE A HD11 1 
ATOM   470 H  HD12 . ILE A 1 26 ? -9.203  1.523   0.054   1.00 10.48 ? 25  ILE A HD12 1 
ATOM   471 H  HD13 . ILE A 1 26 ? -9.400  3.072   0.229   1.00 10.45 ? 25  ILE A HD13 1 
ATOM   472 N  N    . LYS A 1 27 ? -11.399 -2.157  3.221   1.00 8.17  ? 26  LYS A N    1 
ATOM   473 C  CA   . LYS A 1 27 ? -12.131 -3.423  3.308   1.00 8.79  ? 26  LYS A CA   1 
ATOM   474 C  C    . LYS A 1 27 ? -12.596 -3.645  4.739   1.00 8.51  ? 26  LYS A C    1 
ATOM   475 O  O    . LYS A 1 27 ? -13.728 -4.064  4.973   1.00 9.35  ? 26  LYS A O    1 
ATOM   476 C  CB   . LYS A 1 27 ? -11.286 -4.575  2.785   1.00 10.33 ? 26  LYS A CB   1 
ATOM   477 C  CG   . LYS A 1 27 ? -12.030 -5.904  2.830   1.00 12.62 ? 26  LYS A CG   1 
ATOM   478 C  CD   A LYS A 1 27 ? -11.337 -7.030  2.118   0.50 12.05 ? 26  LYS A CD   1 
ATOM   479 C  CE   A LYS A 1 27 ? -12.274 -8.210  1.996   0.50 15.28 ? 26  LYS A CE   1 
ATOM   480 N  NZ   A LYS A 1 27 ? -11.616 -9.365  1.338   0.25 13.69 ? 26  LYS A NZ   1 
ATOM   481 N  NZ   B LYS A 1 27 ? -13.928 -7.551  2.182   0.25 13.82 ? 26  LYS A NZ   1 
ATOM   482 H  H    . LYS A 1 27 ? -10.569 -2.240  3.011   1.00 7.31  ? 26  LYS A H    1 
ATOM   483 H  HA   . LYS A 1 27 ? -12.931 -3.365  2.746   1.00 8.21  ? 26  LYS A HA   1 
ATOM   484 H  HB2  . LYS A 1 27 ? -11.044 -4.397  1.863   1.00 8.20  ? 26  LYS A HB2  1 
ATOM   485 H  HB3  . LYS A 1 27 ? -10.488 -4.650  3.328   1.00 8.40  ? 26  LYS A HB3  1 
ATOM   486 H  HG2  . LYS A 1 27 ? -12.161 -6.173  3.752   1.00 9.89  ? 26  LYS A HG2  1 
ATOM   487 H  HG3  . LYS A 1 27 ? -12.882 -5.748  2.402   1.00 10.29 ? 26  LYS A HG3  1 
ATOM   488 H  HD2  A LYS A 1 27 ? -11.082 -6.744  1.227   0.50 12.18 ? 26  LYS A HD2  1 
ATOM   489 H  HD3  A LYS A 1 27 ? -10.558 -7.308  2.623   0.50 12.25 ? 26  LYS A HD3  1 
ATOM   490 H  HE2  A LYS A 1 27 ? -12.571 -8.484  2.877   0.50 16.36 ? 26  LYS A HE2  1 
ATOM   491 H  HE3  A LYS A 1 27 ? -13.036 -7.952  1.451   0.50 16.67 ? 26  LYS A HE3  1 
ATOM   492 H  HZ1  A LYS A 1 27 ? -10.807 -9.588  1.799   0.25 12.18 ? 26  LYS A HZ1  1 
ATOM   493 H  HZ1  B LYS A 1 27 ? -14.468 -7.075  1.552   0.25 11.88 ? 26  LYS A HZ1  1 
ATOM   494 H  HZ2  A LYS A 1 27 ? -11.397 -9.143  0.430   0.25 12.15 ? 26  LYS A HZ2  1 
ATOM   495 H  HZ2  B LYS A 1 27 ? -14.292 -7.422  3.061   0.25 11.86 ? 26  LYS A HZ2  1 
ATOM   496 H  HZ3  A LYS A 1 27 ? -12.201 -10.127 1.341   0.25 12.14 ? 26  LYS A HZ3  1 
ATOM   497 H  HZ3  B LYS A 1 27 ? -13.927 -8.485  1.971   0.25 11.90 ? 26  LYS A HZ3  1 
ATOM   498 N  N    . LYS A 1 28 ? -11.744 -3.372  5.719   1.00 8.16  ? 27  LYS A N    1 
ATOM   499 C  CA   . LYS A 1 28 ? -12.112 -3.618  7.100   1.00 9.31  ? 27  LYS A CA   1 
ATOM   500 C  C    . LYS A 1 28 ? -13.222 -2.656  7.545   1.00 9.15  ? 27  LYS A C    1 
ATOM   501 O  O    . LYS A 1 28 ? -14.107 -3.045  8.297   1.00 9.81  ? 27  LYS A O    1 
ATOM   502 C  CB   . LYS A 1 28 ? -10.889 -3.532  7.998   1.00 9.62  ? 27  LYS A CB   1 
ATOM   503 C  CG   . LYS A 1 28 ? -9.914  -4.699  7.767   1.00 11.31 ? 27  LYS A CG   1 
ATOM   504 C  CD   . LYS A 1 28 ? -8.612  -4.530  8.519   1.00 13.25 ? 27  LYS A CD   1 
ATOM   505 C  CE   . LYS A 1 28 ? -7.590  -5.599  8.181   1.00 13.53 ? 27  LYS A CE   1 
ATOM   506 N  NZ   . LYS A 1 28 ? -6.402  -5.484  9.035   1.00 17.89 ? 27  LYS A NZ   1 
ATOM   507 H  H    . LYS A 1 28 ? -10.955 -3.050  5.606   1.00 8.18  ? 27  LYS A H    1 
ATOM   508 H  HA   . LYS A 1 28 ? -12.463 -4.530  7.177   1.00 9.15  ? 27  LYS A HA   1 
ATOM   509 H  HB2  . LYS A 1 28 ? -10.417 -2.703  7.821   1.00 9.61  ? 27  LYS A HB2  1 
ATOM   510 H  HB3  . LYS A 1 28 ? -11.176 -3.560  8.925   1.00 9.35  ? 27  LYS A HB3  1 
ATOM   511 H  HG2  . LYS A 1 28 ? -10.330 -5.519  8.075   1.00 11.16 ? 27  LYS A HG2  1 
ATOM   512 H  HG3  . LYS A 1 28 ? -9.711  -4.769  6.823   1.00 11.16 ? 27  LYS A HG3  1 
ATOM   513 H  HD2  . LYS A 1 28 ? -8.228  -3.668  8.296   1.00 13.32 ? 27  LYS A HD2  1 
ATOM   514 H  HD3  . LYS A 1 28 ? -8.790  -4.576  9.471   1.00 12.95 ? 27  LYS A HD3  1 
ATOM   515 H  HE2  . LYS A 1 28 ? -7.982  -6.475  8.319   1.00 14.26 ? 27  LYS A HE2  1 
ATOM   516 H  HE3  . LYS A 1 28 ? -7.313  -5.494  7.259   1.00 14.15 ? 27  LYS A HE3  1 
ATOM   517 H  HZ1  . LYS A 1 28 ? -6.665  -5.465  9.957   1.00 16.71 ? 27  LYS A HZ1  1 
ATOM   518 H  HZ2  . LYS A 1 28 ? -5.923  -4.681  8.830   1.00 17.58 ? 27  LYS A HZ2  1 
ATOM   519 H  HZ3  . LYS A 1 28 ? -5.838  -6.235  8.900   1.00 16.24 ? 27  LYS A HZ3  1 
ATOM   520 N  N    . ALA A 1 29 ? -13.202 -1.413  7.059   1.00 8.89  ? 28  ALA A N    1 
ATOM   521 C  CA   . ALA A 1 29 ? -14.281 -0.479  7.352   1.00 9.67  ? 28  ALA A CA   1 
ATOM   522 C  C    . ALA A 1 29 ? -15.594 -0.955  6.757   1.00 9.59  ? 28  ALA A C    1 
ATOM   523 O  O    . ALA A 1 29 ? -16.637 -0.927  7.401   1.00 10.64 ? 28  ALA A O    1 
ATOM   524 C  CB   . ALA A 1 29 ? -13.936 0.916   6.832   1.00 10.20 ? 28  ALA A CB   1 
ATOM   525 H  H    . ALA A 1 29 ? -12.578 -1.091  6.564   1.00 9.17  ? 28  ALA A H    1 
ATOM   526 H  HA   . ALA A 1 29 ? -14.396 -0.415  8.322   1.00 9.68  ? 28  ALA A HA   1 
ATOM   527 H  HB1  . ALA A 1 29 ? -13.815 0.872   5.880   1.00 9.95  ? 28  ALA A HB1  1 
ATOM   528 H  HB2  . ALA A 1 29 ? -13.126 1.214   7.252   1.00 9.86  ? 28  ALA A HB2  1 
ATOM   529 H  HB3  . ALA A 1 29 ? -14.655 1.515   7.044   1.00 9.75  ? 28  ALA A HB3  1 
ATOM   530 N  N    A LYS A 1 30 ? -15.536 -1.387  5.509   0.60 10.11 ? 29  LYS A N    1 
ATOM   531 N  N    B LYS A 1 30 ? -15.549 -1.431  5.524   0.40 9.72  ? 29  LYS A N    1 
ATOM   532 C  CA   A LYS A 1 30 ? -16.677 -1.969  4.814   0.60 11.16 ? 29  LYS A CA   1 
ATOM   533 C  CA   B LYS A 1 30 ? -16.749 -1.929  4.868   0.40 10.70 ? 29  LYS A CA   1 
ATOM   534 C  C    A LYS A 1 30 ? -17.260 -3.119  5.641   0.60 10.98 ? 29  LYS A C    1 
ATOM   535 C  C    B LYS A 1 30 ? -17.286 -3.207  5.532   0.40 10.90 ? 29  LYS A C    1 
ATOM   536 O  O    A LYS A 1 30 ? -18.469 -3.156  5.921   0.60 10.70 ? 29  LYS A O    1 
ATOM   537 O  O    B LYS A 1 30 ? -18.498 -3.444  5.559   0.40 11.12 ? 29  LYS A O    1 
ATOM   538 C  CB   A LYS A 1 30 ? -16.239 -2.437  3.425   0.60 11.75 ? 29  LYS A CB   1 
ATOM   539 C  CB   B LYS A 1 30 ? -16.488 -2.155  3.383   0.40 10.36 ? 29  LYS A CB   1 
ATOM   540 C  CG   A LYS A 1 30 ? -17.336 -2.879  2.477   0.60 13.80 ? 29  LYS A CG   1 
ATOM   541 C  CG   B LYS A 1 30 ? -17.720 -2.582  2.597   0.40 11.90 ? 29  LYS A CG   1 
ATOM   542 C  CD   A LYS A 1 30 ? -16.706 -3.226  1.133   0.60 14.66 ? 29  LYS A CD   1 
ATOM   543 C  CD   B LYS A 1 30 ? -17.337 -3.022  1.201   0.40 13.32 ? 29  LYS A CD   1 
ATOM   544 C  CE   A LYS A 1 30 ? -17.716 -3.601  0.078   0.60 16.98 ? 29  LYS A CE   1 
ATOM   545 C  CE   B LYS A 1 30 ? -16.710 -4.410  1.188   0.40 17.06 ? 29  LYS A CE   1 
ATOM   546 N  NZ   A LYS A 1 30 ? -17.051 -3.837  -1.230  0.60 18.27 ? 29  LYS A NZ   1 
ATOM   547 N  NZ   B LYS A 1 30 ? -17.465 -5.306  0.303   0.40 19.04 ? 29  LYS A NZ   1 
ATOM   548 H  H    A LYS A 1 30 ? -14.824 -1.351  5.028   0.60 10.41 ? 29  LYS A H    1 
ATOM   549 H  H    B LYS A 1 30 ? -14.837 -1.475  5.043   0.40 9.88  ? 29  LYS A H    1 
ATOM   550 H  HA   A LYS A 1 30 ? -17.371 -1.286  4.703   0.60 11.14 ? 29  LYS A HA   1 
ATOM   551 H  HA   B LYS A 1 30 ? -17.450 -1.247  4.937   0.40 10.50 ? 29  LYS A HA   1 
ATOM   552 H  HB2  A LYS A 1 30 ? -15.765 -1.708  2.993   0.60 11.59 ? 29  LYS A HB2  1 
ATOM   553 H  HB2  B LYS A 1 30 ? -16.165 -1.326  2.996   0.40 10.57 ? 29  LYS A HB2  1 
ATOM   554 H  HB3  A LYS A 1 30 ? -15.639 -3.190  3.532   0.60 11.58 ? 29  LYS A HB3  1 
ATOM   555 H  HB3  B LYS A 1 30 ? -15.812 -2.844  3.288   0.40 10.57 ? 29  LYS A HB3  1 
ATOM   556 H  HG2  A LYS A 1 30 ? -17.781 -3.666  2.828   0.60 13.82 ? 29  LYS A HG2  1 
ATOM   557 H  HG2  B LYS A 1 30 ? -18.159 -3.326  3.034   0.40 11.71 ? 29  LYS A HG2  1 
ATOM   558 H  HG3  A LYS A 1 30 ? -17.968 -2.154  2.347   0.60 13.92 ? 29  LYS A HG3  1 
ATOM   559 H  HG3  B LYS A 1 30 ? -18.328 -1.830  2.521   0.40 11.79 ? 29  LYS A HG3  1 
ATOM   560 H  HD2  A LYS A 1 30 ? -16.205 -2.460  0.809   0.60 15.19 ? 29  LYS A HD2  1 
ATOM   561 H  HD2  B LYS A 1 30 ? -18.129 -3.033  0.643   0.40 13.65 ? 29  LYS A HD2  1 
ATOM   562 H  HD3  A LYS A 1 30 ? -16.110 -3.982  1.253   0.60 15.15 ? 29  LYS A HD3  1 
ATOM   563 H  HD3  B LYS A 1 30 ? -16.685 -2.401  0.840   0.40 13.87 ? 29  LYS A HD3  1 
ATOM   564 H  HE2  A LYS A 1 30 ? -18.179 -4.410  0.342   0.60 17.01 ? 29  LYS A HE2  1 
ATOM   565 H  HE2  B LYS A 1 30 ? -15.801 -4.349  0.856   0.40 17.14 ? 29  LYS A HE2  1 
ATOM   566 H  HE3  A LYS A 1 30 ? -18.347 -2.872  -0.033  0.60 16.28 ? 29  LYS A HE3  1 
ATOM   567 H  HE3  B LYS A 1 30 ? -16.715 -4.788  2.082   0.40 16.74 ? 29  LYS A HE3  1 
ATOM   568 H  HZ1  A LYS A 1 30 ? -16.282 -4.400  -1.115  0.60 18.82 ? 29  LYS A HZ1  1 
ATOM   569 H  HZ1  B LYS A 1 30 ? -17.406 -4.997  -0.604  0.40 19.59 ? 29  LYS A HZ1  1 
ATOM   570 H  HZ2  A LYS A 1 30 ? -16.783 -3.008  -1.625  0.60 18.55 ? 29  LYS A HZ2  1 
ATOM   571 H  HZ2  B LYS A 1 30 ? -18.389 -5.328  0.566   0.40 19.40 ? 29  LYS A HZ2  1 
ATOM   572 H  HZ3  A LYS A 1 30 ? -17.663 -4.272  -1.819  0.60 18.22 ? 29  LYS A HZ3  1 
ATOM   573 H  HZ3  B LYS A 1 30 ? -17.108 -6.195  0.355   0.40 18.78 ? 29  LYS A HZ3  1 
ATOM   574 N  N    . GLN A 1 31 ? -16.398 -4.039  6.062   1.00 10.87 ? 30  GLN A N    1 
ATOM   575 C  CA   . GLN A 1 31 ? -16.834 -5.205  6.817   1.00 12.02 ? 30  GLN A CA   1 
ATOM   576 C  C    . GLN A 1 31 ? -17.469 -4.828  8.148   1.00 11.19 ? 30  GLN A C    1 
ATOM   577 O  O    . GLN A 1 31 ? -18.422 -5.469  8.581   1.00 12.83 ? 30  GLN A O    1 
ATOM   578 C  CB   . GLN A 1 31 ? -15.675 -6.166  7.041   1.00 13.25 ? 30  GLN A CB   1 
ATOM   579 C  CG   . GLN A 1 31 ? -15.242 -6.804  5.761   1.00 15.45 ? 30  GLN A CG   1 
ATOM   580 C  CD   . GLN A 1 31 ? -14.049 -7.687  5.899   1.00 18.44 ? 30  GLN A CD   1 
ATOM   581 O  OE1  . GLN A 1 31 ? -13.076 -7.354  6.575   1.00 21.25 ? 30  GLN A OE1  1 
ATOM   582 N  NE2  . GLN A 1 31 ? -14.088 -8.816  5.218   1.00 23.91 ? 30  GLN A NE2  1 
ATOM   583 H  H    . GLN A 1 31 ? -15.547 -3.981  5.961   1.00 11.06 ? 30  GLN A H    1 
ATOM   584 H  HA   . GLN A 1 31 ? -17.510 -5.686  6.296   1.00 11.89 ? 30  GLN A HA   1 
ATOM   585 H  HB2  . GLN A 1 31 ? -14.922 -5.680  7.415   1.00 12.71 ? 30  GLN A HB2  1 
ATOM   586 H  HB3  . GLN A 1 31 ? -15.954 -6.869  7.649   1.00 12.60 ? 30  GLN A HB3  1 
ATOM   587 H  HG2  . GLN A 1 31 ? -15.978 -7.345  5.438   1.00 15.58 ? 30  GLN A HG2  1 
ATOM   588 H  HG3  . GLN A 1 31 ? -15.035 -6.118  5.110   1.00 15.75 ? 30  GLN A HG3  1 
ATOM   589 H  HE21 . GLN A 1 31 ? -14.784 -9.030  4.761   1.00 24.07 ? 30  GLN A HE21 1 
ATOM   590 H  HE22 . GLN A 1 31 ? -13.410 -9.340  5.229   1.00 23.41 ? 30  GLN A HE22 1 
ATOM   591 N  N    A GLU A 1 32 ? -16.979 -3.782  8.797   0.60 10.93 ? 31  GLU A N    1 
ATOM   592 N  N    B GLU A 1 32 ? -16.964 -3.796  8.809   0.40 11.07 ? 31  GLU A N    1 
ATOM   593 C  CA   A GLU A 1 32 ? -17.568 -3.302  10.046  0.60 11.27 ? 31  GLU A CA   1 
ATOM   594 C  CA   B GLU A 1 32 ? -17.593 -3.362  10.042  0.40 11.61 ? 31  GLU A CA   1 
ATOM   595 C  C    A GLU A 1 32 ? -18.968 -2.715  9.849   0.60 10.64 ? 31  GLU A C    1 
ATOM   596 C  C    B GLU A 1 32 ? -19.009 -2.858  9.769   0.40 10.33 ? 31  GLU A C    1 
ATOM   597 O  O    A GLU A 1 32 ? -19.844 -2.815  10.714  0.60 11.41 ? 31  GLU A O    1 
ATOM   598 O  O    B GLU A 1 32 ? -19.951 -3.240  10.466  0.40 9.31  ? 31  GLU A O    1 
ATOM   599 C  CB   A GLU A 1 32 ? -16.661 -2.222  10.634  0.60 12.60 ? 31  GLU A CB   1 
ATOM   600 C  CB   B GLU A 1 32 ? -16.769 -2.290  10.747  0.40 12.17 ? 31  GLU A CB   1 
ATOM   601 C  CG   A GLU A 1 32 ? -17.157 -1.598  11.922  0.60 14.50 ? 31  GLU A CG   1 
ATOM   602 C  CG   B GLU A 1 32 ? -17.330 -1.962  12.123  0.40 13.49 ? 31  GLU A CG   1 
ATOM   603 C  CD   A GLU A 1 32 ? -17.347 -2.610  13.032  0.60 20.34 ? 31  GLU A CD   1 
ATOM   604 C  CD   B GLU A 1 32 ? -16.334 -1.317  13.066  0.40 16.49 ? 31  GLU A CD   1 
ATOM   605 O  OE1  A GLU A 1 32 ? -16.519 -3.528  13.126  0.60 24.04 ? 31  GLU A OE1  1 
ATOM   606 O  OE1  B GLU A 1 32 ? -15.189 -1.047  12.656  0.40 23.64 ? 31  GLU A OE1  1 
ATOM   607 O  OE2  A GLU A 1 32 ? -18.321 -2.498  13.803  0.60 25.27 ? 31  GLU A OE2  1 
ATOM   608 O  OE2  B GLU A 1 32 ? -16.703 -1.101  14.241  0.40 21.57 ? 31  GLU A OE2  1 
ATOM   609 H  H    A GLU A 1 32 ? -16.295 -3.329  8.536   0.60 11.10 ? 31  GLU A H    1 
ATOM   610 H  H    B GLU A 1 32 ? -16.273 -3.342  8.572   0.40 11.06 ? 31  GLU A H    1 
ATOM   611 H  HA   A GLU A 1 32 ? -17.627 -4.044  10.682  0.60 11.36 ? 31  GLU A HA   1 
ATOM   612 H  HA   B GLU A 1 32 ? -17.659 -4.129  10.651  0.40 11.26 ? 31  GLU A HA   1 
ATOM   613 H  HB2  A GLU A 1 32 ? -15.786 -2.605  10.804  0.60 11.72 ? 31  GLU A HB2  1 
ATOM   614 H  HB2  B GLU A 1 32 ? -15.861 -2.617  10.850  0.40 11.56 ? 31  GLU A HB2  1 
ATOM   615 H  HB3  A GLU A 1 32 ? -16.579 -1.505  9.986   0.60 11.82 ? 31  GLU A HB3  1 
ATOM   616 H  HB3  B GLU A 1 32 ? -16.774 -1.480  10.214  0.40 11.74 ? 31  GLU A HB3  1 
ATOM   617 H  HG2  A GLU A 1 32 ? -16.503 -0.949  12.224  0.60 15.14 ? 31  GLU A HG2  1 
ATOM   618 H  HG2  B GLU A 1 32 ? -18.072 -1.347  12.019  0.40 13.89 ? 31  GLU A HG2  1 
ATOM   619 H  HG3  A GLU A 1 32 ? -18.006 -1.156  11.768  0.60 15.08 ? 31  GLU A HG3  1 
ATOM   620 H  HG3  B GLU A 1 32 ? -17.639 -2.781  12.541  0.40 13.70 ? 31  GLU A HG3  1 
ATOM   621 N  N    . ILE A 1 33 ? -19.163 -2.040  8.727   1.00 10.77 ? 32  ILE A N    1 
ATOM   622 C  CA   . ILE A 1 33 ? -20.412 -1.305  8.495   1.00 11.58 ? 32  ILE A CA   1 
ATOM   623 C  C    . ILE A 1 33 ? -21.449 -2.224  7.828   1.00 11.85 ? 32  ILE A C    1 
ATOM   624 O  O    . ILE A 1 33 ? -22.611 -2.260  8.243   1.00 14.36 ? 32  ILE A O    1 
ATOM   625 C  CB   . ILE A 1 33 ? -20.130 -0.056  7.629   1.00 10.77 ? 32  ILE A CB   1 
ATOM   626 C  CG1  . ILE A 1 33 ? -19.219 0.919   8.389   1.00 11.98 ? 32  ILE A CG1  1 
ATOM   627 C  CG2  . ILE A 1 33 ? -21.421 0.611   7.205   1.00 11.33 ? 32  ILE A CG2  1 
ATOM   628 C  CD1  . ILE A 1 33 ? -18.533 1.946   7.519   1.00 13.55 ? 32  ILE A CD1  1 
ATOM   629 H  H    . ILE A 1 33 ? -18.577 -1.937  8.107   1.00 10.70 ? 32  ILE A H    1 
ATOM   630 H  HA   . ILE A 1 33 ? -20.785 -0.991  9.345   1.00 11.29 ? 32  ILE A HA   1 
ATOM   631 H  HB   . ILE A 1 33 ? -19.665 -0.341  6.828   1.00 11.02 ? 32  ILE A HB   1 
ATOM   632 H  HG12 . ILE A 1 33 ? -19.756 1.399   9.039   1.00 11.33 ? 32  ILE A HG12 1 
ATOM   633 H  HG13 . ILE A 1 33 ? -18.526 0.419   8.845   1.00 11.62 ? 32  ILE A HG13 1 
ATOM   634 H  HG21 . ILE A 1 33 ? -21.820 0.107   6.492   1.00 11.39 ? 32  ILE A HG21 1 
ATOM   635 H  HG22 . ILE A 1 33 ? -21.234 1.501   6.902   1.00 11.18 ? 32  ILE A HG22 1 
ATOM   636 H  HG23 . ILE A 1 33 ? -22.017 0.644   7.957   1.00 10.60 ? 32  ILE A HG23 1 
ATOM   637 H  HD11 . ILE A 1 33 ? -19.195 2.512   7.116   1.00 13.03 ? 32  ILE A HD11 1 
ATOM   638 H  HD12 . ILE A 1 33 ? -18.032 1.491   6.838   1.00 12.99 ? 32  ILE A HD12 1 
ATOM   639 H  HD13 . ILE A 1 33 ? -17.943 2.471   8.064   1.00 13.11 ? 32  ILE A HD13 1 
ATOM   640 N  N    . ALA A 1 34 ? -21.035 -2.910  6.768   1.00 13.27 ? 33  ALA A N    1 
ATOM   641 C  CA   . ALA A 1 34 ? -21.923 -3.634  5.869   1.00 14.96 ? 33  ALA A CA   1 
ATOM   642 C  C    . ALA A 1 34 ? -21.695 -5.129  5.957   1.00 16.01 ? 33  ALA A C    1 
ATOM   643 O  O    . ALA A 1 34 ? -20.641 -5.622  6.340   1.00 17.84 ? 33  ALA A O    1 
ATOM   644 C  CB   . ALA A 1 34 ? -21.701 -3.187  4.446   1.00 16.57 ? 33  ALA A CB   1 
ATOM   645 H  H    . ALA A 1 34 ? -20.209 -2.973  6.538   1.00 13.36 ? 33  ALA A H    1 
ATOM   646 H  HA   . ALA A 1 34 ? -22.855 -3.448  6.104   1.00 15.34 ? 33  ALA A HA   1 
ATOM   647 H  HB1  . ALA A 1 34 ? -20.776 -3.306  4.222   1.00 16.14 ? 33  ALA A HB1  1 
ATOM   648 H  HB2  . ALA A 1 34 ? -21.936 -2.259  4.374   1.00 16.02 ? 33  ALA A HB2  1 
ATOM   649 H  HB3  . ALA A 1 34 ? -22.246 -3.705  3.853   1.00 15.77 ? 33  ALA A HB3  1 
HETATM 650 N  N    . NH2 A 1 35 ? -22.639 -5.920  5.210   1.00 21.80 ? 34  NH2 A N    1 
HETATM 651 YB YB   . YB2 B 2 .  ? -2.844  -7.689  3.078   1.00 11.50 ? 201 YB2 A YB   1 
HETATM 652 O  O    . HOH C 3 .  ? 4.513   3.027   2.642   1.00 12.78 ? 202 HOH A O    1 
HETATM 653 O  O    . HOH C 3 .  ? 10.533  -2.762  -4.649  1.00 13.92 ? 203 HOH A O    1 
HETATM 654 O  O    . HOH C 3 .  ? -10.658 0.256   8.717   1.00 15.19 ? 204 HOH A O    1 
HETATM 655 O  O    . HOH C 3 .  ? 4.718   -0.646  -6.092  1.00 13.43 ? 205 HOH A O    1 
HETATM 656 O  O    . HOH C 3 .  ? 1.323   -2.538  3.973   1.00 15.65 ? 206 HOH A O    1 
HETATM 657 O  O    . HOH C 3 .  ? 11.673  1.581   0.668   1.00 16.87 ? 207 HOH A O    1 
HETATM 658 O  O    . HOH C 3 .  ? -10.313 -2.695  -0.370  1.00 15.71 ? 208 HOH A O    1 
HETATM 659 O  O    . HOH C 3 .  ? 6.712   -5.271  4.531   1.00 17.03 ? 209 HOH A O    1 
HETATM 660 O  O    . HOH C 3 .  ? 7.868   -3.331  -4.246  1.00 16.36 ? 210 HOH A O    1 
HETATM 661 O  O    . HOH C 3 .  ? 10.642  0.981   3.301   1.00 18.49 ? 211 HOH A O    1 
HETATM 662 O  O    . HOH C 3 .  ? 2.011   -0.966  -5.752  1.00 16.11 ? 212 HOH A O    1 
HETATM 663 O  O    . HOH C 3 .  ? 20.334  2.067   -12.158 1.00 19.09 ? 213 HOH A O    1 
HETATM 664 O  O    . HOH C 3 .  ? -13.010 -3.232  0.110   1.00 15.26 ? 214 HOH A O    1 
HETATM 665 O  O    . HOH C 3 .  ? 0.337   -3.490  -2.704  1.00 14.38 ? 215 HOH A O    1 
HETATM 666 O  O    . HOH C 3 .  ? 16.194  -6.679  -1.930  1.00 17.90 ? 216 HOH A O    1 
HETATM 667 O  O    . HOH C 3 .  ? 19.776  5.120   -4.749  1.00 21.75 ? 217 HOH A O    1 
HETATM 668 O  O    . HOH C 3 .  ? -2.315  -3.845  -2.712  1.00 18.11 ? 218 HOH A O    1 
HETATM 669 O  O    . HOH C 3 .  ? -7.837  -8.487  3.656   1.00 18.33 ? 219 HOH A O    1 
HETATM 670 O  O    . HOH C 3 .  ? 1.338   -3.573  -5.204  1.00 18.45 ? 220 HOH A O    1 
HETATM 671 O  O    . HOH C 3 .  ? -12.696 -7.260  9.227   1.00 21.54 ? 221 HOH A O    1 
HETATM 672 O  O    . HOH C 3 .  ? -18.515 -8.288  8.468   1.00 22.09 ? 222 HOH A O    1 
HETATM 673 O  O    . HOH C 3 .  ? 6.111   -2.870  -6.588  1.00 22.54 ? 223 HOH A O    1 
HETATM 674 O  O    . HOH C 3 .  ? 11.965  -3.886  -2.393  1.00 24.32 ? 224 HOH A O    1 
HETATM 675 O  O    . HOH C 3 .  ? 2.614   -4.305  2.634   1.00 20.00 ? 225 HOH A O    1 
HETATM 676 O  O    . HOH C 3 .  ? 18.110  -2.184  -6.954  1.00 25.36 ? 226 HOH A O    1 
HETATM 677 O  O    . HOH C 3 .  ? 13.070  -1.422  -0.816  1.00 26.01 ? 227 HOH A O    1 
HETATM 678 O  O    . HOH C 3 .  ? -9.253  -6.281  4.629   1.00 25.72 ? 228 HOH A O    1 
HETATM 679 O  O    . HOH C 3 .  ? 1.012   -5.958  -1.810  1.00 26.28 ? 229 HOH A O    1 
HETATM 680 O  O    . HOH C 3 .  ? 8.254   -5.921  -3.301  1.00 25.43 ? 230 HOH A O    1 
HETATM 681 O  O    . HOH C 3 .  ? 6.096   2.053   4.703   1.00 31.19 ? 231 HOH A O    1 
HETATM 682 O  O    . HOH C 3 .  ? -18.490 -4.681  -3.738  1.00 27.48 ? 232 HOH A O    1 
HETATM 683 O  O    . HOH C 3 .  ? 7.156   -7.103  -0.904  1.00 28.69 ? 233 HOH A O    1 
HETATM 684 O  O    . HOH C 3 .  ? 25.315  -2.854  -9.385  1.00 23.17 ? 234 HOH A O    1 
HETATM 685 O  O    . HOH C 3 .  ? 14.782  -1.440  -9.458  1.00 28.30 ? 235 HOH A O    1 
HETATM 686 O  O    . HOH C 3 .  ? 3.905   -4.575  -6.561  1.00 35.69 ? 236 HOH A O    1 
HETATM 687 O  O    . HOH C 3 .  ? 22.811  1.546   -5.170  1.00 34.12 ? 237 HOH A O    1 
HETATM 688 O  O    . HOH C 3 .  ? -14.273 -3.510  13.773  1.00 33.15 ? 238 HOH A O    1 
HETATM 689 O  O    . HOH C 3 .  ? 5.203   -5.024  0.407   1.00 34.10 ? 239 HOH A O    1 
HETATM 690 O  O    . HOH C 3 .  ? 8.000   -1.585  -11.761 1.00 34.39 ? 240 HOH A O    1 
HETATM 691 O  O    . HOH C 3 .  ? 11.697  5.682   3.574   1.00 33.99 ? 241 HOH A O    1 
HETATM 692 O  O    . HOH C 3 .  ? 20.522  -3.068  -10.236 1.00 26.65 ? 242 HOH A O    1 
HETATM 693 O  O    . HOH C 3 .  ? -19.993 -8.459  6.257   1.00 28.49 ? 243 HOH A O    1 
HETATM 694 O  O    . HOH C 3 .  ? 18.193  5.501   -2.691  1.00 35.98 ? 244 HOH A O    1 
HETATM 695 O  O    . HOH C 3 .  ? -13.572 -5.845  -0.702  1.00 32.76 ? 245 HOH A O    1 
HETATM 696 O  O    . HOH C 3 .  ? 11.113  -4.140  -6.840  1.00 30.07 ? 246 HOH A O    1 
HETATM 697 O  O    . HOH C 3 .  ? 8.010   3.420   5.671   1.00 43.06 ? 247 HOH A O    1 
HETATM 698 O  O    . HOH C 3 .  ? -17.505 -4.060  16.119  1.00 46.52 ? 248 HOH A O    1 
HETATM 699 O  O    . HOH C 3 .  ? 16.300  -3.682  -8.465  1.00 45.42 ? 249 HOH A O    1 
HETATM 700 O  O    . HOH C 3 .  ? 12.802  -6.188  -6.269  1.00 36.69 ? 250 HOH A O    1 
HETATM 701 O  O    . HOH C 3 .  ? -2.250  -9.851  -0.456  1.00 39.45 ? 251 HOH A O    1 
HETATM 702 O  O    . HOH C 3 .  ? 23.014  -3.996  -10.350 1.00 27.07 ? 252 HOH A O    1 
HETATM 703 O  O    . HOH C 3 .  ? -9.256  -4.675  -2.013  1.00 31.18 ? 253 HOH A O    1 
HETATM 704 O  O    . HOH C 3 .  ? -4.474  -3.090  7.768   1.00 22.68 ? 254 HOH A O    1 
HETATM 705 O  O    . HOH C 3 .  ? 21.630  3.458   -3.759  1.00 45.53 ? 255 HOH A O    1 
HETATM 706 O  O    . HOH C 3 .  ? 10.955  -2.356  -8.017  1.00 42.19 ? 256 HOH A O    1 
HETATM 707 O  O    . HOH C 3 .  ? 18.442  -4.852  -9.653  1.00 49.26 ? 257 HOH A O    1 
HETATM 708 O  O    . HOH C 3 .  ? -10.659 -8.194  5.794   1.00 28.27 ? 258 HOH A O    1 
HETATM 709 O  O    . HOH C 3 .  ? 10.811  3.049   5.063   1.00 39.76 ? 259 HOH A O    1 
HETATM 710 O  O    . HOH C 3 .  ? 19.977  -2.274  -12.620 1.00 43.43 ? 260 HOH A O    1 
HETATM 711 O  O    . HOH C 3 .  ? 15.890  -1.863  -1.109  1.00 35.17 ? 261 HOH A O    1 
HETATM 712 O  O    . HOH C 3 .  ? -1.500  -3.884  -9.447  1.00 39.75 ? 262 HOH A O    1 
HETATM 713 O  O    . HOH C 3 .  ? 14.729  6.393   -9.617  1.00 41.55 ? 263 HOH A O    1 
HETATM 714 O  O    . HOH C 3 .  ? -0.652  -4.439  -6.612  1.00 31.21 ? 264 HOH A O    1 
HETATM 715 O  O    . HOH C 3 .  ? -3.623  0.761   9.504   1.00 34.58 ? 265 HOH A O    1 
HETATM 716 O  O    . HOH C 3 .  ? -8.445  -1.614  11.312  1.00 44.41 ? 266 HOH A O    1 
HETATM 717 O  O    . HOH C 3 .  ? -10.434 -10.252 4.054   1.00 34.78 ? 267 HOH A O    1 
HETATM 718 O  O    . HOH C 3 .  ? -12.573 -11.717 4.909   1.00 41.84 ? 268 HOH A O    1 
HETATM 719 O  O    . HOH C 3 .  ? -2.230  -2.116  9.432   0.50 42.21 ? 269 HOH A O    1 
HETATM 720 O  O    . HOH C 3 .  ? 2.585   -0.844  5.599   1.00 42.76 ? 270 HOH A O    1 
HETATM 721 O  O    . HOH C 3 .  ? 17.655  0.185   0.471   1.00 63.89 ? 271 HOH A O    1 
HETATM 722 O  O    . HOH C 3 .  ? 20.076  2.712   -1.187  1.00 33.09 ? 272 HOH A O    1 
HETATM 723 O  O    . HOH C 3 .  ? 15.202  -6.135  -7.495  1.00 39.58 ? 273 HOH A O    1 
HETATM 724 O  O    . HOH C 3 .  ? -5.961  -5.914  -1.926  1.00 39.48 ? 274 HOH A O    1 
HETATM 725 O  O    . HOH C 3 .  ? -11.343 -7.105  -1.838  1.00 50.69 ? 275 HOH A O    1 
HETATM 726 O  O    . HOH C 3 .  ? -14.917 1.527   3.372   1.00 36.92 ? 276 HOH A O    1 
HETATM 727 O  O    . HOH C 3 .  ? -3.145  -7.740  -1.681  1.00 49.31 ? 277 HOH A O    1 
HETATM 728 O  O    . HOH C 3 .  ? -0.137  -7.746  -3.454  1.00 43.96 ? 278 HOH A O    1 
HETATM 729 O  O    . HOH C 3 .  ? -19.319 -8.081  -0.333  1.00 52.62 ? 279 HOH A O    1 
HETATM 730 O  O    . HOH C 3 .  ? -3.393  -0.034  11.969  1.00 58.86 ? 280 HOH A O    1 
HETATM 731 O  O    . HOH C 3 .  ? -15.634 4.325   3.576   0.25 57.30 ? 281 HOH A O    1 
HETATM 732 O  O    . HOH C 3 .  ? 15.839  8.603   -10.925 0.25 24.50 ? 282 HOH A O    1 
HETATM 733 O  O    . HOH C 3 .  ? -2.618  2.357   13.445  1.00 53.72 ? 283 HOH A O    1 
HETATM 734 O  O    . HOH C 3 .  ? 12.691  -2.011  -13.195 1.00 56.43 ? 284 HOH A O    1 
HETATM 735 O  O    . HOH C 3 .  ? 15.621  0.900   1.866   1.00 43.91 ? 285 HOH A O    1 
HETATM 736 O  O    . HOH C 3 .  ? 21.371  7.062   -4.019  1.00 57.20 ? 286 HOH A O    1 
HETATM 737 O  O    . HOH C 3 .  ? -19.652 -5.009  15.212  1.00 50.23 ? 287 HOH A O    1 
HETATM 738 O  O    . HOH C 3 .  ? -5.794  -7.187  0.207   1.00 43.12 ? 288 HOH A O    1 
HETATM 739 O  O    . HOH C 3 .  ? -16.560 4.253   6.147   1.00 38.49 ? 289 HOH A O    1 
HETATM 740 O  O    . HOH C 3 .  ? -7.669  -5.923  1.655   1.00 34.26 ? 290 HOH A O    1 
HETATM 741 O  O    . HOH C 3 .  ? -15.739 1.305   14.361  1.00 41.00 ? 291 HOH A O    1 
HETATM 742 O  O    . HOH C 3 .  ? 7.248   -7.566  -5.656  1.00 53.01 ? 292 HOH A O    1 
HETATM 743 O  O    . HOH C 3 .  ? 17.181  -5.770  -11.879 1.00 55.05 ? 293 HOH A O    1 
HETATM 744 O  O    . HOH C 3 .  ? -17.840 -6.876  3.891   1.00 57.68 ? 294 HOH A O    1 
HETATM 745 O  O    . HOH C 3 .  ? -15.408 -8.021  -0.532  1.00 55.80 ? 295 HOH A O    1 
HETATM 746 O  O    . HOH C 3 .  ? 8.581   -10.015 -4.443  1.00 50.49 ? 296 HOH A O    1 
HETATM 747 O  O    . HOH C 3 .  ? -9.058  -9.765  -0.770  1.00 65.96 ? 297 HOH A O    1 
HETATM 748 O  O    . HOH C 3 .  ? -17.977 -10.635 -0.952  1.00 61.19 ? 298 HOH A O    1 
HETATM 749 O  O    . HOH C 3 .  ? -16.825 -5.947  -4.801  1.00 45.18 ? 299 HOH A O    1 
HETATM 750 O  O    . HOH C 3 .  ? -8.737  -12.630 0.616   1.00 53.82 ? 300 HOH A O    1 
HETATM 751 O  O    . HOH C 3 .  ? -5.876  -9.913  3.321   1.00 19.84 ? 301 HOH A O    1 
HETATM 752 O  O    . HOH C 3 .  ? 17.527  9.548   -10.936 0.25 82.46 ? 302 HOH A O    1 
HETATM 753 O  O    . HOH C 3 .  ? 17.907  -2.943  -4.456  0.50 31.82 ? 303 HOH A O    1 
HETATM 754 O  O    . HOH C 3 .  ? -4.987  -10.064 2.138   0.50 21.27 ? 304 HOH A O    1 
HETATM 755 O  O    . HOH C 3 .  ? 8.728   -3.718  -13.047 1.00 47.67 ? 305 HOH A O    1 
HETATM 756 O  O    . HOH C 3 .  ? -6.276  -3.202  11.058  1.00 49.19 ? 306 HOH A O    1 
HETATM 757 O  O    . HOH C 3 .  ? 8.699   -5.247  -8.328  1.00 49.52 ? 307 HOH A O    1 
HETATM 758 O  O    . HOH C 3 .  ? 6.402   -0.091  8.520   1.00 56.44 ? 308 HOH A O    1 
HETATM 759 O  O    . HOH C 3 .  ? 14.377  9.052   -9.558  0.25 61.65 ? 309 HOH A O    1 
HETATM 760 O  O    . HOH C 3 .  ? -24.975 -7.080  5.891   1.00 60.88 ? 310 HOH A O    1 
HETATM 761 O  O    . HOH C 3 .  ? 12.797  6.822   -7.707  0.25 27.67 ? 311 HOH A O    1 
HETATM 762 O  O    . HOH C 3 .  ? 1.063   3.244   8.345   1.00 33.64 ? 312 HOH A O    1 
HETATM 763 O  O    . HOH C 3 .  ? -7.994  -8.274  1.106   1.00 38.01 ? 313 HOH A O    1 
HETATM 764 O  O    . HOH C 3 .  ? 14.986  -0.849  -12.012 1.00 66.03 ? 314 HOH A O    1 
HETATM 765 O  O    . HOH C 3 .  ? 13.303  -0.465  0.881   1.00 29.48 ? 315 HOH A O    1 
HETATM 766 O  O    . HOH C 3 .  ? -0.480  2.645   9.969   1.00 44.18 ? 316 HOH A O    1 
HETATM 767 O  O    . HOH C 3 .  ? -16.392 -8.866  2.708   1.00 49.19 ? 317 HOH A O    1 
HETATM 768 O  O    . HOH C 3 .  ? -1.628  -6.476  -5.164  1.00 64.18 ? 318 HOH A O    1 
HETATM 769 O  O    . HOH C 3 .  ? 0.179   0.121   10.368  1.00 60.19 ? 319 HOH A O    1 
HETATM 770 O  O    . HOH C 3 .  ? 15.257  -7.922  -9.848  1.00 56.94 ? 320 HOH A O    1 
# 
loop_
_atom_site_anisotrop.id 
_atom_site_anisotrop.type_symbol 
_atom_site_anisotrop.pdbx_label_atom_id 
_atom_site_anisotrop.pdbx_label_alt_id 
_atom_site_anisotrop.pdbx_label_comp_id 
_atom_site_anisotrop.pdbx_label_asym_id 
_atom_site_anisotrop.pdbx_label_seq_id 
_atom_site_anisotrop.pdbx_PDB_ins_code 
_atom_site_anisotrop.U[1][1] 
_atom_site_anisotrop.U[2][2] 
_atom_site_anisotrop.U[3][3] 
_atom_site_anisotrop.U[1][2] 
_atom_site_anisotrop.U[1][3] 
_atom_site_anisotrop.U[2][3] 
_atom_site_anisotrop.pdbx_auth_seq_id 
_atom_site_anisotrop.pdbx_auth_comp_id 
_atom_site_anisotrop.pdbx_auth_asym_id 
_atom_site_anisotrop.pdbx_auth_atom_id 
1   C  C    . ACE A 1  ? 0.1279 0.1989 0.1895 0.0070  0.0257  0.0333  0   ACE A C    
2   O  O    . ACE A 1  ? 0.1577 0.2306 0.2127 -0.0168 0.0387  0.0469  0   ACE A O    
3   C  CH3  . ACE A 1  ? 0.1558 0.2036 0.2131 -0.0024 0.0097  0.0258  0   ACE A CH3  
4   H  H1   . ACE A 1  ? 0.1003 0.1496 0.1192 0.0112  0.0087  0.0175  0   ACE A H1   
5   H  H2   . ACE A 1  ? 0.1192 0.1335 0.1431 -0.0058 -0.0077 0.0180  0   ACE A H2   
6   H  H3   . ACE A 1  ? 0.2200 0.2350 0.2300 0.0011  0.0056  0.0165  0   ACE A H3   
7   N  N    . ALA A 2  ? 0.1235 0.1818 0.1874 0.0099  0.0301  0.0318  1   ALA A N    
8   C  CA   . ALA A 2  ? 0.1085 0.1718 0.1815 0.0118  0.0331  0.0138  1   ALA A CA   
9   C  C    . ALA A 2  ? 0.0938 0.1507 0.1634 0.0087  0.0382  0.0159  1   ALA A C    
10  O  O    . ALA A 2  ? 0.0913 0.1543 0.1971 -0.0029 0.0491  0.0275  1   ALA A O    
11  C  CB   . ALA A 2  ? 0.1411 0.1927 0.1984 0.0096  0.0388  0.0090  1   ALA A CB   
12  H  H    . ALA A 2  ? 0.1312 0.1812 0.1816 0.0086  0.0225  0.0219  1   ALA A H    
13  H  HA   . ALA A 2  ? 0.1271 0.1708 0.1791 0.0084  0.0272  0.0122  1   ALA A HA   
14  H  HB1  . ALA A 2  ? 0.1375 0.1763 0.1849 0.0096  0.0222  0.0033  1   ALA A HB1  
15  H  HB2  . ALA A 2  ? 0.1374 0.1731 0.1801 0.0095  0.0219  0.0070  1   ALA A HB2  
16  H  HB3  . ALA A 2  ? 0.1450 0.1737 0.1818 0.0088  0.0251  0.0065  1   ALA A HB3  
17  N  N    . GLU A 3  ? 0.0888 0.1524 0.1549 0.0025  0.0340  0.0150  2   GLU A N    
18  C  CA   . GLU A 3  ? 0.1042 0.1657 0.1597 -0.0007 0.0316  0.0121  2   GLU A CA   
19  C  C    . GLU A 3  ? 0.0784 0.1600 0.1429 -0.0027 0.0279  0.0098  2   GLU A C    
20  O  O    . GLU A 3  ? 0.0882 0.1674 0.1423 -0.0065 0.0412  0.0039  2   GLU A O    
21  C  CB   . GLU A 3  ? 0.1278 0.1911 0.1774 -0.0021 0.0240  -0.0010 2   GLU A CB   
22  C  CG   . GLU A 3  ? 0.1629 0.2406 0.2259 -0.0205 0.0089  0.0048  2   GLU A CG   
23  C  CD   . GLU A 3  ? 0.2028 0.2526 0.2596 -0.0208 0.0035  0.0022  2   GLU A CD   
24  O  OE1  . GLU A 3  ? 0.3071 0.2915 0.3936 -0.0064 -0.0115 0.0085  2   GLU A OE1  
25  O  OE2  . GLU A 3  ? 0.2355 0.3461 0.3369 -0.0258 -0.0335 0.0025  2   GLU A OE2  
26  H  H    . GLU A 3  ? 0.0983 0.1491 0.1555 0.0025  0.0305  0.0120  2   GLU A H    
27  H  HA   . GLU A 3  ? 0.1054 0.1642 0.1568 -0.0002 0.0267  0.0073  2   GLU A HA   
28  H  HB2  . GLU A 3  ? 0.1311 0.1706 0.1677 -0.0003 0.0162  0.0003  2   GLU A HB2  
29  H  HB3  . GLU A 3  ? 0.1307 0.1700 0.1636 -0.0023 0.0173  0.0030  2   GLU A HB3  
30  H  HG2  . GLU A 3  ? 0.1872 0.2243 0.2150 -0.0094 0.0056  -0.0024 2   GLU A HG2  
31  H  HG3  . GLU A 3  ? 0.1868 0.2242 0.2151 -0.0093 0.0055  -0.0028 2   GLU A HG3  
32  N  N    . ILE A 4  ? 0.0695 0.1580 0.1412 -0.0052 0.0316  0.0118  3   ILE A N    
33  C  CA   . ILE A 4  ? 0.0863 0.1606 0.1501 -0.0029 0.0270  0.0116  3   ILE A CA   
34  C  C    . ILE A 4  ? 0.0888 0.1631 0.1385 -0.0123 0.0319  0.0102  3   ILE A C    
35  O  O    . ILE A 4  ? 0.0743 0.1901 0.1533 -0.0078 0.0326  0.0115  3   ILE A O    
36  C  CB   . ILE A 4  ? 0.0913 0.1624 0.1510 -0.0015 0.0174  0.0187  3   ILE A CB   
37  C  CG1  . ILE A 4  ? 0.1018 0.1659 0.1606 0.0012  0.0049  0.0300  3   ILE A CG1  
38  C  CG2  . ILE A 4  ? 0.0963 0.1921 0.1508 -0.0099 0.0086  0.0145  3   ILE A CG2  
39  C  CD1  . ILE A 4  ? 0.1390 0.2000 0.1750 -0.0125 0.0096  0.0310  3   ILE A CD1  
40  H  H    . ILE A 4  ? 0.0809 0.1554 0.1398 -0.0031 0.0269  0.0093  3   ILE A H    
41  H  HA   . ILE A 4  ? 0.0887 0.1587 0.1438 -0.0051 0.0235  0.0109  3   ILE A HA   
42  H  HB   . ILE A 4  ? 0.1019 0.1566 0.1449 -0.0028 0.0115  0.0113  3   ILE A HB   
43  H  HG12 . ILE A 4  ? 0.1256 0.1635 0.1526 -0.0019 0.0009  0.0149  3   ILE A HG12 
44  H  HG13 . ILE A 4  ? 0.1208 0.1619 0.1499 -0.0008 -0.0008 0.0145  3   ILE A HG13 
45  H  HG21 . ILE A 4  ? 0.1188 0.1689 0.1419 0.0002  0.0007  0.0081  3   ILE A HG21 
46  H  HG22 . ILE A 4  ? 0.1165 0.1608 0.1451 -0.0036 0.0003  0.0058  3   ILE A HG22 
47  H  HG23 . ILE A 4  ? 0.1192 0.1632 0.1442 -0.0058 -0.0016 0.0097  3   ILE A HG23 
48  H  HD11 . ILE A 4  ? 0.1542 0.1826 0.1708 -0.0052 0.0025  0.0173  3   ILE A HD11 
49  H  HD12 . ILE A 4  ? 0.1563 0.1906 0.1720 -0.0089 -0.0013 0.0209  3   ILE A HD12 
50  H  HD13 . ILE A 4  ? 0.1537 0.1868 0.1696 -0.0024 0.0011  0.0181  3   ILE A HD13 
51  N  N    . GLU A 5  ? 0.0961 0.1603 0.1569 -0.0078 0.0371  0.0037  4   GLU A N    
52  C  CA   . GLU A 5  ? 0.1184 0.1591 0.1582 -0.0081 0.0231  0.0002  4   GLU A CA   
53  C  C    . GLU A 5  ? 0.1042 0.1420 0.1491 0.0073  0.0374  -0.0018 4   GLU A C    
54  O  O    . GLU A 5  ? 0.0939 0.1519 0.1749 -0.0111 0.0496  0.0024  4   GLU A O    
55  C  CB   . GLU A 5  ? 0.1490 0.1878 0.1839 -0.0073 0.0244  -0.0001 4   GLU A CB   
56  H  H    . GLU A 5  ? 0.0995 0.1421 0.1349 -0.0064 0.0211  0.0029  4   GLU A H    
57  H  HA   . GLU A 5  ? 0.1175 0.1451 0.1448 -0.0040 0.0203  0.0003  4   GLU A HA   
58  H  HB2  . GLU A 5  ? 0.1299 0.1299 0.1319 -0.0051 0.0118  -0.0011 4   GLU A HB2  
59  H  HB3  . GLU A 5  ? 0.1177 0.1298 0.1445 -0.0029 0.0057  -0.0027 4   GLU A HB3  
60  N  N    . GLN A 6  ? 0.0934 0.1500 0.1601 0.0078  0.0351  0.0107  5   GLN A N    
61  C  CA   . GLN A 6  ? 0.1003 0.1461 0.1573 0.0043  0.0155  0.0173  5   GLN A CA   
62  C  C    . GLN A 6  ? 0.0718 0.1455 0.1586 -0.0020 0.0253  0.0153  5   GLN A C    
63  O  O    . GLN A 6  ? 0.0861 0.1535 0.1587 -0.0078 0.0341  0.0280  5   GLN A O    
64  C  CB   . GLN A 6  ? 0.1110 0.1686 0.1844 0.0182  0.0138  0.0126  5   GLN A CB   
65  C  CG   . GLN A 6  ? 0.1383 0.1971 0.1908 0.0192  -0.0099 0.0165  5   GLN A CG   
66  C  CD   A GLN A 6  ? 0.1868 0.1978 0.2074 0.0381  -0.0148 0.0203  5   GLN A CD   
67  O  OE1  A GLN A 6  ? 0.2217 0.2350 0.2377 0.0179  0.0086  0.0221  5   GLN A OE1  
68  N  NE2  A GLN A 6  ? 0.2352 0.2209 0.2278 0.0183  0.0079  0.0096  5   GLN A NE2  
69  H  H    . GLN A 6  ? 0.0934 0.1253 0.1334 0.0056  0.0209  0.0077  5   GLN A H    
70  H  HA   . GLN A 6  ? 0.0966 0.1376 0.1444 0.0053  0.0139  0.0101  5   GLN A HA   
71  H  HB2  . GLN A 6  ? 0.1041 0.1219 0.1230 0.0004  0.0012  0.0078  5   GLN A HB2  
72  H  HB3  . GLN A 6  ? 0.1040 0.1336 0.1239 0.0086  0.0024  0.0039  5   GLN A HB3  
73  H  HG2  . GLN A 6  ? 0.1372 0.1439 0.1446 0.0073  -0.0009 0.0041  5   GLN A HG2  
74  H  HG3  . GLN A 6  ? 0.1410 0.1535 0.1498 0.0026  -0.0051 0.0070  5   GLN A HG3  
75  H  HE21 A GLN A 6  ? 0.2070 0.2020 0.2087 0.0066  -0.0063 0.0021  5   GLN A HE21 
76  H  HE22 A GLN A 6  ? 0.2047 0.2125 0.2036 0.0112  -0.0019 0.0010  5   GLN A HE22 
77  N  N    . ALA A 7  ? 0.0785 0.1414 0.1543 -0.0009 0.0388  0.0184  6   ALA A N    
78  C  CA   . ALA A 7  ? 0.0942 0.1388 0.1527 -0.0052 0.0314  0.0096  6   ALA A CA   
79  C  C    . ALA A 7  ? 0.0779 0.1170 0.1418 -0.0018 0.0280  0.0215  6   ALA A C    
80  O  O    . ALA A 7  ? 0.0755 0.1335 0.1480 0.0030  0.0378  0.0141  6   ALA A O    
81  C  CB   . ALA A 7  ? 0.1061 0.1313 0.1600 -0.0024 0.0359  0.0111  6   ALA A CB   
82  H  H    . ALA A 7  ? 0.0822 0.1348 0.1458 -0.0029 0.0294  0.0127  6   ALA A H    
83  H  HA   . ALA A 7  ? 0.0930 0.1324 0.1508 -0.0036 0.0309  0.0121  6   ALA A HA   
84  H  HB1  . ALA A 7  ? 0.1086 0.1297 0.1509 -0.0041 0.0221  0.0037  6   ALA A HB1  
85  H  HB2  . ALA A 7  ? 0.1131 0.1300 0.1452 -0.0031 0.0241  0.0042  6   ALA A HB2  
86  H  HB3  . ALA A 7  ? 0.1077 0.1290 0.1438 -0.0038 0.0224  0.0035  6   ALA A HB3  
87  N  N    . LYS A 8  ? 0.0836 0.1186 0.1311 0.0040  0.0316  0.0162  7   LYS A N    
88  C  CA   . LYS A 8  ? 0.0919 0.1252 0.1283 0.0060  0.0211  0.0130  7   LYS A CA   
89  C  C    . LYS A 8  ? 0.0800 0.1255 0.1192 0.0019  0.0199  0.0156  7   LYS A C    
90  O  O    . LYS A 8  ? 0.0686 0.1510 0.1323 0.0040  0.0305  0.0117  7   LYS A O    
91  C  CB   . LYS A 8  ? 0.1164 0.1466 0.1223 0.0025  0.0187  0.0205  7   LYS A CB   
92  C  CG   . LYS A 8  ? 0.1357 0.1821 0.1422 0.0016  0.0172  -0.0010 7   LYS A CG   
93  C  CD   A LYS A 8  ? 0.1634 0.1894 0.1157 0.0012  0.0055  -0.0133 7   LYS A CD   
94  C  CE   A LYS A 8  ? 0.1667 0.2148 0.1939 -0.0055 -0.0028 -0.0051 7   LYS A CE   
95  N  NZ   A LYS A 8  ? 0.2125 0.2342 0.2339 -0.0043 -0.0069 -0.0161 7   LYS A NZ   
96  H  H    . LYS A 8  ? 0.0813 0.1057 0.1152 0.0017  0.0187  0.0110  7   LYS A H    
97  H  HA   . LYS A 8  ? 0.0896 0.1135 0.1105 0.0020  0.0150  0.0106  7   LYS A HA   
98  H  HB2  . LYS A 8  ? 0.0851 0.1021 0.0934 0.0049  0.0052  0.0004  7   LYS A HB2  
99  H  HB3  . LYS A 8  ? 0.0904 0.1042 0.0920 -0.0045 0.0064  0.0050  7   LYS A HB3  
100 H  HG2  A LYS A 8  ? 0.1135 0.1286 0.0936 -0.0015 0.0032  0.0013  7   LYS A HG2  
101 H  HG3  A LYS A 8  ? 0.1082 0.1280 0.1065 0.0020  0.0053  -0.0043 7   LYS A HG3  
102 H  HD2  A LYS A 8  ? 0.1469 0.1663 0.1242 0.0000  0.0010  -0.0056 7   LYS A HD2  
103 H  HD3  A LYS A 8  ? 0.1446 0.1650 0.1213 0.0010  0.0018  -0.0059 7   LYS A HD3  
104 H  HE2  A LYS A 8  ? 0.1822 0.2043 0.1880 -0.0001 -0.0029 -0.0067 7   LYS A HE2  
105 H  HE3  A LYS A 8  ? 0.1823 0.2059 0.1944 -0.0001 -0.0013 -0.0096 7   LYS A HE3  
106 H  HZ1  A LYS A 8  ? 0.2143 0.2273 0.2380 -0.0006 -0.0005 -0.0093 7   LYS A HZ1  
107 H  HZ2  A LYS A 8  ? 0.2173 0.2253 0.2264 -0.0015 -0.0044 -0.0028 7   LYS A HZ2  
108 H  HZ3  A LYS A 8  ? 0.2138 0.2246 0.2243 0.0004  -0.0020 -0.0038 7   LYS A HZ3  
109 N  N    . LYS A 9  ? 0.0757 0.1272 0.1353 -0.0001 0.0268  0.0162  8   LYS A N    
110 C  CA   . LYS A 9  ? 0.0914 0.1246 0.1370 -0.0013 0.0223  0.0122  8   LYS A CA   
111 C  C    . LYS A 9  ? 0.0755 0.1197 0.1331 0.0029  0.0250  0.0132  8   LYS A C    
112 O  O    . LYS A 9  ? 0.0864 0.1208 0.1299 -0.0074 0.0307  0.0178  8   LYS A O    
113 C  CB   . LYS A 9  ? 0.1176 0.1261 0.1477 0.0036  0.0276  0.0113  8   LYS A CB   
114 C  CG   . LYS A 9  ? 0.1306 0.1488 0.1821 0.0135  0.0272  0.0098  8   LYS A CG   
115 C  CD   A LYS A 9  ? 0.1254 0.1230 0.1650 0.0192  0.0265  0.0200  8   LYS A CD   
116 C  CE   A LYS A 9  ? 0.1641 0.1489 0.1891 0.0257  0.0124  0.0282  8   LYS A CE   
117 N  NZ   A LYS A 9  ? 0.1942 0.1793 0.1920 0.0432  -0.0033 0.0371  8   LYS A NZ   
118 H  H    . LYS A 9  ? 0.0768 0.1047 0.1084 -0.0001 0.0140  0.0093  8   LYS A H    
119 H  HA   . LYS A 9  ? 0.0894 0.1116 0.1205 0.0016  0.0177  0.0100  8   LYS A HA   
120 H  HB2  . LYS A 9  ? 0.0873 0.0962 0.1118 -0.0005 0.0058  0.0078  8   LYS A HB2  
121 H  HB3  . LYS A 9  ? 0.0960 0.0999 0.1058 0.0063  0.0132  0.0075  8   LYS A HB3  
122 H  HG2  . LYS A 9  ? 0.1070 0.1046 0.1476 0.0097  0.0105  0.0110  8   LYS A HG2  
123 H  HG3  . LYS A 9  ? 0.1148 0.1083 0.1353 0.0179  0.0191  0.0098  8   LYS A HG3  
124 H  HD2  A LYS A 9  ? 0.1309 0.1220 0.1565 0.0165  0.0108  0.0132  8   LYS A HD2  
125 H  HD3  A LYS A 9  ? 0.1392 0.1268 0.1585 0.0220  0.0174  0.0163  8   LYS A HD3  
126 H  HE2  A LYS A 9  ? 0.1695 0.1517 0.1760 0.0243  0.0062  0.0200  8   LYS A HE2  
127 H  HE3  A LYS A 9  ? 0.1624 0.1486 0.1741 0.0232  0.0046  0.0189  8   LYS A HE3  
128 H  HZ1  A LYS A 9  ? 0.1710 0.1667 0.1696 0.0132  0.0010  0.0101  8   LYS A HZ1  
129 H  HZ2  A LYS A 9  ? 0.1881 0.1711 0.1750 0.0191  0.0087  0.0133  8   LYS A HZ2  
130 H  HZ3  A LYS A 9  ? 0.1726 0.1743 0.1714 0.0151  -0.0002 0.0070  8   LYS A HZ3  
131 N  N    . GLU A 10 ? 0.0741 0.1234 0.1316 -0.0004 0.0264  0.0183  9   GLU A N    
132 C  CA   . GLU A 10 ? 0.0819 0.1432 0.1343 0.0010  0.0206  0.0127  9   GLU A CA   
133 C  C    . GLU A 10 ? 0.0713 0.1289 0.1276 -0.0052 0.0248  0.0042  9   GLU A C    
134 O  O    . GLU A 10 ? 0.0820 0.1295 0.1292 0.0023  0.0242  0.0216  9   GLU A O    
135 C  CB   . GLU A 10 ? 0.0873 0.1700 0.1460 -0.0013 0.0104  0.0037  9   GLU A CB   
136 C  CG   . GLU A 10 ? 0.1251 0.2090 0.1897 0.0183  0.0037  0.0089  9   GLU A CG   
137 C  CD   . GLU A 10 ? 0.1404 0.2425 0.2749 0.0083  -0.0085 0.0040  9   GLU A CD   
138 O  OE1  . GLU A 10 ? 0.2240 0.2810 0.4533 0.0050  -0.0279 -0.0105 9   GLU A OE1  
139 O  OE2  . GLU A 10 ? 0.1479 0.3483 0.3811 0.0167  -0.0193 0.0179  9   GLU A OE2  
140 H  H    . GLU A 10 ? 0.0769 0.1211 0.1240 0.0010  0.0207  0.0138  9   GLU A H    
141 H  HA   . GLU A 10 ? 0.0827 0.1405 0.1326 0.0000  0.0185  0.0092  9   GLU A HA   
142 H  HB2  . GLU A 10 ? 0.1010 0.1518 0.1377 0.0052  0.0076  0.0034  9   GLU A HB2  
143 H  HB3  . GLU A 10 ? 0.1006 0.1493 0.1362 0.0036  0.0078  0.0074  9   GLU A HB3  
144 H  HG2  . GLU A 10 ? 0.1463 0.1910 0.1825 0.0088  -0.0011 0.0019  9   GLU A HG2  
145 H  HG3  . GLU A 10 ? 0.1465 0.1935 0.1838 0.0078  -0.0016 0.0051  9   GLU A HG3  
146 N  N    A ILE A 11 ? 0.0693 0.1257 0.1191 -0.0001 0.0223  0.0044  10  ILE A N    
147 N  N    B ILE A 11 ? 0.0670 0.1270 0.1209 0.0020  0.0231  0.0054  10  ILE A N    
148 C  CA   A ILE A 11 ? 0.0726 0.1177 0.1149 -0.0006 0.0198  0.0052  10  ILE A CA   
149 C  CA   B ILE A 11 ? 0.0722 0.1229 0.1181 0.0013  0.0192  0.0045  10  ILE A CA   
150 C  C    A ILE A 11 ? 0.0709 0.1147 0.1121 -0.0034 0.0220  0.0065  10  ILE A C    
151 C  C    B ILE A 11 ? 0.0700 0.1197 0.1153 -0.0016 0.0234  0.0052  10  ILE A C    
152 O  O    A ILE A 11 ? 0.0598 0.0942 0.1077 0.0088  0.0209  0.0136  10  ILE A O    
153 O  O    B ILE A 11 ? 0.0622 0.1290 0.1112 0.0031  0.0283  0.0130  10  ILE A O    
154 C  CB   A ILE A 11 ? 0.0746 0.1165 0.1148 -0.0038 0.0221  -0.0012 10  ILE A CB   
155 C  CB   B ILE A 11 ? 0.0783 0.1179 0.1159 0.0037  0.0191  -0.0054 10  ILE A CB   
156 C  CG1  A ILE A 11 ? 0.0765 0.1186 0.1093 -0.0052 0.0178  0.0086  10  ILE A CG1  
157 C  CG1  B ILE A 11 ? 0.0985 0.1254 0.1165 0.0011  -0.0093 -0.0009 10  ILE A CG1  
158 C  CG2  A ILE A 11 ? 0.0822 0.1184 0.1045 -0.0122 0.0097  -0.0066 10  ILE A CG2  
159 C  CG2  B ILE A 11 ? 0.0839 0.1194 0.1194 -0.0087 0.0107  0.0053  10  ILE A CG2  
160 C  CD1  A ILE A 11 ? 0.0875 0.0973 0.1029 0.0024  0.0101  0.0020  10  ILE A CD1  
161 C  CD1  B ILE A 11 ? 0.1229 0.1409 0.1457 0.0082  -0.0133 -0.0181 10  ILE A CD1  
162 H  H    A ILE A 11 ? 0.0817 0.1259 0.1205 -0.0015 0.0194  0.0044  10  ILE A H    
163 H  H    B ILE A 11 ? 0.0737 0.1241 0.1196 0.0005  0.0205  0.0049  10  ILE A H    
164 H  HA   A ILE A 11 ? 0.0753 0.1174 0.1146 -0.0016 0.0190  0.0045  10  ILE A HA   
165 H  HA   B ILE A 11 ? 0.0757 0.1205 0.1170 0.0017  0.0192  0.0023  10  ILE A HA   
166 H  HB   A ILE A 11 ? 0.0821 0.1107 0.1097 -0.0017 0.0133  0.0031  10  ILE A HB   
167 H  HB   B ILE A 11 ? 0.0857 0.1144 0.1094 0.0028  0.0119  -0.0008 10  ILE A HB   
168 H  HG12 A ILE A 11 ? 0.0897 0.1047 0.1056 -0.0011 0.0069  0.0032  10  ILE A HG12 
169 H  HG12 B ILE A 11 ? 0.1025 0.1168 0.1146 0.0058  -0.0056 -0.0050 10  ILE A HG12 
170 H  HG13 A ILE A 11 ? 0.0901 0.1040 0.1049 -0.0012 0.0083  0.0020  10  ILE A HG13 
171 H  HG13 B ILE A 11 ? 0.1051 0.1177 0.1154 0.0049  -0.0056 -0.0051 10  ILE A HG13 
172 H  HG21 A ILE A 11 ? 0.0908 0.1059 0.1032 -0.0059 0.0032  -0.0056 10  ILE A HG21 
173 H  HG21 B ILE A 11 ? 0.1000 0.1147 0.1145 -0.0016 0.0057  0.0010  10  ILE A HG21 
174 H  HG22 A ILE A 11 ? 0.0927 0.1114 0.1067 -0.0044 0.0034  -0.0070 10  ILE A HG22 
175 H  HG22 B ILE A 11 ? 0.0993 0.1132 0.1129 -0.0024 0.0048  -0.0001 10  ILE A HG22 
176 H  HG23 A ILE A 11 ? 0.0917 0.1076 0.1028 -0.0046 0.0047  -0.0051 10  ILE A HG23 
177 H  HG23 B ILE A 11 ? 0.0993 0.1137 0.1126 -0.0022 0.0050  -0.0002 10  ILE A HG23 
178 H  HD11 A ILE A 11 ? 0.0920 0.0943 0.1014 0.0002  0.0057  -0.0011 10  ILE A HD11 
179 H  HD11 B ILE A 11 ? 0.1262 0.1383 0.1397 0.0039  -0.0074 -0.0130 10  ILE A HD11 
180 H  HD12 A ILE A 11 ? 0.0905 0.0933 0.1002 0.0008  0.0052  -0.0008 10  ILE A HD12 
181 H  HD12 B ILE A 11 ? 0.1229 0.1329 0.1329 0.0055  -0.0091 -0.0084 10  ILE A HD12 
182 H  HD13 A ILE A 11 ? 0.0924 0.0953 0.1012 0.0023  0.0061  0.0002  10  ILE A HD13 
183 H  HD13 B ILE A 11 ? 0.1262 0.1362 0.1334 0.0067  -0.0089 -0.0080 10  ILE A HD13 
184 N  N    . ALA A 12 ? 0.0649 0.1176 0.1151 -0.0058 0.0231  0.0040  11  ALA A N    
185 C  CA   . ALA A 12 ? 0.0700 0.1198 0.1165 -0.0016 0.0177  0.0024  11  ALA A CA   
186 C  C    . ALA A 12 ? 0.0730 0.1118 0.1151 -0.0095 0.0262  0.0036  11  ALA A C    
187 O  O    . ALA A 12 ? 0.0621 0.1285 0.1152 -0.0113 0.0234  -0.0009 11  ALA A O    
188 C  CB   . ALA A 12 ? 0.0803 0.1233 0.1278 0.0029  0.0087  0.0051  11  ALA A CB   
189 H  H    . ALA A 12 ? 0.0703 0.1171 0.1130 -0.0033 0.0209  0.0040  11  ALA A H    
190 H  HA   . ALA A 12 ? 0.0747 0.1177 0.1168 -0.0034 0.0165  0.0027  11  ALA A HA   
191 H  HB1  . ALA A 12 ? 0.0849 0.1154 0.1124 -0.0003 0.0071  0.0003  11  ALA A HB1  
192 H  HB2  . ALA A 12 ? 0.0852 0.1161 0.1144 0.0002  0.0064  -0.0007 11  ALA A HB2  
193 H  HB3  . ALA A 12 ? 0.0858 0.1164 0.1126 0.0007  0.0072  0.0004  11  ALA A HB3  
194 N  N    . TYR A 13 ? 0.0587 0.1097 0.1330 0.0002  0.0287  0.0109  12  TYR A N    
195 C  CA   . TYR A 13 ? 0.0796 0.1078 0.1335 -0.0036 0.0291  0.0199  12  TYR A CA   
196 C  C    . TYR A 13 ? 0.0632 0.1040 0.1184 0.0008  0.0207  0.0186  12  TYR A C    
197 O  O    . TYR A 13 ? 0.0721 0.1007 0.1330 -0.0035 0.0285  0.0203  12  TYR A O    
198 C  CB   . TYR A 13 ? 0.0821 0.1257 0.1643 0.0122  0.0330  0.0203  12  TYR A CB   
199 C  CG   . TYR A 13 ? 0.1010 0.1410 0.1784 0.0139  0.0357  0.0261  12  TYR A CG   
200 C  CD1  . TYR A 13 ? 0.1456 0.1717 0.2088 -0.0021 0.0085  0.0450  12  TYR A CD1  
201 C  CD2  . TYR A 13 ? 0.2070 0.1935 0.1887 -0.0135 0.0283  0.0392  12  TYR A CD2  
202 C  CE1  . TYR A 13 ? 0.1570 0.1761 0.2191 0.0015  0.0262  0.0617  12  TYR A CE1  
203 C  CE2  . TYR A 13 ? 0.2173 0.2111 0.1882 -0.0009 0.0179  0.0365  12  TYR A CE2  
204 C  CZ   . TYR A 13 ? 0.1519 0.1800 0.1909 0.0046  0.0440  0.0526  12  TYR A CZ   
205 O  OH   . TYR A 13 ? 0.1916 0.2210 0.2090 0.0105  0.0326  0.0696  12  TYR A OH   
206 H  H    . TYR A 13 ? 0.0689 0.1103 0.1246 -0.0043 0.0244  0.0096  12  TYR A H    
207 H  HA   . TYR A 13 ? 0.0755 0.1113 0.1340 0.0006  0.0252  0.0163  12  TYR A HA   
208 H  HB2  . TYR A 13 ? 0.0939 0.1151 0.1372 0.0020  0.0208  0.0163  12  TYR A HB2  
209 H  HB3  . TYR A 13 ? 0.0961 0.1195 0.1374 0.0053  0.0221  0.0171  12  TYR A HB3  
210 H  HD1  . TYR A 13 ? 0.1742 0.1865 0.1985 0.0014  0.0176  0.0355  12  TYR A HD1  
211 H  HD2  . TYR A 13 ? 0.1794 0.1853 0.1919 -0.0030 0.0203  0.0375  12  TYR A HD2  
212 H  HE1  . TYR A 13 ? 0.1604 0.1709 0.1818 0.0031  0.0222  0.0379  12  TYR A HE1  
213 H  HE2  . TYR A 13 ? 0.1686 0.1747 0.1861 0.0023  0.0219  0.0333  12  TYR A HE2  
214 H  HH   . TYR A 13 ? 0.2354 0.2354 0.2354 0.0000  0.0000  0.0000  12  TYR A HH   
215 N  N    . LEU A 14 ? 0.0708 0.1071 0.1149 -0.0066 0.0218  0.0160  13  LEU A N    
216 C  CA   . LEU A 14 ? 0.0748 0.1125 0.1054 -0.0081 0.0186  0.0065  13  LEU A CA   
217 C  C    . LEU A 14 ? 0.0639 0.1042 0.1022 -0.0068 0.0181  0.0072  13  LEU A C    
218 O  O    . LEU A 14 ? 0.0738 0.1190 0.1004 -0.0058 0.0258  0.0056  13  LEU A O    
219 C  CB   . LEU A 14 ? 0.0971 0.1182 0.1176 -0.0052 0.0127  0.0045  13  LEU A CB   
220 C  CG   . LEU A 14 ? 0.1053 0.1556 0.1469 -0.0069 0.0036  -0.0202 13  LEU A CG   
221 C  CD1  . LEU A 14 ? 0.1439 0.1853 0.1548 -0.0356 0.0063  -0.0309 13  LEU A CD1  
222 C  CD2  . LEU A 14 ? 0.1451 0.1742 0.1692 -0.0223 -0.0267 0.0036  13  LEU A CD2  
223 H  H    . LEU A 14 ? 0.0722 0.1059 0.1112 -0.0062 0.0189  0.0117  13  LEU A H    
224 H  HA   . LEU A 14 ? 0.0799 0.1096 0.1088 -0.0065 0.0160  0.0069  13  LEU A HA   
225 H  HB2  . LEU A 14 ? 0.0932 0.1123 0.1122 -0.0039 0.0087  0.0006  13  LEU A HB2  
226 H  HB3  . LEU A 14 ? 0.0943 0.1134 0.1108 -0.0052 0.0082  0.0022  13  LEU A HB3  
227 H  HG   . LEU A 14 ? 0.1241 0.1432 0.1411 -0.0069 -0.0019 -0.0103 13  LEU A HG   
228 H  HD11 . LEU A 14 ? 0.1441 0.1624 0.1518 -0.0151 -0.0019 -0.0161 13  LEU A HD11 
229 H  HD12 . LEU A 14 ? 0.1466 0.1622 0.1485 -0.0151 0.0011  -0.0155 13  LEU A HD12 
230 H  HD13 . LEU A 14 ? 0.1504 0.1712 0.1491 -0.0215 -0.0034 -0.0129 13  LEU A HD13 
231 H  HD21 . LEU A 14 ? 0.1479 0.1633 0.1586 -0.0099 -0.0144 -0.0018 13  LEU A HD21 
232 H  HD22 . LEU A 14 ? 0.1552 0.1680 0.1615 -0.0157 -0.0174 0.0012  13  LEU A HD22 
233 H  HD23 . LEU A 14 ? 0.1428 0.1605 0.1565 -0.0113 -0.0165 -0.0018 13  LEU A HD23 
234 N  N    . ILE A 15 ? 0.0589 0.1183 0.1061 -0.0032 0.0240  0.0076  14  ILE A N    
235 C  CA   . ILE A 15 ? 0.0684 0.1223 0.1069 -0.0007 0.0230  0.0111  14  ILE A CA   
236 C  C    . ILE A 15 ? 0.0693 0.1182 0.1065 -0.0069 0.0193  0.0142  14  ILE A C    
237 O  O    . ILE A 15 ? 0.0627 0.1384 0.1231 -0.0080 0.0262  0.0100  14  ILE A O    
238 C  CB   . ILE A 15 ? 0.0696 0.1207 0.1163 0.0043  0.0155  0.0052  14  ILE A CB   
239 C  CG1  . ILE A 15 ? 0.0859 0.1256 0.1387 0.0034  0.0202  0.0182  14  ILE A CG1  
240 C  CG2  . ILE A 15 ? 0.0896 0.1274 0.1287 0.0001  0.0166  0.0103  14  ILE A CG2  
241 C  CD1  . ILE A 15 ? 0.1112 0.1490 0.1417 -0.0099 0.0162  0.0323  14  ILE A CD1  
242 H  H    . ILE A 15 ? 0.0653 0.1138 0.1032 -0.0030 0.0202  0.0077  14  ILE A H    
243 H  HA   . ILE A 15 ? 0.0698 0.1194 0.1081 -0.0015 0.0186  0.0094  14  ILE A HA   
244 H  HB   . ILE A 15 ? 0.0791 0.1145 0.1094 0.0027  0.0135  0.0077  14  ILE A HB   
245 H  HG12 . ILE A 15 ? 0.0985 0.1177 0.1246 0.0022  0.0080  0.0114  14  ILE A HG12 
246 H  HG13 . ILE A 15 ? 0.1028 0.1196 0.1267 0.0018  0.0097  0.0121  14  ILE A HG13 
247 H  HG21 . ILE A 15 ? 0.0978 0.1209 0.1151 0.0035  0.0058  0.0037  14  ILE A HG21 
248 H  HG22 . ILE A 15 ? 0.0973 0.1142 0.1184 0.0020  0.0056  0.0022  14  ILE A HG22 
249 H  HG23 . ILE A 15 ? 0.0974 0.1137 0.1149 0.0017  0.0055  0.0036  14  ILE A HG23 
250 H  HD11 . ILE A 15 ? 0.1229 0.1349 0.1370 -0.0042 0.0083  0.0169  14  ILE A HD11 
251 H  HD12 . ILE A 15 ? 0.1257 0.1418 0.1367 -0.0091 0.0047  0.0188  14  ILE A HD12 
252 H  HD13 . ILE A 15 ? 0.1207 0.1357 0.1350 -0.0035 0.0066  0.0167  14  ILE A HD13 
253 N  N    A LYS A 16 ? 0.0822 0.1131 0.1133 -0.0126 0.0253  0.0049  15  LYS A N    
254 N  N    B LYS A 16 ? 0.0737 0.1116 0.1185 -0.0115 0.0259  0.0038  15  LYS A N    
255 C  CA   A LYS A 16 ? 0.0929 0.1195 0.1234 -0.0119 0.0244  0.0052  15  LYS A CA   
256 C  CA   B LYS A 16 ? 0.0854 0.1163 0.1294 -0.0100 0.0248  0.0032  15  LYS A CA   
257 C  C    A LYS A 16 ? 0.0859 0.1055 0.1192 -0.0052 0.0286  0.0083  15  LYS A C    
258 C  C    B LYS A 16 ? 0.0800 0.1005 0.1231 -0.0055 0.0292  0.0071  15  LYS A C    
259 O  O    A LYS A 16 ? 0.0711 0.1112 0.1260 -0.0064 0.0204  0.0158  15  LYS A O    
260 O  O    B LYS A 16 ? 0.0694 0.0944 0.1306 -0.0080 0.0271  0.0050  15  LYS A O    
261 C  CB   A LYS A 16 ? 0.1149 0.1236 0.1336 -0.0085 0.0261  -0.0012 15  LYS A CB   
262 C  CB   B LYS A 16 ? 0.1002 0.1210 0.1444 -0.0049 0.0205  -0.0064 15  LYS A CB   
263 C  CG   A LYS A 16 ? 0.1301 0.1217 0.1303 -0.0215 0.0133  -0.0020 15  LYS A CG   
264 C  CG   B LYS A 16 ? 0.1212 0.1232 0.1551 -0.0101 0.0124  -0.0028 15  LYS A CG   
265 C  CD   A LYS A 16 ? 0.1593 0.1532 0.1581 -0.0028 0.0159  0.0005  15  LYS A CD   
266 C  CD   B LYS A 16 ? 0.1465 0.1519 0.1848 0.0066  0.0197  0.0019  15  LYS A CD   
267 C  CE   A LYS A 16 ? 0.2223 0.1802 0.1943 -0.0093 0.0175  0.0080  15  LYS A CE   
268 C  CE   B LYS A 16 ? 0.2079 0.1648 0.2158 0.0225  -0.0089 0.0039  15  LYS A CE   
269 N  NZ   A LYS A 16 ? 0.2339 0.2483 0.2881 -0.0183 -0.0124 -0.0151 15  LYS A NZ   
270 N  NZ   B LYS A 16 ? 0.2321 0.2477 0.2335 0.0156  -0.0059 0.0048  15  LYS A NZ   
271 H  H    A LYS A 16 ? 0.0890 0.1202 0.1185 -0.0083 0.0192  0.0058  15  LYS A H    
272 H  H    B LYS A 16 ? 0.0775 0.1138 0.1163 -0.0095 0.0219  0.0056  15  LYS A H    
273 H  HA   A LYS A 16 ? 0.0971 0.1156 0.1235 -0.0085 0.0238  0.0035  15  LYS A HA   
274 H  HA   B LYS A 16 ? 0.0879 0.1126 0.1287 -0.0078 0.0237  0.0019  15  LYS A HA   
275 H  HB2  A LYS A 16 ? 0.1099 0.1176 0.1267 -0.0082 0.0160  -0.0002 15  LYS A HB2  
276 H  HB2  B LYS A 16 ? 0.1025 0.1149 0.1366 -0.0072 0.0152  -0.0013 15  LYS A HB2  
277 H  HB3  A LYS A 16 ? 0.1143 0.1179 0.1304 -0.0081 0.0204  0.0001  15  LYS A HB3  
278 H  HB3  B LYS A 16 ? 0.1043 0.1151 0.1334 -0.0065 0.0178  -0.0012 15  LYS A HB3  
279 H  HG2  A LYS A 16 ? 0.1369 0.1263 0.1314 -0.0087 0.0069  -0.0029 15  LYS A HG2  
280 H  HG2  B LYS A 16 ? 0.1306 0.1274 0.1555 -0.0047 0.0084  -0.0029 15  LYS A HG2  
281 H  HG3  A LYS A 16 ? 0.1374 0.1266 0.1349 -0.0084 0.0059  -0.0038 15  LYS A HG3  
282 H  HG3  B LYS A 16 ? 0.1280 0.1268 0.1503 -0.0052 0.0080  -0.0031 15  LYS A HG3  
283 H  HD2  A LYS A 16 ? 0.1701 0.1512 0.1592 -0.0049 0.0062  -0.0008 15  LYS A HD2  
284 H  HD2  B LYS A 16 ? 0.1632 0.1509 0.1825 0.0034  0.0059  0.0009  15  LYS A HD2  
285 H  HD3  A LYS A 16 ? 0.1745 0.1514 0.1620 -0.0046 0.0098  -0.0004 15  LYS A HD3  
286 H  HD3  B LYS A 16 ? 0.1665 0.1512 0.1812 0.0037  0.0091  0.0015  15  LYS A HD3  
287 H  HE2  A LYS A 16 ? 0.2155 0.1952 0.2023 -0.0099 0.0022  0.0012  15  LYS A HE2  
288 H  HE2  B LYS A 16 ? 0.2071 0.1900 0.2098 0.0103  -0.0026 0.0037  15  LYS A HE2  
289 H  HE3  A LYS A 16 ? 0.2059 0.1900 0.1909 -0.0079 0.0083  0.0030  15  LYS A HE3  
290 H  HE3  B LYS A 16 ? 0.2032 0.1870 0.2081 0.0122  -0.0014 0.0022  15  LYS A HE3  
291 H  HZ1  A LYS A 16 ? 0.2520 0.2480 0.2772 -0.0040 -0.0126 -0.0063 15  LYS A HZ1  
292 H  HZ1  B LYS A 16 ? 0.2243 0.2245 0.2206 0.0011  -0.0076 0.0053  15  LYS A HZ1  
293 H  HZ2  A LYS A 16 ? 0.2498 0.2502 0.2588 -0.0092 -0.0035 -0.0030 15  LYS A HZ2  
294 H  HZ2  B LYS A 16 ? 0.2221 0.2203 0.2188 0.0048  -0.0035 0.0025  15  LYS A HZ2  
295 H  HZ3  A LYS A 16 ? 0.2452 0.2460 0.2585 -0.0060 -0.0033 -0.0028 15  LYS A HZ3  
296 H  HZ3  B LYS A 16 ? 0.2223 0.2334 0.2186 0.0095  -0.0050 0.0017  15  LYS A HZ3  
297 N  N    . LYS A 17 ? 0.0750 0.1157 0.1207 -0.0095 0.0283  0.0142  16  LYS A N    
298 C  CA   . LYS A 17 ? 0.0833 0.1275 0.1260 -0.0018 0.0247  0.0201  16  LYS A CA   
299 C  C    . LYS A 17 ? 0.0658 0.1289 0.1187 -0.0049 0.0227  0.0202  16  LYS A C    
300 O  O    . LYS A 17 ? 0.0852 0.1444 0.1365 0.0020  0.0369  0.0346  16  LYS A O    
301 C  CB   . LYS A 17 ? 0.0909 0.1419 0.1349 0.0000  0.0110  0.0174  16  LYS A CB   
302 C  CG   . LYS A 17 ? 0.1185 0.1455 0.1662 -0.0002 0.0207  0.0372  16  LYS A CG   
303 C  CD   . LYS A 17 ? 0.1368 0.1842 0.1766 0.0077  0.0045  0.0384  16  LYS A CD   
304 C  CE   . LYS A 17 ? 0.1596 0.2167 0.1985 -0.0067 -0.0290 0.0348  16  LYS A CE   
305 N  NZ   . LYS A 17 ? 0.1849 0.2584 0.2324 -0.0089 -0.0290 0.0117  16  LYS A NZ   
306 H  H    . LYS A 17 ? 0.0817 0.1110 0.1213 -0.0065 0.0265  0.0114  16  LYS A H    
307 H  HA   . LYS A 17 ? 0.0827 0.1279 0.1255 -0.0035 0.0210  0.0171  16  LYS A HA   
308 H  HB2  . LYS A 17 ? 0.0986 0.1301 0.1311 0.0020  0.0143  0.0154  16  LYS A HB2  
309 H  HB3  . LYS A 17 ? 0.0984 0.1280 0.1330 0.0007  0.0140  0.0167  16  LYS A HB3  
310 H  HG2  . LYS A 17 ? 0.1246 0.1435 0.1504 -0.0007 0.0087  0.0207  16  LYS A HG2  
311 H  HG3  . LYS A 17 ? 0.1264 0.1478 0.1510 0.0012  0.0081  0.0198  16  LYS A HG3  
312 H  HD2  . LYS A 17 ? 0.1521 0.1782 0.1748 0.0015  -0.0032 0.0249  16  LYS A HD2  
313 H  HD3  . LYS A 17 ? 0.1494 0.1750 0.1719 0.0029  -0.0022 0.0243  16  LYS A HD3  
314 H  HE2  . LYS A 17 ? 0.1808 0.2133 0.2049 -0.0037 -0.0229 0.0226  16  LYS A HE2  
315 H  HE3  . LYS A 17 ? 0.1758 0.2096 0.1971 -0.0018 -0.0189 0.0203  16  LYS A HE3  
316 H  HZ1  . LYS A 17 ? 0.2178 0.2363 0.2299 -0.0031 -0.0087 0.0048  16  LYS A HZ1  
317 H  HZ2  . LYS A 17 ? 0.2205 0.2364 0.2377 -0.0035 -0.0130 0.0069  16  LYS A HZ2  
318 H  HZ3  . LYS A 17 ? 0.2189 0.2390 0.2303 -0.0004 -0.0097 0.0040  16  LYS A HZ3  
319 N  N    . ALA A 18 ? 0.0721 0.1180 0.1156 -0.0014 0.0225  0.0169  17  ALA A N    
320 C  CA   . ALA A 18 ? 0.0784 0.1193 0.1166 -0.0031 0.0246  0.0061  17  ALA A CA   
321 C  C    . ALA A 18 ? 0.0710 0.1013 0.1157 0.0024  0.0201  0.0158  17  ALA A C    
322 O  O    . ALA A 18 ? 0.0707 0.1083 0.1340 -0.0001 0.0358  0.0128  17  ALA A O    
323 C  CB   . ALA A 18 ? 0.0922 0.1288 0.1366 0.0048  0.0261  -0.0053 17  ALA A CB   
324 H  H    . ALA A 18 ? 0.0750 0.1198 0.1143 -0.0029 0.0213  0.0134  17  ALA A H    
325 H  HA   . ALA A 18 ? 0.0807 0.1163 0.1183 -0.0004 0.0205  0.0079  17  ALA A HA   
326 H  HB1  . ALA A 18 ? 0.0926 0.1146 0.1200 -0.0003 0.0132  0.0018  17  ALA A HB1  
327 H  HB2  . ALA A 18 ? 0.0962 0.1150 0.1154 0.0013  0.0165  0.0019  17  ALA A HB2  
328 H  HB3  . ALA A 18 ? 0.0921 0.1143 0.1138 -0.0004 0.0141  0.0012  17  ALA A HB3  
329 N  N    . LYS A 19 ? 0.0662 0.1199 0.1097 -0.0007 0.0137  0.0131  18  LYS A N    
330 C  CA   . LYS A 19 ? 0.0799 0.1132 0.1162 -0.0032 0.0148  0.0114  18  LYS A CA   
331 C  C    . LYS A 19 ? 0.0654 0.1142 0.1143 -0.0009 0.0223  0.0121  18  LYS A C    
332 O  O    . LYS A 19 ? 0.0735 0.1140 0.1371 -0.0037 0.0307  0.0129  18  LYS A O    
333 C  CB   . LYS A 19 ? 0.0919 0.1266 0.1086 -0.0102 0.0115  0.0140  18  LYS A CB   
334 C  CG   . LYS A 19 ? 0.1172 0.1359 0.1297 -0.0088 0.0075  0.0216  18  LYS A CG   
335 C  CD   . LYS A 19 ? 0.1661 0.1405 0.1407 -0.0017 -0.0020 0.0164  18  LYS A CD   
336 C  CE   A LYS A 19 ? 0.1457 0.1262 0.1512 -0.0038 0.0121  0.0041  18  LYS A CE   
337 N  NZ   A LYS A 19 ? 0.1889 0.1740 0.1719 -0.0144 0.0185  -0.0111 18  LYS A NZ   
338 H  H    . LYS A 19 ? 0.0682 0.1002 0.1012 -0.0005 0.0111  0.0112  18  LYS A H    
339 H  HA   . LYS A 19 ? 0.0757 0.1049 0.1004 -0.0037 0.0110  0.0091  18  LYS A HA   
340 H  HB2  . LYS A 19 ? 0.0715 0.0859 0.0830 -0.0002 0.0030  0.0024  18  LYS A HB2  
341 H  HB3  . LYS A 19 ? 0.0774 0.0892 0.0824 -0.0086 0.0055  0.0044  18  LYS A HB3  
342 H  HG2  . LYS A 19 ? 0.0868 0.0907 0.0860 0.0011  -0.0014 0.0010  18  LYS A HG2  
343 H  HG3  . LYS A 19 ? 0.0930 0.0948 0.0859 -0.0093 0.0029  0.0021  18  LYS A HG3  
344 H  HD2  . LYS A 19 ? 0.1216 0.1080 0.1096 0.0045  -0.0053 0.0055  18  LYS A HD2  
345 H  HD3  . LYS A 19 ? 0.1255 0.1087 0.1078 -0.0067 -0.0006 0.0075  18  LYS A HD3  
346 H  HE2  A LYS A 19 ? 0.1478 0.1267 0.1424 -0.0028 0.0074  0.0040  18  LYS A HE2  
347 H  HE3  A LYS A 19 ? 0.1489 0.1296 0.1432 -0.0020 0.0069  0.0028  18  LYS A HE3  
348 H  HZ1  A LYS A 19 ? 0.1838 0.1753 0.1741 -0.0117 0.0097  -0.0051 18  LYS A HZ1  
349 H  HZ2  A LYS A 19 ? 0.1739 0.1699 0.1729 -0.0042 0.0068  -0.0037 18  LYS A HZ2  
350 H  HZ3  A LYS A 19 ? 0.1750 0.1693 0.1734 -0.0038 0.0081  -0.0021 18  LYS A HZ3  
351 N  N    . CGU A 20 ? 0.0669 0.1188 0.1180 -0.0012 0.0302  0.0220  19  CGU A N    
352 C  CA   . CGU A 20 ? 0.0941 0.1297 0.1392 0.0022  0.0372  0.0200  19  CGU A CA   
353 C  C    . CGU A 20 ? 0.0757 0.1180 0.1321 0.0086  0.0330  0.0255  19  CGU A C    
354 O  O    . CGU A 20 ? 0.0772 0.1198 0.1324 0.0001  0.0296  0.0304  19  CGU A O    
355 C  CB   . CGU A 20 ? 0.1291 0.1482 0.1647 0.0066  0.0370  0.0286  19  CGU A CB   
356 C  CG   . CGU A 20 ? 0.1519 0.1520 0.1763 0.0064  0.0419  0.0271  19  CGU A CG   
357 C  CD1  . CGU A 20 ? 0.1612 0.2089 0.2057 0.0385  0.0372  0.0323  19  CGU A CD1  
358 C  CD2  . CGU A 20 ? 0.1938 0.2188 0.1556 0.0061  0.0170  0.0640  19  CGU A CD2  
359 O  OE11 . CGU A 20 ? 0.1770 0.2391 0.2841 0.0358  0.0565  0.0664  19  CGU A OE11 
360 O  OE12 . CGU A 20 ? 0.2180 0.1697 0.1926 0.0552  0.0437  0.0318  19  CGU A OE12 
361 O  OE21 . CGU A 20 ? 0.2157 0.1908 0.2037 0.0087  0.0632  0.0881  19  CGU A OE21 
362 O  OE22 . CGU A 20 ? 0.3137 0.2383 0.1811 -0.0333 0.0226  0.0567  19  CGU A OE22 
363 H  H    . CGU A 20 ? 0.0729 0.1133 0.1146 -0.0002 0.0245  0.0158  19  CGU A H    
364 H  HA   . CGU A 20 ? 0.0951 0.1285 0.1361 0.0032  0.0324  0.0212  19  CGU A HA   
365 H  HB2  . CGU A 20 ? 0.1255 0.1334 0.1490 0.0063  0.0331  0.0172  19  CGU A HB2  
366 H  HB3  . CGU A 20 ? 0.1197 0.1324 0.1503 0.0027  0.0262  0.0168  19  CGU A HB3  
367 H  HG   . CGU A 20 ? 0.1636 0.1675 0.1657 0.0071  0.0223  0.0186  19  CGU A HG   
368 N  N    A GLU A 21 ? 0.0749 0.1199 0.1192 0.0031  0.0233  0.0309  20  GLU A N    
369 C  CA   A GLU A 21 ? 0.0919 0.1316 0.1224 -0.0037 0.0229  0.0194  20  GLU A CA   
370 C  C    A GLU A 21 ? 0.0754 0.1273 0.0954 -0.0081 0.0114  0.0158  20  GLU A C    
371 O  O    A GLU A 21 ? 0.0829 0.1379 0.0938 0.0065  0.0247  0.0251  20  GLU A O    
372 C  CB   A GLU A 21 ? 0.1003 0.1618 0.1516 0.0015  -0.0049 0.0230  20  GLU A CB   
373 C  CG   A GLU A 21 ? 0.1749 0.2017 0.1977 0.0189  0.0114  0.0064  20  GLU A CG   
374 C  CD   A GLU A 21 ? 0.2111 0.3083 0.2533 0.0152  -0.0029 0.0143  20  GLU A CD   
375 O  OE1  A GLU A 21 ? 0.2439 0.3742 0.3420 0.0006  -0.0106 0.0038  20  GLU A OE1  
376 O  OE2  A GLU A 21 ? 0.3070 0.3414 0.2706 0.0183  -0.0036 -0.0056 20  GLU A OE2  
377 H  H    A GLU A 21 ? 0.0867 0.1225 0.1231 0.0002  0.0213  0.0203  20  GLU A H    
378 H  HA   A GLU A 21 ? 0.0904 0.1328 0.1219 -0.0028 0.0137  0.0202  20  GLU A HA   
379 H  HB2  A GLU A 21 ? 0.1104 0.1393 0.1350 -0.0008 0.0103  0.0142  20  GLU A HB2  
380 H  HB3  A GLU A 21 ? 0.1115 0.1450 0.1362 -0.0009 0.0102  0.0120  20  GLU A HB3  
381 H  HG2  A GLU A 21 ? 0.1629 0.1928 0.1870 0.0048  0.0032  0.0094  20  GLU A HG2  
382 H  HG3  A GLU A 21 ? 0.1661 0.1995 0.1880 0.0048  0.0026  0.0077  20  GLU A HG3  
383 N  N    . ILE A 22 ? 0.0634 0.1053 0.1007 -0.0026 0.0186  0.0067  21  ILE A N    
384 C  CA   . ILE A 22 ? 0.0671 0.1007 0.0950 -0.0028 0.0248  0.0028  21  ILE A CA   
385 C  C    . ILE A 22 ? 0.0690 0.0967 0.0904 -0.0041 0.0173  0.0028  21  ILE A C    
386 O  O    . ILE A 22 ? 0.0647 0.1092 0.0966 -0.0046 0.0250  0.0032  21  ILE A O    
387 C  CB   . ILE A 22 ? 0.0696 0.0935 0.0875 -0.0078 0.0195  -0.0129 21  ILE A CB   
388 C  CG1  . ILE A 22 ? 0.0755 0.1035 0.1034 0.0004  0.0110  -0.0109 21  ILE A CG1  
389 C  CG2  . ILE A 22 ? 0.0797 0.0906 0.0942 -0.0068 0.0165  -0.0047 21  ILE A CG2  
390 C  CD1  . ILE A 22 ? 0.0870 0.1022 0.1265 -0.0063 0.0101  0.0019  21  ILE A CD1  
391 H  H    . ILE A 22 ? 0.0708 0.1088 0.0979 -0.0035 0.0159  0.0082  21  ILE A H    
392 H  HA   . ILE A 22 ? 0.0696 0.0984 0.0939 -0.0035 0.0183  0.0010  21  ILE A HA   
393 H  HB   . ILE A 22 ? 0.0735 0.0911 0.0877 -0.0015 0.0158  -0.0029 21  ILE A HB   
394 H  HG12 . ILE A 22 ? 0.0821 0.0901 0.0953 0.0001  0.0048  -0.0057 21  ILE A HG12 
395 H  HG13 . ILE A 22 ? 0.0847 0.0917 0.0969 -0.0012 0.0059  -0.0063 21  ILE A HG13 
396 H  HG21 . ILE A 22 ? 0.0833 0.0844 0.0887 -0.0019 0.0084  -0.0024 21  ILE A HG21 
397 H  HG22 . ILE A 22 ? 0.0825 0.0842 0.0878 -0.0025 0.0073  -0.0044 21  ILE A HG22 
398 H  HG23 . ILE A 22 ? 0.0818 0.0827 0.0862 -0.0027 0.0083  -0.0039 21  ILE A HG23 
399 H  HD11 . ILE A 22 ? 0.0946 0.0969 0.1084 -0.0025 0.0029  -0.0034 21  ILE A HD11 
400 H  HD12 . ILE A 22 ? 0.0934 0.0972 0.1096 -0.0017 -0.0001 -0.0007 21  ILE A HD12 
401 H  HD13 . ILE A 22 ? 0.0929 0.0960 0.1076 0.0003  0.0021  -0.0017 21  ILE A HD13 
402 N  N    . LEU A 23 ? 0.0584 0.1014 0.0971 0.0011  0.0223  0.0056  22  LEU A N    
403 C  CA   . LEU A 23 ? 0.0622 0.1030 0.1018 -0.0045 0.0155  0.0066  22  LEU A CA   
404 C  C    . LEU A 23 ? 0.0763 0.1062 0.0965 -0.0029 0.0168  0.0101  22  LEU A C    
405 O  O    . LEU A 23 ? 0.0685 0.1290 0.1093 -0.0137 0.0208  0.0164  22  LEU A O    
406 C  CB   . LEU A 23 ? 0.0827 0.0986 0.1184 -0.0015 0.0148  0.0006  22  LEU A CB   
407 C  CG   . LEU A 23 ? 0.0959 0.1183 0.1029 -0.0132 0.0118  -0.0066 22  LEU A CG   
408 C  CD1  . LEU A 23 ? 0.1284 0.1649 0.1135 -0.0013 0.0151  -0.0100 22  LEU A CD1  
409 C  CD2  . LEU A 23 ? 0.1352 0.1488 0.1231 -0.0017 0.0138  0.0169  22  LEU A CD2  
410 H  H    . LEU A 23 ? 0.0630 0.1001 0.0964 -0.0027 0.0177  0.0037  22  LEU A H    
411 H  HA   . LEU A 23 ? 0.0707 0.1018 0.1027 -0.0028 0.0149  0.0050  22  LEU A HA   
412 H  HB2  . LEU A 23 ? 0.0799 0.0980 0.1018 -0.0048 0.0085  0.0011  22  LEU A HB2  
413 H  HB3  . LEU A 23 ? 0.0789 0.0987 0.1017 -0.0029 0.0080  0.0016  22  LEU A HB3  
414 H  HG   . LEU A 23 ? 0.1072 0.1141 0.1063 -0.0066 0.0044  -0.0026 22  LEU A HG   
415 H  HD11 . LEU A 23 ? 0.1308 0.1385 0.1164 -0.0036 0.0077  -0.0055 22  LEU A HD11 
416 H  HD12 . LEU A 23 ? 0.1255 0.1383 0.1174 -0.0011 0.0045  -0.0063 22  LEU A HD12 
417 H  HD13 . LEU A 23 ? 0.1298 0.1437 0.1157 0.0030  0.0066  -0.0028 22  LEU A HD13 
418 H  HD21 . LEU A 23 ? 0.1279 0.1356 0.1208 -0.0046 0.0011  0.0109  22  LEU A HD21 
419 H  HD22 . LEU A 23 ? 0.1303 0.1310 0.1167 0.0013  0.0030  0.0056  22  LEU A HD22 
420 H  HD23 . LEU A 23 ? 0.1258 0.1267 0.1153 -0.0018 0.0032  0.0056  22  LEU A HD23 
421 N  N    . CGU A 24 ? 0.0646 0.1079 0.1066 -0.0072 0.0134  0.0252  23  CGU A N    
422 C  CA   . CGU A 24 ? 0.0769 0.1162 0.1134 -0.0091 0.0206  0.0216  23  CGU A CA   
423 C  C    . CGU A 24 ? 0.0719 0.1248 0.1118 0.0056  0.0240  0.0258  23  CGU A C    
424 O  O    . CGU A 24 ? 0.0770 0.1491 0.1265 -0.0063 0.0286  0.0420  23  CGU A O    
425 C  CB   . CGU A 24 ? 0.0815 0.1104 0.1077 -0.0006 0.0141  0.0236  23  CGU A CB   
426 C  CG   . CGU A 24 ? 0.0892 0.1126 0.1135 -0.0081 0.0185  0.0078  23  CGU A CG   
427 C  CD1  . CGU A 24 ? 0.0935 0.1300 0.1312 -0.0104 -0.0135 0.0277  23  CGU A CD1  
428 C  CD2  . CGU A 24 ? 0.1107 0.1105 0.1286 0.0078  0.0143  0.0153  23  CGU A CD2  
429 O  OE11 . CGU A 24 ? 0.1166 0.1818 0.1550 -0.0102 0.0159  0.0761  23  CGU A OE11 
430 O  OE12 . CGU A 24 ? 0.1786 0.0939 0.1612 0.0095  -0.0235 0.0190  23  CGU A OE12 
431 O  OE21 . CGU A 24 ? 0.1174 0.1287 0.1444 0.0174  0.0176  0.0163  23  CGU A OE21 
432 O  OE22 . CGU A 24 ? 0.1131 0.1461 0.1547 0.0045  -0.0039 0.0197  23  CGU A OE22 
433 H  H    . CGU A 24 ? 0.0716 0.1096 0.1046 -0.0069 0.0140  0.0182  23  CGU A H    
434 H  HA   . CGU A 24 ? 0.0764 0.1155 0.1100 -0.0036 0.0164  0.0220  23  CGU A HA   
435 H  HB2  . CGU A 24 ? 0.0879 0.1077 0.1066 -0.0054 0.0113  0.0152  23  CGU A HB2  
436 H  HB3  . CGU A 24 ? 0.0888 0.1095 0.1076 -0.0041 0.0112  0.0151  23  CGU A HB3  
437 H  HG   . CGU A 24 ? 0.1005 0.1036 0.1134 -0.0033 0.0048  0.0084  23  CGU A HG   
438 N  N    . GLU A 25 ? 0.0819 0.1216 0.1062 0.0072  0.0193  0.0211  24  GLU A N    
439 C  CA   . GLU A 25 ? 0.0954 0.1364 0.1090 0.0075  0.0160  0.0116  24  GLU A CA   
440 C  C    A GLU A 25 ? 0.0381 0.0768 0.0640 0.0045  0.0223  0.0077  24  GLU A C    
441 O  O    A GLU A 25 ? 0.0353 0.0801 0.0508 0.0036  0.0159  0.0021  24  GLU A O    
442 C  CB   . GLU A 25 ? 0.1290 0.1614 0.1378 0.0197  0.0264  -0.0022 24  GLU A CB   
443 C  CG   . GLU A 25 ? 0.1363 0.1828 0.1640 -0.0036 0.0056  -0.0111 24  GLU A CG   
444 C  CD   A GLU A 25 ? 0.1253 0.2168 0.2034 0.0105  0.0200  0.0239  24  GLU A CD   
445 O  OE1  A GLU A 25 ? 0.1556 0.2186 0.1774 -0.0002 0.0410  0.0176  24  GLU A OE1  
446 O  OE2  A GLU A 25 ? 0.1753 0.2724 0.2073 0.0291  0.0027  0.0524  24  GLU A OE2  
447 H  H    A GLU A 25 ? 0.0784 0.1126 0.0958 0.0066  0.0140  0.0160  24  GLU A H    
448 H  HA   . GLU A 25 ? 0.0849 0.1128 0.0975 0.0074  0.0142  0.0057  24  GLU A HA   
449 H  HB2  . GLU A 25 ? 0.0933 0.1101 0.1040 0.0063  0.0033  -0.0034 24  GLU A HB2  
450 H  HB3  . GLU A 25 ? 0.0925 0.1068 0.0959 0.0012  0.0047  0.0039  24  GLU A HB3  
451 H  HG2  . GLU A 25 ? 0.1185 0.1408 0.1310 0.0013  0.0022  0.0018  24  GLU A HG2  
452 H  HG3  . GLU A 25 ? 0.1141 0.1443 0.1291 0.0067  0.0072  0.0025  24  GLU A HG3  
453 N  N    . ILE A 26 ? 0.0653 0.1194 0.1065 0.0052  0.0177  0.0183  25  ILE A N    
454 C  CA   . ILE A 26 ? 0.0794 0.1125 0.1161 0.0012  0.0190  0.0185  25  ILE A CA   
455 C  C    . ILE A 26 ? 0.0797 0.1059 0.1040 -0.0079 0.0195  0.0139  25  ILE A C    
456 O  O    . ILE A 26 ? 0.0709 0.1311 0.1294 -0.0056 0.0226  0.0197  25  ILE A O    
457 C  CB   . ILE A 26 ? 0.0834 0.1202 0.1124 -0.0032 0.0125  0.0231  25  ILE A CB   
458 C  CG1  . ILE A 26 ? 0.0956 0.1229 0.1284 0.0021  0.0137  0.0306  25  ILE A CG1  
459 C  CG2  . ILE A 26 ? 0.1014 0.1466 0.1335 -0.0055 0.0008  0.0248  25  ILE A CG2  
460 C  CD1  . ILE A 26 ? 0.1237 0.1488 0.1462 0.0050  0.0075  0.0417  25  ILE A CD1  
461 H  H    . ILE A 26 ? 0.0648 0.1018 0.0951 0.0043  0.0164  0.0136  25  ILE A H    
462 H  HA   . ILE A 26 ? 0.0788 0.1125 0.1095 -0.0008 0.0157  0.0165  25  ILE A HA   
463 H  HB   . ILE A 26 ? 0.0906 0.1124 0.1135 -0.0008 0.0077  0.0169  25  ILE A HB   
464 H  HG12 . ILE A 26 ? 0.1061 0.1173 0.1178 0.0034  0.0052  0.0183  25  ILE A HG12 
465 H  HG13 . ILE A 26 ? 0.1089 0.1182 0.1199 0.0034  0.0071  0.0187  25  ILE A HG13 
466 H  HG21 . ILE A 26 ? 0.1131 0.1346 0.1270 -0.0006 -0.0010 0.0116  25  ILE A HG21 
467 H  HG22 . ILE A 26 ? 0.1125 0.1274 0.1282 -0.0028 -0.0012 0.0108  25  ILE A HG22 
468 H  HG23 . ILE A 26 ? 0.1158 0.1300 0.1287 -0.0048 -0.0031 0.0128  25  ILE A HG23 
469 H  HD11 . ILE A 26 ? 0.1291 0.1320 0.1338 0.0027  0.0057  0.0216  25  ILE A HD11 
470 H  HD12 . ILE A 26 ? 0.1301 0.1363 0.1316 -0.0012 0.0017  0.0226  25  ILE A HD12 
471 H  HD13 . ILE A 26 ? 0.1278 0.1381 0.1310 0.0056  0.0028  0.0213  25  ILE A HD13 
472 N  N    . LYS A 27 ? 0.0876 0.1064 0.1163 -0.0084 0.0244  0.0128  26  LYS A N    
473 C  CA   . LYS A 27 ? 0.0946 0.1194 0.1198 -0.0093 0.0180  0.0116  26  LYS A CA   
474 C  C    . LYS A 27 ? 0.0905 0.1181 0.1148 -0.0041 0.0184  0.0198  26  LYS A C    
475 O  O    . LYS A 27 ? 0.0847 0.1388 0.1316 -0.0177 0.0241  0.0205  26  LYS A O    
476 C  CB   . LYS A 27 ? 0.1364 0.1265 0.1294 -0.0044 0.0211  0.0034  26  LYS A CB   
477 C  CG   . LYS A 27 ? 0.1701 0.1423 0.1670 -0.0032 0.0219  0.0037  26  LYS A CG   
478 C  CD   A LYS A 27 ? 0.1616 0.1368 0.1592 0.0065  0.0173  -0.0037 26  LYS A CD   
479 C  CE   A LYS A 27 ? 0.2073 0.1536 0.2194 -0.0050 0.0183  -0.0066 26  LYS A CE   
480 N  NZ   A LYS A 27 ? 0.1815 0.1655 0.1730 -0.0021 0.0015  -0.0077 26  LYS A NZ   
481 N  NZ   B LYS A 27 ? 0.1791 0.1742 0.1716 0.0003  0.0064  0.0070  26  LYS A NZ   
482 H  H    . LYS A 27 ? 0.0824 0.0965 0.0986 -0.0059 0.0135  0.0088  26  LYS A H    
483 H  HA   . LYS A 27 ? 0.0967 0.1063 0.1088 -0.0050 0.0144  0.0083  26  LYS A HA   
484 H  HB2  . LYS A 27 ? 0.0998 0.1021 0.1094 -0.0021 0.0050  0.0019  26  LYS A HB2  
485 H  HB3  . LYS A 27 ? 0.1086 0.1022 0.1083 -0.0033 0.0128  0.0023  26  LYS A HB3  
486 H  HG2  . LYS A 27 ? 0.1244 0.1174 0.1338 0.0012  0.0034  -0.0034 26  LYS A HG2  
487 H  HG3  . LYS A 27 ? 0.1413 0.1202 0.1293 -0.0022 0.0124  -0.0017 26  LYS A HG3  
488 H  HD2  A LYS A 27 ? 0.1634 0.1356 0.1636 0.0035  0.0110  -0.0040 26  LYS A HD2  
489 H  HD3  A LYS A 27 ? 0.1659 0.1360 0.1632 0.0025  0.0132  -0.0043 26  LYS A HD3  
490 H  HE2  A LYS A 27 ? 0.2148 0.1857 0.2209 0.0002  0.0093  -0.0079 26  LYS A HE2  
491 H  HE3  A LYS A 27 ? 0.2192 0.1857 0.2283 -0.0005 0.0163  -0.0059 26  LYS A HE3  
492 H  HZ1  A LYS A 27 ? 0.1587 0.1471 0.1570 -0.0025 0.0050  -0.0025 26  LYS A HZ1  
493 H  HZ1  B LYS A 27 ? 0.1496 0.1498 0.1518 -0.0019 0.0036  -0.0020 26  LYS A HZ1  
494 H  HZ2  A LYS A 27 ? 0.1542 0.1471 0.1603 -0.0006 0.0004  -0.0030 26  LYS A HZ2  
495 H  HZ2  B LYS A 27 ? 0.1492 0.1480 0.1531 -0.0005 -0.0018 0.0020  26  LYS A HZ2  
496 H  HZ3  A LYS A 27 ? 0.1558 0.1504 0.1549 0.0017  0.0020  -0.0015 26  LYS A HZ3  
497 H  HZ3  B LYS A 27 ? 0.1479 0.1560 0.1480 0.0004  0.0010  0.0025  26  LYS A HZ3  
498 N  N    . LYS A 28 ? 0.0824 0.1181 0.1093 -0.0016 0.0242  0.0260  27  LYS A N    
499 C  CA   . LYS A 28 ? 0.0900 0.1423 0.1212 0.0013  0.0255  0.0258  27  LYS A CA   
500 C  C    . LYS A 28 ? 0.0804 0.1522 0.1150 0.0068  0.0259  0.0308  27  LYS A C    
501 O  O    . LYS A 28 ? 0.0913 0.1472 0.1340 0.0031  0.0444  0.0345  27  LYS A O    
502 C  CB   . LYS A 28 ? 0.1070 0.1514 0.1071 0.0020  0.0244  0.0238  27  LYS A CB   
503 C  CG   . LYS A 28 ? 0.1191 0.1731 0.1374 0.0063  0.0266  0.0272  27  LYS A CG   
504 C  CD   . LYS A 28 ? 0.1341 0.2045 0.1647 0.0319  0.0126  0.0161  27  LYS A CD   
505 C  CE   . LYS A 28 ? 0.1432 0.2058 0.1652 0.0201  0.0092  0.0043  27  LYS A CE   
506 N  NZ   . LYS A 28 ? 0.1835 0.2734 0.2228 0.0543  -0.0207 -0.0255 27  LYS A NZ   
507 H  H    . LYS A 28 ? 0.0844 0.1172 0.1090 -0.0010 0.0195  0.0210  27  LYS A H    
508 H  HA   . LYS A 28 ? 0.0921 0.1400 0.1154 0.0019  0.0233  0.0249  27  LYS A HA   
509 H  HB2  . LYS A 28 ? 0.1048 0.1405 0.1196 0.0029  0.0172  0.0195  27  LYS A HB2  
510 H  HB3  . LYS A 28 ? 0.1029 0.1375 0.1146 0.0016  0.0187  0.0201  27  LYS A HB3  
511 H  HG2  . LYS A 28 ? 0.1289 0.1587 0.1363 0.0064  0.0111  0.0147  27  LYS A HG2  
512 H  HG3  . LYS A 28 ? 0.1291 0.1596 0.1352 0.0067  0.0112  0.0143  27  LYS A HG3  
513 H  HD2  . LYS A 28 ? 0.1512 0.1944 0.1605 0.0203  0.0038  0.0066  27  LYS A HD2  
514 H  HD3  . LYS A 28 ? 0.1480 0.1829 0.1611 0.0159  0.0049  0.0093  27  LYS A HD3  
515 H  HE2  . LYS A 28 ? 0.1653 0.2006 0.1759 0.0200  -0.0024 0.0003  27  LYS A HE2  
516 H  HE3  . LYS A 28 ? 0.1648 0.2046 0.1681 0.0216  -0.0008 0.0003  27  LYS A HE3  
517 H  HZ1  . LYS A 28 ? 0.1983 0.2209 0.2157 0.0139  -0.0071 -0.0057 27  LYS A HZ1  
518 H  HZ2  . LYS A 28 ? 0.2075 0.2510 0.2091 0.0290  -0.0093 -0.0133 27  LYS A HZ2  
519 H  HZ3  . LYS A 28 ? 0.1948 0.2168 0.2051 0.0164  -0.0042 -0.0065 27  LYS A HZ3  
520 N  N    . ALA A 29 ? 0.0839 0.1313 0.1225 0.0024  0.0377  0.0212  28  ALA A N    
521 C  CA   . ALA A 29 ? 0.0966 0.1420 0.1286 0.0038  0.0285  0.0131  28  ALA A CA   
522 C  C    . ALA A 29 ? 0.0903 0.1381 0.1360 -0.0027 0.0240  0.0159  28  ALA A C    
523 O  O    . ALA A 29 ? 0.0817 0.1586 0.1637 0.0048  0.0448  0.0202  28  ALA A O    
524 C  CB   . ALA A 29 ? 0.1060 0.1370 0.1444 0.0017  0.0288  -0.0012 28  ALA A CB   
525 H  H    . ALA A 29 ? 0.0898 0.1385 0.1200 0.0026  0.0306  0.0205  28  ALA A H    
526 H  HA   . ALA A 29 ? 0.0989 0.1370 0.1317 0.0015  0.0272  0.0109  28  ALA A HA   
527 H  HB1  . ALA A 29 ? 0.1109 0.1318 0.1351 0.0042  0.0187  0.0057  28  ALA A HB1  
528 H  HB2  . ALA A 29 ? 0.1125 0.1319 0.1300 0.0049  0.0203  0.0058  28  ALA A HB2  
529 H  HB3  . ALA A 29 ? 0.1101 0.1311 0.1291 0.0046  0.0196  0.0054  28  ALA A HB3  
530 N  N    A LYS A 30 ? 0.0926 0.1516 0.1396 -0.0007 0.0246  0.0185  29  LYS A N    
531 N  N    B LYS A 30 ? 0.0828 0.1481 0.1384 -0.0050 0.0218  0.0137  29  LYS A N    
532 C  CA   A LYS A 30 ? 0.1056 0.1656 0.1525 -0.0053 0.0197  0.0151  29  LYS A CA   
533 C  CA   B LYS A 30 ? 0.0970 0.1604 0.1491 -0.0089 0.0172  0.0091  29  LYS A CA   
534 C  C    A LYS A 30 ? 0.0939 0.1714 0.1518 -0.0131 0.0261  0.0180  29  LYS A C    
535 C  C    B LYS A 30 ? 0.0958 0.1682 0.1502 -0.0140 0.0210  0.0116  29  LYS A C    
536 O  O    A LYS A 30 ? 0.0732 0.1883 0.1447 -0.0206 0.0221  0.0117  29  LYS A O    
537 O  O    B LYS A 30 ? 0.0908 0.1784 0.1532 -0.0159 0.0195  -0.0012 29  LYS A O    
538 C  CB   A LYS A 30 ? 0.1200 0.1655 0.1608 -0.0013 0.0154  0.0186  29  LYS A CB   
539 C  CB   B LYS A 30 ? 0.0933 0.1539 0.1466 -0.0119 0.0097  0.0057  29  LYS A CB   
540 C  CG   A LYS A 30 ? 0.1538 0.1819 0.1884 -0.0060 0.0043  0.0060  29  LYS A CG   
541 C  CG   B LYS A 30 ? 0.1077 0.1657 0.1786 -0.0118 0.0072  0.0064  29  LYS A CG   
542 C  CD   A LYS A 30 ? 0.1805 0.1945 0.1817 0.0034  -0.0049 0.0003  29  LYS A CD   
543 C  CD   B LYS A 30 ? 0.1454 0.1865 0.1738 -0.0129 -0.0006 -0.0052 29  LYS A CD   
544 C  CE   A LYS A 30 ? 0.2110 0.2058 0.2282 0.0161  -0.0228 -0.0119 29  LYS A CE   
545 C  CE   B LYS A 30 ? 0.2321 0.1960 0.2200 -0.0161 -0.0058 0.0018  29  LYS A CE   
546 N  NZ   A LYS A 30 ? 0.2327 0.2186 0.2427 -0.0173 -0.0142 -0.0281 29  LYS A NZ   
547 N  NZ   B LYS A 30 ? 0.2526 0.1938 0.2767 -0.0160 -0.0084 -0.0070 29  LYS A NZ   
548 H  H    A LYS A 30 ? 0.1029 0.1515 0.1412 -0.0022 0.0193  0.0132  29  LYS A H    
549 H  H    B LYS A 30 ? 0.0910 0.1474 0.1368 -0.0045 0.0177  0.0118  29  LYS A H    
550 H  HA   A LYS A 30 ? 0.1080 0.1636 0.1513 -0.0044 0.0185  0.0166  29  LYS A HA   
551 H  HA   B LYS A 30 ? 0.0967 0.1581 0.1439 -0.0089 0.0136  0.0088  29  LYS A HA   
552 H  HB2  A LYS A 30 ? 0.1255 0.1606 0.1541 -0.0021 0.0103  0.0127  29  LYS A HB2  
553 H  HB2  B LYS A 30 ? 0.1065 0.1512 0.1437 -0.0061 0.0073  0.0047  29  LYS A HB2  
554 H  HB3  A LYS A 30 ? 0.1252 0.1602 0.1543 -0.0006 0.0097  0.0123  29  LYS A HB3  
555 H  HB3  B LYS A 30 ? 0.1065 0.1512 0.1436 -0.0061 0.0073  0.0047  29  LYS A HB3  
556 H  HG2  A LYS A 30 ? 0.1696 0.1769 0.1785 -0.0007 -0.0001 0.0037  29  LYS A HG2  
557 H  HG2  B LYS A 30 ? 0.1277 0.1561 0.1608 -0.0066 0.0033  0.0005  29  LYS A HG2  
558 H  HG3  A LYS A 30 ? 0.1710 0.1789 0.1790 -0.0029 0.0005  0.0037  29  LYS A HG3  
559 H  HG3  B LYS A 30 ? 0.1286 0.1579 0.1614 -0.0065 0.0029  -0.0002 29  LYS A HG3  
560 H  HD2  A LYS A 30 ? 0.1933 0.1917 0.1922 0.0062  -0.0098 -0.0028 29  LYS A HD2  
561 H  HD2  B LYS A 30 ? 0.1609 0.1810 0.1767 -0.0078 -0.0047 -0.0034 29  LYS A HD2  
562 H  HD3  A LYS A 30 ? 0.1927 0.1912 0.1916 0.0040  -0.0090 -0.0024 29  LYS A HD3  
563 H  HD3  B LYS A 30 ? 0.1659 0.1815 0.1796 -0.0078 -0.0015 -0.0032 29  LYS A HD3  
564 H  HE2  A LYS A 30 ? 0.2179 0.2108 0.2173 0.0138  -0.0180 -0.0123 29  LYS A HE2  
565 H  HE2  B LYS A 30 ? 0.2315 0.1989 0.2207 -0.0080 -0.0087 -0.0016 29  LYS A HE2  
566 H  HE3  A LYS A 30 ? 0.2093 0.1948 0.2144 0.0095  -0.0158 -0.0088 29  LYS A HE3  
567 H  HE3  B LYS A 30 ? 0.2227 0.1977 0.2156 -0.0084 -0.0069 -0.0005 29  LYS A HE3  
568 H  HZ1  A LYS A 30 ? 0.2398 0.2344 0.2406 -0.0078 -0.0055 -0.0085 29  LYS A HZ1  
569 H  HZ1  B LYS A 30 ? 0.2477 0.2267 0.2698 -0.0055 -0.0029 -0.0057 29  LYS A HZ1  
570 H  HZ2  A LYS A 30 ? 0.2350 0.2296 0.2401 -0.0032 -0.0066 -0.0078 29  LYS A HZ2  
571 H  HZ2  B LYS A 30 ? 0.2575 0.2246 0.2549 -0.0043 -0.0076 -0.0005 29  LYS A HZ2  
572 H  HZ3  A LYS A 30 ? 0.2299 0.2273 0.2349 -0.0059 -0.0111 -0.0101 29  LYS A HZ3  
573 H  HZ3  B LYS A 30 ? 0.2450 0.2159 0.2524 -0.0022 -0.0038 0.0001  29  LYS A HZ3  
574 N  N    . GLN A 31 ? 0.0927 0.1642 0.1562 -0.0198 0.0292  0.0184  30  GLN A N    
575 C  CA   . GLN A 31 ? 0.1178 0.1596 0.1793 -0.0142 0.0347  0.0132  30  GLN A CA   
576 C  C    . GLN A 31 ? 0.1020 0.1610 0.1619 -0.0073 0.0380  0.0218  30  GLN A C    
577 O  O    . GLN A 31 ? 0.1200 0.1680 0.1994 -0.0314 0.0608  0.0212  30  GLN A O    
578 C  CB   . GLN A 31 ? 0.1392 0.1594 0.2047 -0.0166 0.0372  0.0131  30  GLN A CB   
579 C  CG   . GLN A 31 ? 0.1791 0.1694 0.2385 -0.0149 0.0372  -0.0115 30  GLN A CG   
580 C  CD   . GLN A 31 ? 0.2258 0.1985 0.2762 0.0189  0.0424  -0.0143 30  GLN A CD   
581 O  OE1  . GLN A 31 ? 0.2753 0.2599 0.2721 0.0975  0.0140  -0.0009 30  GLN A OE1  
582 N  NE2  . GLN A 31 ? 0.2915 0.2468 0.3702 0.0186  0.0301  -0.0571 30  GLN A NE2  
583 H  H    . GLN A 31 ? 0.0995 0.1644 0.1562 -0.0162 0.0253  0.0139  30  GLN A H    
584 H  HA   . GLN A 31 ? 0.1179 0.1585 0.1752 -0.0138 0.0319  0.0140  30  GLN A HA   
585 H  HB2  . GLN A 31 ? 0.1418 0.1551 0.1857 -0.0119 0.0267  0.0066  30  GLN A HB2  
586 H  HB3  . GLN A 31 ? 0.1392 0.1543 0.1852 -0.0134 0.0253  0.0054  30  GLN A HB3  
587 H  HG2  . GLN A 31 ? 0.1878 0.1793 0.2246 -0.0069 0.0202  -0.0064 30  GLN A HG2  
588 H  HG3  . GLN A 31 ? 0.1916 0.1812 0.2256 -0.0045 0.0217  -0.0050 30  GLN A HG3  
589 H  HE21 . GLN A 31 ? 0.3060 0.2838 0.3247 0.0080  0.0138  -0.0121 30  GLN A HE21 
590 H  HE22 . GLN A 31 ? 0.2910 0.2784 0.3200 0.0105  0.0083  -0.0134 30  GLN A HE22 
591 N  N    A GLU A 32 ? 0.0973 0.1604 0.1574 -0.0068 0.0331  0.0293  31  GLU A N    
592 N  N    B GLU A 32 ? 0.1035 0.1561 0.1608 -0.0063 0.0338  0.0256  31  GLU A N    
593 C  CA   A GLU A 32 ? 0.1069 0.1668 0.1543 -0.0025 0.0244  0.0232  31  GLU A CA   
594 C  CA   B GLU A 32 ? 0.1137 0.1663 0.1608 -0.0023 0.0256  0.0188  31  GLU A CA   
595 C  C    A GLU A 32 ? 0.0924 0.1739 0.1378 -0.0044 0.0252  0.0219  31  GLU A C    
596 C  C    B GLU A 32 ? 0.0915 0.1607 0.1400 -0.0043 0.0285  0.0178  31  GLU A C    
597 O  O    A GLU A 32 ? 0.0947 0.1890 0.1498 -0.0225 0.0263  0.0161  31  GLU A O    
598 O  O    B GLU A 32 ? 0.0819 0.1510 0.1208 -0.0085 0.0262  0.0067  31  GLU A O    
599 C  CB   A GLU A 32 ? 0.1233 0.1812 0.1741 0.0001  0.0141  0.0234  31  GLU A CB   
600 C  CB   B GLU A 32 ? 0.1179 0.1724 0.1722 -0.0029 0.0223  0.0215  31  GLU A CB   
601 C  CG   A GLU A 32 ? 0.1466 0.2065 0.1976 -0.0041 0.0194  0.0081  31  GLU A CG   
602 C  CG   B GLU A 32 ? 0.1540 0.1742 0.1843 -0.0048 0.0233  0.0123  31  GLU A CG   
603 C  CD   A GLU A 32 ? 0.2331 0.2765 0.2631 0.0036  0.0000  0.0168  31  GLU A CD   
604 C  CD   B GLU A 32 ? 0.1875 0.2273 0.2117 -0.0083 0.0103  0.0004  31  GLU A CD   
605 O  OE1  A GLU A 32 ? 0.3314 0.2753 0.3066 0.0321  -0.0515 0.0063  31  GLU A OE1  
606 O  OE1  B GLU A 32 ? 0.2584 0.2654 0.3743 -0.0394 0.0331  -0.0041 31  GLU A OE1  
607 O  OE2  A GLU A 32 ? 0.3354 0.3666 0.2577 0.0144  0.0502  -0.0171 31  GLU A OE2  
608 O  OE2  B GLU A 32 ? 0.2593 0.3165 0.2438 -0.0041 0.0186  -0.0242 31  GLU A OE2  
609 H  H    A GLU A 32 ? 0.1095 0.1573 0.1548 -0.0070 0.0258  0.0213  31  GLU A H    
610 H  H    B GLU A 32 ? 0.1070 0.1552 0.1579 -0.0043 0.0290  0.0230  31  GLU A H    
611 H  HA   A GLU A 32 ? 0.1103 0.1681 0.1533 -0.0034 0.0208  0.0233  31  GLU A HA   
612 H  HA   B GLU A 32 ? 0.1082 0.1619 0.1576 -0.0034 0.0250  0.0191  31  GLU A HA   
613 H  HB2  A GLU A 32 ? 0.1233 0.1644 0.1573 -0.0020 0.0134  0.0179  31  GLU A HB2  
614 H  HB2  B GLU A 32 ? 0.1244 0.1569 0.1577 -0.0008 0.0159  0.0141  31  GLU A HB2  
615 H  HB3  A GLU A 32 ? 0.1239 0.1662 0.1589 -0.0020 0.0133  0.0164  31  GLU A HB3  
616 H  HB3  B GLU A 32 ? 0.1259 0.1605 0.1593 -0.0013 0.0160  0.0119  31  GLU A HB3  
617 H  HG2  A GLU A 32 ? 0.1699 0.2011 0.2039 -0.0034 0.0058  0.0080  31  GLU A HG2  
618 H  HG2  B GLU A 32 ? 0.1682 0.1775 0.1820 -0.0023 0.0088  0.0055  31  GLU A HG2  
619 H  HG3  A GLU A 32 ? 0.1670 0.2014 0.2042 0.0002  0.0058  0.0092  31  GLU A HG3  
620 H  HG3  B GLU A 32 ? 0.1666 0.1732 0.1806 -0.0030 0.0093  0.0071  31  GLU A HG3  
621 N  N    . ILE A 33 ? 0.0980 0.1750 0.1360 0.0080  0.0269  0.0180  32  ILE A N    
622 C  CA   . ILE A 33 ? 0.1154 0.1773 0.1470 0.0115  0.0263  0.0119  32  ILE A CA   
623 C  C    . ILE A 33 ? 0.1073 0.1858 0.1571 0.0006  0.0327  0.0267  32  ILE A C    
624 O  O    . ILE A 33 ? 0.1000 0.2460 0.1993 0.0066  0.0372  0.0555  32  ILE A O    
625 C  CB   . ILE A 33 ? 0.1221 0.1566 0.1303 0.0217  0.0246  -0.0001 32  ILE A CB   
626 C  CG1  . ILE A 33 ? 0.1485 0.1749 0.1317 0.0333  0.0133  -0.0112 32  ILE A CG1  
627 C  CG2  . ILE A 33 ? 0.1301 0.1747 0.1257 0.0232  0.0318  0.0109  32  ILE A CG2  
628 C  CD1  . ILE A 33 ? 0.1574 0.1612 0.1963 0.0170  0.0082  -0.0095 32  ILE A CD1  
629 H  H    . ILE A 33 ? 0.1012 0.1677 0.1375 0.0028  0.0240  0.0159  32  ILE A H    
630 H  HA   . ILE A 33 ? 0.1151 0.1705 0.1430 0.0105  0.0245  0.0129  32  ILE A HA   
631 H  HB   . ILE A 33 ? 0.1267 0.1600 0.1317 0.0167  0.0203  0.0031  32  ILE A HB   
632 H  HG12 . ILE A 33 ? 0.1422 0.1484 0.1398 0.0205  0.0084  -0.0089 32  ILE A HG12 
633 H  HG13 . ILE A 33 ? 0.1460 0.1516 0.1438 0.0180  0.0058  -0.0069 32  ILE A HG13 
634 H  HG21 . ILE A 33 ? 0.1391 0.1555 0.1379 0.0164  0.0198  0.0090  32  ILE A HG21 
635 H  HG22 . ILE A 33 ? 0.1359 0.1577 0.1312 0.0145  0.0144  0.0007  32  ILE A HG22 
636 H  HG23 . ILE A 33 ? 0.1306 0.1489 0.1231 0.0133  0.0191  0.0031  32  ILE A HG23 
637 H  HD11 . ILE A 33 ? 0.1636 0.1586 0.1726 0.0132  0.0031  -0.0077 32  ILE A HD11 
638 H  HD12 . ILE A 33 ? 0.1626 0.1581 0.1729 0.0139  0.0014  -0.0064 32  ILE A HD12 
639 H  HD13 . ILE A 33 ? 0.1642 0.1595 0.1740 0.0160  0.0039  -0.0055 32  ILE A HD13 
640 N  N    . ALA A 34 ? 0.1165 0.1935 0.1940 -0.0141 0.0095  0.0067  33  ALA A N    
641 C  CA   . ALA A 34 ? 0.1527 0.2037 0.2118 -0.0145 -0.0023 0.0048  33  ALA A CA   
642 C  C    . ALA A 34 ? 0.1602 0.2173 0.2307 -0.0212 0.0064  0.0026  33  ALA A C    
643 O  O    . ALA A 34 ? 0.1845 0.2386 0.2547 -0.0136 0.0035  0.0072  33  ALA A O    
644 C  CB   . ALA A 34 ? 0.1948 0.2122 0.2222 -0.0249 -0.0221 0.0076  33  ALA A CB   
645 H  H    . ALA A 34 ? 0.1293 0.1893 0.1889 -0.0076 0.0104  0.0098  33  ALA A H    
646 H  HA   . ALA A 34 ? 0.1600 0.2054 0.2174 -0.0169 -0.0053 0.0053  33  ALA A HA   
647 H  HB1  . ALA A 34 ? 0.1953 0.2022 0.2156 -0.0138 -0.0164 0.0037  33  ALA A HB1  
648 H  HB2  . ALA A 34 ? 0.1845 0.2096 0.2145 -0.0149 -0.0135 0.0031  33  ALA A HB2  
649 H  HB3  . ALA A 34 ? 0.1837 0.2011 0.2141 -0.0128 -0.0135 0.0036  33  ALA A HB3  
650 N  N    . NH2 A 35 ? 0.2074 0.2434 0.3774 -0.0191 -0.0615 -0.0327 34  NH2 A N    
651 YB YB   . YB2 B .  ? 0.1529 0.1390 0.1451 0.0103  0.0344  0.0368  201 YB2 A YB   
652 O  O    . HOH C .  ? 0.1569 0.1757 0.1529 -0.0194 0.0197  -0.0077 202 HOH A O    
653 O  O    . HOH C .  ? 0.1269 0.1432 0.2589 0.0015  0.0506  0.0035  203 HOH A O    
654 O  O    . HOH C .  ? 0.2128 0.2104 0.1538 -0.0645 0.0268  -0.0130 204 HOH A O    
655 O  O    . HOH C .  ? 0.1374 0.2274 0.1452 -0.0394 0.0148  -0.0051 205 HOH A O    
656 O  O    . HOH C .  ? 0.1849 0.2071 0.2022 -0.0017 0.0161  0.0573  206 HOH A O    
657 O  O    . HOH C .  ? 0.1539 0.2825 0.2044 0.0041  0.0029  0.0755  207 HOH A O    
658 O  O    . HOH C .  ? 0.1580 0.2597 0.1790 -0.0264 -0.0097 0.0096  208 HOH A O    
659 O  O    . HOH C .  ? 0.1687 0.2251 0.2531 0.0095  0.0218  0.0897  209 HOH A O    
660 O  O    . HOH C .  ? 0.1518 0.1906 0.2790 -0.0191 0.0495  -0.0593 210 HOH A O    
661 O  O    . HOH C .  ? 0.2259 0.2547 0.2216 -0.0215 0.0226  0.0365  211 HOH A O    
662 O  O    . HOH C .  ? 0.1585 0.2424 0.2109 -0.0404 -0.0087 0.0412  212 HOH A O    
663 O  O    . HOH C .  ? 0.2106 0.2813 0.2332 0.0521  0.0965  0.0235  213 HOH A O    
664 O  O    . HOH C .  ? 0.1780 0.2040 0.1976 -0.0120 -0.0226 0.0393  214 HOH A O    
665 O  O    . HOH C .  ? 0.1490 0.1854 0.2119 -0.0169 0.0316  -0.0092 215 HOH A O    
666 O  O    . HOH C .  ? 0.1531 0.3117 0.2152 -0.0076 0.0115  0.0541  216 HOH A O    
667 O  O    . HOH C .  ? 0.2099 0.3722 0.2442 -0.0177 -0.0056 0.0054  217 HOH A O    
668 O  O    . HOH C .  ? 0.1821 0.2901 0.2157 -0.0133 0.0070  0.0382  218 HOH A O    
669 O  O    . HOH C .  ? 0.1828 0.2646 0.2490 -0.0341 -0.0162 0.0495  219 HOH A O    
670 O  O    . HOH C .  ? 0.2527 0.2201 0.2279 -0.0161 0.0332  0.0123  220 HOH A O    
671 O  O    . HOH C .  ? 0.2484 0.2800 0.2899 0.0634  0.0419  0.0470  221 HOH A O    
672 O  O    . HOH C .  ? 0.2859 0.2031 0.3503 -0.0330 0.0669  0.0425  222 HOH A O    
673 O  O    . HOH C .  ? 0.2295 0.2302 0.3967 -0.0011 0.0142  -0.0279 223 HOH A O    
674 O  O    . HOH C .  ? 0.2298 0.3384 0.3558 0.0912  0.1009  0.1544  224 HOH A O    
675 O  O    . HOH C .  ? 0.2220 0.2265 0.3113 -0.0168 0.0117  0.0466  225 HOH A O    
676 O  O    . HOH C .  ? 0.2739 0.2680 0.4215 0.0002  0.1433  0.0305  226 HOH A O    
677 O  O    . HOH C .  ? 0.2517 0.3387 0.3977 0.0351  -0.0046 0.1204  227 HOH A O    
678 O  O    . HOH C .  ? 0.2763 0.2895 0.4113 0.0224  0.0474  0.0152  228 HOH A O    
679 O  O    . HOH C .  ? 0.2983 0.2116 0.4884 0.0172  0.0461  0.0102  229 HOH A O    
680 O  O    . HOH C .  ? 0.3320 0.1963 0.4377 0.0004  0.1007  0.0091  230 HOH A O    
681 O  O    . HOH C .  ? 0.3765 0.4428 0.3656 0.0189  -0.0046 0.0596  231 HOH A O    
682 O  O    . HOH C .  ? 0.3456 0.2517 0.4466 -0.0659 -0.1546 0.0313  232 HOH A O    
683 O  O    . HOH C .  ? 0.3071 0.4208 0.3620 -0.0470 0.0159  0.0543  233 HOH A O    
684 O  O    . HOH C .  ? 0.2820 0.2941 0.3042 -0.0406 0.0198  0.0804  234 HOH A O    
685 O  O    . HOH C .  ? 0.3550 0.3632 0.3569 -0.0714 0.0387  -0.0187 235 HOH A O    
686 O  O    . HOH C .  ? 0.4814 0.3950 0.4795 0.0217  -0.0259 0.0387  236 HOH A O    
687 O  O    . HOH C .  ? 0.3351 0.6057 0.3554 0.1387  0.0298  0.0529  237 HOH A O    
688 O  O    . HOH C .  ? 0.4688 0.2792 0.5114 0.0914  -0.0038 0.0543  238 HOH A O    
689 O  O    . HOH C .  ? 0.4736 0.4629 0.3591 -0.0586 -0.0329 0.0660  239 HOH A O    
690 O  O    . HOH C .  ? 0.3171 0.3746 0.6149 0.0258  -0.0654 -0.0872 240 HOH A O    
691 O  O    . HOH C .  ? 0.3812 0.4859 0.4240 0.0655  -0.1041 0.0309  241 HOH A O    
692 O  O    . HOH C .  ? 0.2630 0.3529 0.3966 -0.0233 0.0300  -0.0663 242 HOH A O    
693 O  O    . HOH C .  ? 0.4272 0.2958 0.3595 0.0450  -0.0314 0.0048  243 HOH A O    
694 O  O    . HOH C .  ? 0.4225 0.6056 0.3390 -0.0086 0.0312  -0.0416 244 HOH A O    
695 O  O    . HOH C .  ? 0.4321 0.2764 0.5362 -0.0377 -0.1034 -0.0079 245 HOH A O    
696 O  O    . HOH C .  ? 0.3838 0.4210 0.3378 -0.0274 0.0209  -0.0997 246 HOH A O    
697 O  O    . HOH C .  ? 0.6114 0.4824 0.5420 0.0390  0.0134  -0.0074 247 HOH A O    
698 O  O    . HOH C .  ? 0.5650 0.6097 0.5929 0.0932  0.0149  -0.0049 248 HOH A O    
699 O  O    . HOH C .  ? 0.5968 0.5691 0.5598 -0.0234 -0.0139 -0.0076 249 HOH A O    
700 O  O    . HOH C .  ? 0.5096 0.4168 0.4677 0.0153  -0.0029 -0.0166 250 HOH A O    
701 O  O    . HOH C .  ? 0.5072 0.6147 0.3771 -0.0783 0.0600  -0.0592 251 HOH A O    
702 O  O    . HOH C .  ? 0.3498 0.2575 0.4211 -0.0369 -0.0107 -0.0353 252 HOH A O    
703 O  O    . HOH C .  ? 0.4721 0.3084 0.4042 -0.0046 0.0072  -0.0726 253 HOH A O    
704 O  O    . HOH C .  ? 0.3777 0.2775 0.2064 0.0513  0.0180  -0.0258 254 HOH A O    
705 O  O    . HOH C .  ? 0.4694 0.6081 0.6522 0.0442  -0.0211 0.0197  255 HOH A O    
706 O  O    . HOH C .  ? 0.6568 0.4979 0.4480 -0.0023 -0.1696 -0.0805 256 HOH A O    
707 O  O    . HOH C .  ? 0.5619 0.6731 0.6364 -0.0175 0.0653  -0.0477 257 HOH A O    
708 O  O    . HOH C .  ? 0.2198 0.4691 0.3850 -0.0004 -0.0428 0.0424  258 HOH A O    
709 O  O    . HOH C .  ? 0.5178 0.4865 0.5063 0.0203  -0.1052 0.0005  259 HOH A O    
710 O  O    . HOH C .  ? 0.5650 0.4710 0.6139 -0.0508 -0.0446 -0.0218 260 HOH A O    
711 O  O    . HOH C .  ? 0.3905 0.4488 0.4968 -0.0885 0.0637  0.1277  261 HOH A O    
712 O  O    . HOH C .  ? 0.5455 0.4488 0.5157 -0.0333 -0.0009 0.0057  262 HOH A O    
713 O  O    . HOH C .  ? 0.5087 0.5789 0.4911 -0.0462 -0.0701 0.0498  263 HOH A O    
714 O  O    . HOH C .  ? 0.4100 0.3528 0.4232 0.0373  0.0172  -0.0037 264 HOH A O    
715 O  O    . HOH C .  ? 0.3927 0.4417 0.4793 0.0378  -0.0208 0.0011  265 HOH A O    
716 O  O    . HOH C .  ? 0.6408 0.5457 0.5007 -0.0687 0.0603  -0.0401 266 HOH A O    
717 O  O    . HOH C .  ? 0.5138 0.3658 0.4419 0.0180  -0.0619 -0.0390 267 HOH A O    
718 O  O    . HOH C .  ? 0.6340 0.4888 0.4667 0.0137  0.0317  -0.0009 268 HOH A O    
719 O  O    . HOH C .  ? 0.5044 0.5458 0.5537 0.0099  0.0222  0.0173  269 HOH A O    
720 O  O    . HOH C .  ? 0.4900 0.6869 0.4477 -0.0427 0.0418  -0.0281 270 HOH A O    
721 O  O    . HOH C .  ? 0.7664 0.8552 0.8059 -0.0247 0.0021  0.0057  271 HOH A O    
722 O  O    . HOH C .  ? 0.3754 0.4615 0.4201 0.0684  -0.0256 0.0456  272 HOH A O    
723 O  O    . HOH C .  ? 0.4752 0.5442 0.4845 -0.0051 0.0716  0.0170  273 HOH A O    
724 O  O    . HOH C .  ? 0.6383 0.3699 0.4919 -0.0766 -0.0153 0.0733  274 HOH A O    
725 O  O    . HOH C .  ? 0.6819 0.6662 0.5779 0.0099  -0.0314 -0.0485 275 HOH A O    
726 O  O    . HOH C .  ? 0.5623 0.4717 0.3686 0.0129  0.0295  0.0067  276 HOH A O    
727 O  O    . HOH C .  ? 0.6679 0.5764 0.6290 0.0225  -0.0082 -0.0024 277 HOH A O    
728 O  O    . HOH C .  ? 0.6428 0.5252 0.5024 -0.0656 0.0312  -0.0343 278 HOH A O    
729 O  O    . HOH C .  ? 0.7016 0.6465 0.6509 0.0324  -0.0072 -0.0250 279 HOH A O    
730 O  O    . HOH C .  ? 0.7460 0.7604 0.7298 0.0357  -0.0071 -0.0125 280 HOH A O    
731 O  O    . HOH C .  ? 0.7370 0.7185 0.7216 0.0030  -0.0083 -0.0013 281 HOH A O    
732 O  O    . HOH C .  ? 0.3225 0.2785 0.3299 -0.0256 0.0185  0.0193  282 HOH A O    
733 O  O    . HOH C .  ? 0.7050 0.6452 0.6909 -0.0007 0.0428  -0.0073 283 HOH A O    
734 O  O    . HOH C .  ? 0.6569 0.7515 0.7357 -0.0142 0.0103  -0.0280 284 HOH A O    
735 O  O    . HOH C .  ? 0.4928 0.5772 0.5982 0.0109  -0.0752 0.0511  285 HOH A O    
736 O  O    . HOH C .  ? 0.7358 0.7433 0.6941 -0.0227 -0.0670 0.0007  286 HOH A O    
737 O  O    . HOH C .  ? 0.6408 0.6633 0.6043 0.0276  0.0068  -0.0049 287 HOH A O    
738 O  O    . HOH C .  ? 0.5115 0.5779 0.5490 0.0260  -0.1083 0.0708  288 HOH A O    
739 O  O    . HOH C .  ? 0.5272 0.4422 0.4930 -0.0122 0.0136  -0.0571 289 HOH A O    
740 O  O    . HOH C .  ? 0.5082 0.3131 0.4803 -0.0487 -0.1165 -0.0615 290 HOH A O    
741 O  O    . HOH C .  ? 0.5406 0.5759 0.4411 -0.0477 -0.0379 -0.0214 291 HOH A O    
742 O  O    . HOH C .  ? 0.7156 0.6366 0.6616 -0.0136 0.0213  -0.0492 292 HOH A O    
743 O  O    . HOH C .  ? 0.7341 0.6796 0.6779 -0.0198 0.0062  -0.0280 293 HOH A O    
744 O  O    . HOH C .  ? 0.7482 0.7688 0.6744 0.0191  -0.0288 -0.0424 294 HOH A O    
745 O  O    . HOH C .  ? 0.7210 0.6944 0.7045 -0.0193 0.0289  -0.0522 295 HOH A O    
746 O  O    . HOH C .  ? 0.6697 0.7051 0.5436 -0.0236 -0.0446 -0.0227 296 HOH A O    
747 O  O    . HOH C .  ? 0.8525 0.8327 0.8210 -0.0045 -0.0365 -0.0150 297 HOH A O    
748 O  O    . HOH C .  ? 0.7821 0.7426 0.8002 -0.0177 0.0247  -0.0059 298 HOH A O    
749 O  O    . HOH C .  ? 0.5284 0.6083 0.5799 -0.0757 0.0285  0.0009  299 HOH A O    
750 O  O    . HOH C .  ? 0.6940 0.6556 0.6954 -0.0255 -0.0343 0.0000  300 HOH A O    
751 O  O    . HOH C .  ? 0.2446 0.3108 0.1982 -0.0814 -0.0226 0.0512  301 HOH A O    
752 O  O    . HOH C .  ? 1.0393 1.0475 1.0461 -0.0013 0.0037  0.0006  302 HOH A O    
753 O  O    . HOH C .  ? 0.3424 0.4359 0.4305 0.0581  0.0256  0.0236  303 HOH A O    
754 O  O    . HOH C .  ? 0.3116 0.2542 0.2422 -0.0164 -0.0280 -0.0476 304 HOH A O    
755 O  O    . HOH C .  ? 0.6289 0.5533 0.6289 0.0242  0.0825  -0.0558 305 HOH A O    
756 O  O    . HOH C .  ? 0.6394 0.6545 0.5747 -0.0569 -0.0862 -0.0172 306 HOH A O    
757 O  O    . HOH C .  ? 0.6020 0.6450 0.6346 0.0196  0.0183  -0.0186 307 HOH A O    
758 O  O    . HOH C .  ? 0.6888 0.6922 0.7632 0.0011  -0.0085 0.0128  308 HOH A O    
759 O  O    . HOH C .  ? 0.7674 0.7892 0.7855 -0.0035 0.0098  0.0015  309 HOH A O    
760 O  O    . HOH C .  ? 0.7609 0.7785 0.7738 -0.0047 0.0037  -0.0012 310 HOH A O    
761 O  O    . HOH C .  ? 0.3806 0.3040 0.3664 0.0100  -0.0260 0.0231  311 HOH A O    
762 O  O    . HOH C .  ? 0.5569 0.2900 0.4310 0.0329  0.0239  0.0280  312 HOH A O    
763 O  O    . HOH C .  ? 0.5365 0.5742 0.3334 0.0646  -0.0846 0.0520  313 HOH A O    
764 O  O    . HOH C .  ? 0.8556 0.8260 0.8272 -0.0186 0.0135  -0.0140 314 HOH A O    
765 O  O    . HOH C .  ? 0.3332 0.3114 0.4756 0.0501  -0.0389 0.0399  315 HOH A O    
766 O  O    . HOH C .  ? 0.5750 0.6275 0.4761 0.0091  -0.0115 0.0534  316 HOH A O    
767 O  O    . HOH C .  ? 0.6597 0.6417 0.5673 -0.0184 -0.0109 -0.0181 317 HOH A O    
768 O  O    . HOH C .  ? 0.7912 0.8336 0.8138 -0.0201 -0.0070 0.0197  318 HOH A O    
769 O  O    . HOH C .  ? 0.7642 0.7586 0.7640 -0.0002 0.0102  -0.0411 319 HOH A O    
770 O  O    . HOH C .  ? 0.7500 0.6720 0.7412 0.0131  -0.0019 -0.0095 320 HOH A O    
# 
